data_5DED
#
_entry.id   5DED
#
_cell.length_a   197.869
_cell.length_b   113.492
_cell.length_c   139.848
_cell.angle_alpha   90.00
_cell.angle_beta   127.17
_cell.angle_gamma   90.00
#
_symmetry.space_group_name_H-M   'C 1 2 1'
#
loop_
_entity.id
_entity.type
_entity.pdbx_description
1 polymer 'GTP pyrophosphokinase YjbM'
2 non-polymer "guanosine 5'-(tetrahydrogen triphosphate) 3'-(trihydrogen diphosphate)"
3 non-polymer 'MAGNESIUM ION'
#
_entity_poly.entity_id   1
_entity_poly.type   'polypeptide(L)'
_entity_poly.pdbx_seq_one_letter_code
;MGHHHHHHDDKQWERFLVPYRQAVEELKVKLKGIRTLYEYEDDHSPIEFVTGRVKPVASILEKARRKSIPLHEIETMQDI
AGLRIMCQFVDDIQIVKEMLFARKDFTVVDQRDYIAEHKESGYRSYHLVVLYPLQTVSGEKHVLVEIQIRTLAMNFWATI
EHSLNYKYSGNIPEKVKLRLQRASEAASRLDEEMSEIRGEVQEAQAAFSRKKKGSEQQ
;
_entity_poly.pdbx_strand_id   D,A,B,C,E,F,G,H
#
# COMPACT_ATOMS: atom_id res chain seq x y z
N ASP A 10 -7.54 -5.24 -11.09
CA ASP A 10 -7.70 -4.27 -10.01
C ASP A 10 -8.76 -4.71 -9.00
N LYS A 11 -8.96 -6.02 -8.86
CA LYS A 11 -9.87 -6.52 -7.84
C LYS A 11 -9.29 -6.27 -6.44
N GLN A 12 -7.98 -6.05 -6.40
CA GLN A 12 -7.24 -5.93 -5.16
C GLN A 12 -7.82 -4.81 -4.30
N TRP A 13 -7.94 -3.63 -4.89
CA TRP A 13 -8.41 -2.46 -4.16
C TRP A 13 -9.92 -2.52 -3.91
N GLU A 14 -10.67 -2.98 -4.91
CA GLU A 14 -12.11 -3.05 -4.76
C GLU A 14 -12.52 -3.97 -3.60
N ARG A 15 -11.75 -5.02 -3.35
CA ARG A 15 -11.98 -5.88 -2.20
C ARG A 15 -11.66 -5.11 -0.91
N PHE A 16 -10.72 -4.17 -1.04
CA PHE A 16 -10.24 -3.40 0.10
C PHE A 16 -11.26 -2.37 0.53
N LEU A 17 -12.00 -1.86 -0.46
CA LEU A 17 -12.97 -0.80 -0.25
C LEU A 17 -14.34 -1.28 0.22
N VAL A 18 -14.52 -2.60 0.27
CA VAL A 18 -15.78 -3.17 0.71
C VAL A 18 -16.26 -2.61 2.06
N PRO A 19 -15.40 -2.64 3.10
CA PRO A 19 -15.89 -2.07 4.36
C PRO A 19 -16.13 -0.56 4.29
N TYR A 20 -15.46 0.14 3.40
CA TYR A 20 -15.71 1.56 3.26
C TYR A 20 -17.07 1.82 2.64
N ARG A 21 -17.46 0.99 1.69
CA ARG A 21 -18.76 1.15 1.04
C ARG A 21 -19.84 0.94 2.07
N GLN A 22 -19.71 -0.16 2.81
CA GLN A 22 -20.66 -0.53 3.84
C GLN A 22 -20.81 0.57 4.90
N ALA A 23 -19.67 1.03 5.41
CA ALA A 23 -19.67 2.07 6.42
C ALA A 23 -20.48 3.27 5.95
N VAL A 24 -20.21 3.71 4.72
CA VAL A 24 -20.97 4.82 4.13
C VAL A 24 -22.48 4.55 4.03
N GLU A 25 -22.87 3.37 3.53
CA GLU A 25 -24.28 3.04 3.40
C GLU A 25 -25.02 3.07 4.74
N GLU A 26 -24.38 2.56 5.79
CA GLU A 26 -25.02 2.53 7.09
C GLU A 26 -25.16 3.93 7.64
N LEU A 27 -24.11 4.72 7.49
CA LEU A 27 -24.15 6.12 7.90
C LEU A 27 -25.14 6.94 7.09
N LYS A 28 -25.35 6.59 5.83
CA LYS A 28 -26.38 7.27 5.05
C LYS A 28 -27.74 7.08 5.70
N VAL A 29 -28.09 5.83 6.00
CA VAL A 29 -29.38 5.51 6.61
C VAL A 29 -29.52 6.17 7.97
N LYS A 30 -28.46 6.10 8.78
CA LYS A 30 -28.44 6.72 10.09
C LYS A 30 -28.67 8.23 10.05
N LEU A 31 -27.94 8.93 9.17
CA LEU A 31 -28.02 10.39 9.14
C LEU A 31 -29.22 10.91 8.35
N LYS A 32 -29.59 10.21 7.28
CA LYS A 32 -30.77 10.61 6.51
C LYS A 32 -32.03 10.50 7.35
N GLY A 33 -31.92 9.79 8.47
CA GLY A 33 -33.07 9.57 9.31
C GLY A 33 -33.17 10.58 10.43
N ILE A 34 -32.05 11.22 10.76
CA ILE A 34 -32.08 12.36 11.66
C ILE A 34 -33.13 13.35 11.20
N ARG A 35 -33.02 13.82 9.97
CA ARG A 35 -34.05 14.70 9.42
C ARG A 35 -35.47 14.17 9.66
N THR A 36 -35.70 12.90 9.33
CA THR A 36 -36.99 12.23 9.51
C THR A 36 -37.60 12.38 10.91
N LEU A 37 -36.79 12.69 11.91
CA LEU A 37 -37.32 12.82 13.27
C LEU A 37 -38.17 14.09 13.45
N TYR A 38 -37.82 15.14 12.71
CA TYR A 38 -38.55 16.42 12.78
C TYR A 38 -39.77 16.43 11.88
N GLU A 39 -39.93 15.33 11.13
CA GLU A 39 -40.96 15.23 10.09
C GLU A 39 -42.38 15.06 10.64
N TYR A 40 -42.47 14.69 11.92
CA TYR A 40 -43.78 14.52 12.55
C TYR A 40 -44.02 15.46 13.73
N GLU A 41 -43.05 16.34 13.97
CA GLU A 41 -43.27 17.49 14.84
C GLU A 41 -43.18 18.76 14.00
N ASP A 42 -43.08 18.56 12.69
CA ASP A 42 -42.91 19.64 11.69
C ASP A 42 -41.65 20.48 11.94
N ASP A 43 -41.81 21.60 12.65
CA ASP A 43 -40.69 22.46 13.02
C ASP A 43 -39.81 22.91 11.86
N HIS A 44 -38.51 22.92 12.15
CA HIS A 44 -37.46 23.16 11.18
C HIS A 44 -36.38 22.12 11.49
N SER A 45 -35.97 21.37 10.48
CA SER A 45 -34.90 20.40 10.63
C SER A 45 -33.60 21.08 10.29
N PRO A 46 -32.55 20.84 11.09
CA PRO A 46 -31.24 21.41 10.77
C PRO A 46 -30.59 20.71 9.57
N ILE A 47 -31.04 19.51 9.25
CA ILE A 47 -30.52 18.81 8.09
C ILE A 47 -31.49 18.89 6.89
N GLU A 48 -30.94 19.29 5.76
CA GLU A 48 -31.67 19.46 4.52
C GLU A 48 -31.53 18.17 3.72
N PHE A 49 -30.30 17.71 3.51
CA PHE A 49 -30.03 16.39 2.95
C PHE A 49 -28.60 15.89 3.19
N VAL A 50 -28.37 14.60 2.92
CA VAL A 50 -27.08 13.94 3.19
C VAL A 50 -26.59 13.16 1.97
N THR A 51 -25.32 13.31 1.61
CA THR A 51 -24.76 12.57 0.51
C THR A 51 -23.59 11.78 1.02
N GLY A 52 -23.15 10.81 0.24
CA GLY A 52 -22.11 9.89 0.67
C GLY A 52 -21.36 9.28 -0.49
N ARG A 53 -20.09 8.96 -0.28
CA ARG A 53 -19.23 8.51 -1.36
C ARG A 53 -17.94 7.84 -0.88
N VAL A 54 -17.39 6.97 -1.73
CA VAL A 54 -16.10 6.40 -1.47
C VAL A 54 -15.16 7.02 -2.49
N LYS A 55 -13.96 7.39 -2.07
CA LYS A 55 -12.97 7.89 -2.99
C LYS A 55 -12.72 6.80 -4.02
N PRO A 56 -12.80 7.15 -5.31
CA PRO A 56 -12.45 6.18 -6.36
C PRO A 56 -10.98 5.78 -6.26
N VAL A 57 -10.66 4.50 -6.52
CA VAL A 57 -9.30 3.98 -6.31
C VAL A 57 -8.20 4.90 -6.83
N ALA A 58 -8.35 5.35 -8.08
CA ALA A 58 -7.41 6.27 -8.69
C ALA A 58 -7.12 7.46 -7.78
N SER A 59 -8.17 8.03 -7.19
CA SER A 59 -7.97 9.17 -6.32
C SER A 59 -7.24 8.78 -5.05
N ILE A 60 -7.46 7.55 -4.57
CA ILE A 60 -6.87 7.12 -3.29
C ILE A 60 -5.34 7.00 -3.37
N LEU A 61 -4.85 6.34 -4.42
CA LEU A 61 -3.42 6.21 -4.69
C LEU A 61 -2.72 7.54 -4.96
N GLU A 62 -3.40 8.43 -5.68
CA GLU A 62 -2.90 9.77 -5.95
C GLU A 62 -2.65 10.55 -4.66
N LYS A 63 -3.66 10.63 -3.80
CA LYS A 63 -3.56 11.40 -2.57
C LYS A 63 -2.52 10.80 -1.62
N ALA A 64 -2.37 9.49 -1.65
CA ALA A 64 -1.41 8.82 -0.76
C ALA A 64 0.03 9.21 -1.13
N ARG A 65 0.29 9.42 -2.42
CA ARG A 65 1.59 9.93 -2.88
C ARG A 65 1.78 11.37 -2.44
N ARG A 66 0.77 12.20 -2.72
CA ARG A 66 0.77 13.62 -2.40
C ARG A 66 1.16 13.87 -0.95
N LYS A 67 0.44 13.23 -0.03
CA LYS A 67 0.73 13.37 1.40
C LYS A 67 1.76 12.32 1.86
N SER A 68 2.39 11.66 0.88
CA SER A 68 3.36 10.58 1.10
C SER A 68 2.96 9.54 2.17
N ILE A 69 1.98 8.72 1.83
CA ILE A 69 1.51 7.67 2.73
C ILE A 69 1.88 6.28 2.17
N PRO A 70 2.48 5.42 3.01
CA PRO A 70 2.81 4.04 2.62
C PRO A 70 1.55 3.26 2.32
N LEU A 71 1.51 2.56 1.17
CA LEU A 71 0.37 1.74 0.79
C LEU A 71 -0.07 0.83 1.91
N HIS A 72 0.87 0.50 2.78
CA HIS A 72 0.58 -0.34 3.93
C HIS A 72 -0.26 0.37 4.99
N GLU A 73 -0.42 1.67 4.85
CA GLU A 73 -1.17 2.38 5.87
C GLU A 73 -1.98 3.54 5.32
N ILE A 74 -2.78 3.26 4.31
CA ILE A 74 -3.73 4.25 3.81
C ILE A 74 -5.02 4.25 4.63
N GLU A 75 -5.12 3.33 5.59
CA GLU A 75 -6.24 3.35 6.53
C GLU A 75 -6.24 4.66 7.27
N THR A 76 -5.05 5.21 7.50
CA THR A 76 -4.88 6.44 8.23
C THR A 76 -5.26 7.66 7.40
N MET A 77 -5.45 7.45 6.10
CA MET A 77 -6.02 8.47 5.25
C MET A 77 -7.45 8.60 5.73
N GLN A 78 -7.89 9.82 6.04
CA GLN A 78 -9.12 10.02 6.79
C GLN A 78 -10.41 10.19 5.96
N ASP A 79 -10.29 10.29 4.63
CA ASP A 79 -11.49 10.43 3.82
C ASP A 79 -11.56 9.48 2.61
N ILE A 80 -11.19 8.23 2.81
CA ILE A 80 -11.44 7.19 1.82
C ILE A 80 -12.96 7.05 1.73
N ALA A 81 -13.61 7.15 2.89
CA ALA A 81 -15.07 7.20 2.98
C ALA A 81 -15.54 8.54 3.55
N GLY A 82 -16.53 9.16 2.91
CA GLY A 82 -17.01 10.45 3.36
C GLY A 82 -18.50 10.63 3.25
N LEU A 83 -19.05 11.48 4.10
CA LEU A 83 -20.47 11.81 4.05
C LEU A 83 -20.58 13.31 4.09
N ARG A 84 -21.63 13.84 3.54
CA ARG A 84 -21.74 15.27 3.47
C ARG A 84 -23.11 15.70 3.97
N ILE A 85 -23.13 16.50 5.03
CA ILE A 85 -24.38 17.03 5.52
C ILE A 85 -24.63 18.48 5.09
N MET A 86 -25.81 18.74 4.55
CA MET A 86 -26.16 20.06 4.04
C MET A 86 -27.25 20.71 4.88
N CYS A 87 -26.96 21.90 5.41
CA CYS A 87 -27.92 22.70 6.16
C CYS A 87 -28.33 23.99 5.44
N GLN A 88 -29.40 24.62 5.93
CA GLN A 88 -29.85 25.89 5.37
C GLN A 88 -29.02 27.04 5.89
N PHE A 89 -28.88 27.11 7.21
CA PHE A 89 -28.24 28.23 7.88
C PHE A 89 -26.99 27.80 8.64
N VAL A 90 -26.07 28.74 8.84
CA VAL A 90 -24.77 28.47 9.44
C VAL A 90 -24.90 28.12 10.91
N ASP A 91 -26.04 28.44 11.50
CA ASP A 91 -26.26 28.11 12.90
C ASP A 91 -26.77 26.68 13.07
N ASP A 92 -27.26 26.08 11.98
CA ASP A 92 -27.64 24.67 12.00
C ASP A 92 -26.42 23.78 12.15
N ILE A 93 -25.29 24.21 11.60
CA ILE A 93 -24.05 23.43 11.63
C ILE A 93 -23.64 23.14 13.06
N GLN A 94 -23.88 24.11 13.93
CA GLN A 94 -23.50 23.97 15.32
C GLN A 94 -24.40 22.93 15.94
N ILE A 95 -25.69 23.00 15.62
CA ILE A 95 -26.64 22.03 16.14
C ILE A 95 -26.29 20.61 15.72
N VAL A 96 -26.03 20.41 14.44
CA VAL A 96 -25.65 19.11 13.91
C VAL A 96 -24.40 18.57 14.60
N LYS A 97 -23.46 19.48 14.88
CA LYS A 97 -22.25 19.14 15.61
C LYS A 97 -22.60 18.46 16.92
N GLU A 98 -23.37 19.17 17.75
CA GLU A 98 -23.90 18.60 18.99
C GLU A 98 -24.38 17.17 18.85
N MET A 99 -25.25 16.90 17.88
CA MET A 99 -25.74 15.54 17.63
C MET A 99 -24.61 14.53 17.43
N LEU A 100 -23.79 14.75 16.41
CA LEU A 100 -22.73 13.82 16.07
C LEU A 100 -21.82 13.49 17.25
N PHE A 101 -21.59 14.49 18.11
CA PHE A 101 -20.82 14.29 19.34
C PHE A 101 -21.61 13.48 20.39
N ALA A 102 -22.89 13.80 20.52
CA ALA A 102 -23.73 13.08 21.45
C ALA A 102 -23.96 11.61 21.06
N ARG A 103 -23.77 11.30 19.78
CA ARG A 103 -23.98 9.94 19.27
C ARG A 103 -22.91 9.00 19.79
N LYS A 104 -23.31 7.78 20.10
CA LYS A 104 -22.36 6.79 20.58
C LYS A 104 -22.37 5.50 19.76
N ASP A 105 -22.71 5.62 18.47
CA ASP A 105 -22.54 4.51 17.55
C ASP A 105 -21.28 4.73 16.71
N PHE A 106 -20.58 5.82 17.01
CA PHE A 106 -19.20 6.03 16.59
C PHE A 106 -18.53 7.01 17.56
N THR A 107 -17.25 7.31 17.35
CA THR A 107 -16.56 8.26 18.22
C THR A 107 -15.68 9.24 17.44
N VAL A 108 -15.82 10.53 17.73
CA VAL A 108 -15.08 11.56 16.99
C VAL A 108 -13.59 11.53 17.31
N VAL A 109 -12.77 11.73 16.27
CA VAL A 109 -11.35 11.41 16.31
C VAL A 109 -10.50 12.63 15.92
N ASP A 110 -11.08 13.49 15.11
CA ASP A 110 -10.36 14.62 14.55
C ASP A 110 -11.37 15.67 14.04
N GLN A 111 -10.96 16.93 13.96
CA GLN A 111 -11.83 17.97 13.43
C GLN A 111 -11.06 19.11 12.82
N ARG A 112 -11.64 19.75 11.82
CA ARG A 112 -11.00 20.84 11.11
C ARG A 112 -12.05 21.88 10.76
N ASP A 113 -11.97 23.07 11.36
CA ASP A 113 -13.02 24.07 11.19
C ASP A 113 -12.65 25.05 10.08
N TYR A 114 -13.16 24.82 8.87
CA TYR A 114 -12.92 25.74 7.78
C TYR A 114 -14.09 26.70 7.64
N ILE A 115 -14.91 26.80 8.68
CA ILE A 115 -15.92 27.85 8.70
C ILE A 115 -15.41 29.05 9.44
N ALA A 116 -14.79 28.83 10.58
CA ALA A 116 -14.10 29.90 11.29
C ALA A 116 -13.00 30.48 10.39
N GLU A 117 -12.07 29.61 10.01
CA GLU A 117 -10.93 29.97 9.20
C GLU A 117 -11.03 29.30 7.83
N HIS A 118 -11.81 29.90 6.93
CA HIS A 118 -11.91 29.39 5.58
C HIS A 118 -10.52 29.18 4.98
N LYS A 119 -10.43 28.37 3.93
CA LYS A 119 -9.14 28.09 3.33
C LYS A 119 -8.74 29.21 2.39
N GLU A 120 -7.46 29.21 2.00
CA GLU A 120 -6.95 30.19 1.05
C GLU A 120 -7.66 30.13 -0.29
N SER A 121 -8.16 28.94 -0.62
CA SER A 121 -8.89 28.75 -1.87
C SER A 121 -10.21 29.53 -1.86
N GLY A 122 -10.74 29.76 -0.67
CA GLY A 122 -12.09 30.26 -0.51
C GLY A 122 -12.99 29.24 0.16
N TYR A 123 -12.46 28.05 0.37
CA TYR A 123 -13.26 26.89 0.77
C TYR A 123 -13.77 26.94 2.21
N ARG A 124 -15.08 26.75 2.39
CA ARG A 124 -15.71 26.71 3.71
C ARG A 124 -16.48 25.39 3.94
N SER A 125 -16.15 24.72 5.04
CA SER A 125 -16.94 23.59 5.54
C SER A 125 -16.43 23.18 6.92
N TYR A 126 -17.29 22.55 7.71
CA TYR A 126 -16.83 21.89 8.93
C TYR A 126 -16.55 20.42 8.64
N HIS A 127 -15.32 19.98 8.89
CA HIS A 127 -14.96 18.58 8.67
C HIS A 127 -14.74 17.90 10.00
N LEU A 128 -15.56 16.89 10.29
CA LEU A 128 -15.25 16.06 11.43
C LEU A 128 -15.08 14.61 10.99
N VAL A 129 -13.94 14.05 11.36
CA VAL A 129 -13.60 12.65 11.10
C VAL A 129 -14.09 11.76 12.26
N VAL A 130 -14.81 10.68 11.95
CA VAL A 130 -15.27 9.75 12.99
C VAL A 130 -14.63 8.36 12.88
N LEU A 131 -14.68 7.61 13.96
CA LEU A 131 -14.23 6.23 13.92
C LEU A 131 -15.45 5.33 13.96
N TYR A 132 -15.77 4.70 12.82
CA TYR A 132 -16.98 3.89 12.72
C TYR A 132 -16.70 2.41 12.95
N PRO A 133 -17.34 1.82 13.97
CA PRO A 133 -17.14 0.41 14.30
C PRO A 133 -17.97 -0.47 13.37
N LEU A 134 -17.30 -1.16 12.47
CA LEU A 134 -17.97 -1.97 11.48
C LEU A 134 -18.05 -3.45 11.88
N GLN A 135 -19.24 -4.03 11.83
CA GLN A 135 -19.37 -5.45 12.10
C GLN A 135 -19.11 -6.26 10.82
N THR A 136 -18.22 -7.22 10.92
CA THR A 136 -17.87 -8.04 9.75
C THR A 136 -17.98 -9.50 10.13
N VAL A 137 -17.88 -10.37 9.13
CA VAL A 137 -18.02 -11.80 9.37
C VAL A 137 -16.90 -12.33 10.30
N SER A 138 -15.71 -11.78 10.15
CA SER A 138 -14.55 -12.20 10.95
C SER A 138 -14.60 -11.63 12.37
N GLY A 139 -14.57 -10.31 12.47
CA GLY A 139 -14.68 -9.66 13.76
C GLY A 139 -15.23 -8.26 13.62
N GLU A 140 -14.57 -7.31 14.28
CA GLU A 140 -15.02 -5.93 14.29
C GLU A 140 -13.93 -4.99 13.80
N LYS A 141 -14.06 -4.50 12.56
CA LYS A 141 -13.16 -3.50 12.02
C LYS A 141 -13.60 -2.09 12.44
N HIS A 142 -12.67 -1.13 12.37
CA HIS A 142 -12.99 0.28 12.59
C HIS A 142 -12.51 1.06 11.39
N VAL A 143 -13.41 1.78 10.73
CA VAL A 143 -12.97 2.60 9.62
C VAL A 143 -13.19 4.08 9.89
N LEU A 144 -12.28 4.89 9.35
CA LEU A 144 -12.36 6.35 9.47
C LEU A 144 -13.29 6.91 8.42
N VAL A 145 -14.32 7.61 8.88
CA VAL A 145 -15.20 8.29 7.96
C VAL A 145 -15.07 9.77 8.22
N GLU A 146 -14.97 10.53 7.15
CA GLU A 146 -15.02 11.98 7.27
C GLU A 146 -16.39 12.51 6.94
N ILE A 147 -17.04 13.09 7.94
CA ILE A 147 -18.28 13.80 7.71
C ILE A 147 -17.98 15.27 7.43
N GLN A 148 -18.67 15.86 6.46
CA GLN A 148 -18.47 17.25 6.11
C GLN A 148 -19.78 18.00 6.24
N ILE A 149 -19.82 19.00 7.13
CA ILE A 149 -21.04 19.77 7.31
C ILE A 149 -20.87 21.13 6.66
N ARG A 150 -21.90 21.61 5.98
CA ARG A 150 -21.79 22.86 5.25
C ARG A 150 -23.15 23.33 4.81
N THR A 151 -23.32 24.64 4.61
CA THR A 151 -24.58 25.15 4.10
C THR A 151 -24.71 24.95 2.61
N LEU A 152 -25.90 25.19 2.10
CA LEU A 152 -26.17 25.12 0.67
C LEU A 152 -25.33 26.14 -0.10
N ALA A 153 -24.99 27.24 0.54
CA ALA A 153 -24.27 28.27 -0.14
C ALA A 153 -22.84 27.78 -0.29
N MET A 154 -22.28 27.27 0.80
CA MET A 154 -20.94 26.72 0.75
C MET A 154 -20.91 25.60 -0.27
N ASN A 155 -21.95 24.77 -0.26
CA ASN A 155 -22.03 23.65 -1.17
C ASN A 155 -22.11 24.07 -2.65
N PHE A 156 -22.81 25.16 -2.91
CA PHE A 156 -22.85 25.75 -4.23
C PHE A 156 -21.46 26.15 -4.67
N TRP A 157 -20.75 26.87 -3.79
CA TRP A 157 -19.41 27.34 -4.11
C TRP A 157 -18.44 26.19 -4.31
N ALA A 158 -18.39 25.27 -3.36
CA ALA A 158 -17.39 24.21 -3.39
C ALA A 158 -17.61 23.20 -4.52
N THR A 159 -18.86 22.98 -4.89
CA THR A 159 -19.16 21.99 -5.91
C THR A 159 -18.63 22.46 -7.26
N ILE A 160 -18.81 23.75 -7.53
CA ILE A 160 -18.30 24.31 -8.77
C ILE A 160 -16.78 24.44 -8.72
N GLU A 161 -16.25 24.89 -7.59
CA GLU A 161 -14.80 25.04 -7.50
C GLU A 161 -14.09 23.70 -7.60
N HIS A 162 -14.56 22.70 -6.86
CA HIS A 162 -14.01 21.36 -6.95
C HIS A 162 -13.98 20.81 -8.38
N SER A 163 -14.98 21.17 -9.17
CA SER A 163 -15.04 20.68 -10.54
C SER A 163 -13.98 21.32 -11.41
N LEU A 164 -13.75 22.62 -11.25
CA LEU A 164 -12.79 23.33 -12.09
C LEU A 164 -11.32 22.96 -11.81
N TYR A 166 -9.70 20.47 -10.73
CA TYR A 166 -9.96 19.08 -11.13
C TYR A 166 -9.95 18.84 -12.66
N LYS A 167 -10.89 19.43 -13.37
CA LYS A 167 -10.85 19.36 -14.81
C LYS A 167 -9.68 20.20 -15.34
N PRO A 173 -4.55 28.94 -13.13
CA PRO A 173 -4.48 30.33 -13.61
C PRO A 173 -4.86 31.29 -12.50
N GLU A 174 -3.98 32.24 -12.23
CA GLU A 174 -4.07 33.02 -11.00
C GLU A 174 -5.18 34.07 -10.99
N LYS A 175 -5.49 34.65 -12.14
CA LYS A 175 -6.59 35.60 -12.20
C LYS A 175 -7.88 34.95 -11.70
N VAL A 176 -8.06 33.67 -12.03
CA VAL A 176 -9.29 32.96 -11.71
C VAL A 176 -9.29 32.36 -10.31
N LYS A 177 -8.12 32.04 -9.77
CA LYS A 177 -8.07 31.65 -8.35
C LYS A 177 -8.55 32.83 -7.49
N LEU A 178 -8.28 34.05 -7.93
CA LEU A 178 -8.69 35.21 -7.17
C LEU A 178 -10.19 35.47 -7.29
N ARG A 179 -10.71 35.50 -8.50
CA ARG A 179 -12.13 35.69 -8.68
C ARG A 179 -12.89 34.63 -7.89
N LEU A 180 -12.35 33.41 -7.88
CA LEU A 180 -12.95 32.32 -7.13
C LEU A 180 -12.97 32.61 -5.65
N GLN A 181 -11.89 33.19 -5.12
CA GLN A 181 -11.86 33.58 -3.71
C GLN A 181 -12.82 34.72 -3.44
N ARG A 182 -12.98 35.62 -4.40
CA ARG A 182 -13.93 36.70 -4.28
C ARG A 182 -15.34 36.14 -4.22
N ALA A 183 -15.66 35.22 -5.13
CA ALA A 183 -16.97 34.59 -5.20
C ALA A 183 -17.32 33.89 -3.90
N SER A 184 -16.34 33.22 -3.31
CA SER A 184 -16.58 32.55 -2.05
C SER A 184 -17.17 33.50 -1.01
N GLU A 185 -16.48 34.61 -0.76
CA GLU A 185 -16.95 35.52 0.28
C GLU A 185 -18.24 36.20 -0.11
N ALA A 186 -18.41 36.44 -1.40
CA ALA A 186 -19.70 36.93 -1.90
C ALA A 186 -20.77 35.99 -1.38
N ALA A 187 -20.57 34.70 -1.66
CA ALA A 187 -21.46 33.64 -1.19
C ALA A 187 -21.59 33.62 0.32
N SER A 188 -20.50 33.86 1.03
CA SER A 188 -20.55 33.89 2.49
C SER A 188 -21.43 35.00 3.04
N ARG A 189 -21.45 36.14 2.34
CA ARG A 189 -22.31 37.26 2.70
C ARG A 189 -23.77 36.93 2.44
N LEU A 190 -24.03 36.17 1.38
CA LEU A 190 -25.40 35.79 1.05
C LEU A 190 -25.96 34.83 2.09
N ASP A 191 -25.08 34.02 2.66
CA ASP A 191 -25.37 33.26 3.85
C ASP A 191 -25.79 34.16 5.01
N GLU A 192 -24.89 35.04 5.45
CA GLU A 192 -25.23 35.92 6.56
C GLU A 192 -26.51 36.71 6.30
N GLU A 193 -26.78 37.03 5.05
CA GLU A 193 -27.99 37.78 4.73
C GLU A 193 -29.28 36.99 4.94
N MET A 194 -29.27 35.70 4.63
CA MET A 194 -30.48 34.89 4.82
C MET A 194 -30.72 34.66 6.30
N SER A 195 -29.67 34.27 7.02
CA SER A 195 -29.73 34.16 8.47
C SER A 195 -30.26 35.47 9.10
N GLU A 196 -29.82 36.61 8.56
CA GLU A 196 -30.33 37.89 9.02
C GLU A 196 -31.81 38.03 8.73
N ILE A 197 -32.15 37.85 7.45
CA ILE A 197 -33.55 37.77 7.00
C ILE A 197 -34.38 36.84 7.89
N ARG A 198 -33.80 35.73 8.33
CA ARG A 198 -34.48 34.83 9.23
C ARG A 198 -35.06 35.54 10.48
N GLY A 199 -34.46 36.66 10.90
CA GLY A 199 -35.11 37.62 11.81
C GLY A 199 -36.44 38.15 11.26
N VAL A 201 -37.36 37.21 11.03
CA VAL A 201 -38.78 37.44 10.82
C VAL A 201 -39.40 36.81 12.05
N GLN A 202 -38.53 36.17 12.84
CA GLN A 202 -38.89 35.52 14.10
C GLN A 202 -39.71 36.46 14.97
N GLU A 203 -39.48 37.75 14.78
CA GLU A 203 -40.38 38.82 15.20
C GLU A 203 -41.79 38.62 14.64
N ALA A 204 -42.47 37.61 15.18
CA ALA A 204 -43.86 37.31 14.87
C ALA A 204 -44.56 37.08 16.20
N ASP B 10 10.19 5.96 -8.13
CA ASP B 10 9.16 6.14 -7.10
C ASP B 10 9.80 6.16 -5.72
N LYS B 11 9.84 7.33 -5.09
CA LYS B 11 10.42 7.45 -3.76
C LYS B 11 9.59 6.73 -2.71
N GLN B 12 8.37 6.34 -3.10
CA GLN B 12 7.49 5.64 -2.18
C GLN B 12 8.01 4.23 -1.95
N TRP B 13 8.52 3.63 -3.03
CA TRP B 13 9.16 2.33 -2.94
C TRP B 13 10.50 2.40 -2.19
N GLU B 14 11.33 3.34 -2.59
CA GLU B 14 12.62 3.55 -1.95
C GLU B 14 12.47 3.66 -0.45
N ARG B 15 11.52 4.45 0.03
CA ARG B 15 11.45 4.60 1.48
C ARG B 15 10.83 3.40 2.16
N PHE B 16 10.14 2.56 1.40
CA PHE B 16 9.57 1.33 1.97
C PHE B 16 10.66 0.31 2.17
N LEU B 17 11.63 0.31 1.26
CA LEU B 17 12.66 -0.71 1.23
C LEU B 17 13.78 -0.41 2.22
N VAL B 18 13.78 0.81 2.74
CA VAL B 18 14.88 1.28 3.59
C VAL B 18 15.18 0.34 4.77
N PRO B 19 14.18 0.02 5.56
CA PRO B 19 14.47 -0.87 6.69
C PRO B 19 14.91 -2.26 6.24
N TYR B 20 14.54 -2.69 5.04
CA TYR B 20 14.95 -4.00 4.56
C TYR B 20 16.42 -4.04 4.19
N ARG B 21 16.92 -2.95 3.61
CA ARG B 21 18.32 -2.85 3.27
C ARG B 21 19.12 -2.87 4.54
N GLN B 22 18.66 -2.09 5.51
CA GLN B 22 19.35 -1.93 6.77
C GLN B 22 19.49 -3.28 7.47
N ALA B 23 18.39 -4.02 7.50
CA ALA B 23 18.36 -5.35 8.07
C ALA B 23 19.31 -6.28 7.33
N VAL B 24 19.41 -6.14 6.02
CA VAL B 24 20.33 -6.97 5.26
C VAL B 24 21.77 -6.64 5.61
N GLU B 25 22.11 -5.36 5.67
CA GLU B 25 23.49 -4.97 5.97
C GLU B 25 23.90 -5.42 7.36
N GLU B 26 22.96 -5.37 8.30
CA GLU B 26 23.26 -5.77 9.67
C GLU B 26 23.56 -7.25 9.72
N LEU B 27 22.60 -8.04 9.24
CA LEU B 27 22.76 -9.49 9.22
C LEU B 27 23.96 -9.92 8.36
N LYS B 28 24.25 -9.15 7.32
CA LYS B 28 25.44 -9.37 6.52
C LYS B 28 26.66 -9.31 7.43
N VAL B 29 26.73 -8.28 8.26
CA VAL B 29 27.86 -8.10 9.17
C VAL B 29 27.89 -9.19 10.24
N LYS B 30 26.72 -9.50 10.82
CA LYS B 30 26.68 -10.54 11.86
C LYS B 30 27.06 -11.93 11.35
N LEU B 31 26.50 -12.38 10.23
CA LEU B 31 26.78 -13.74 9.76
C LEU B 31 28.16 -13.88 9.11
N LYS B 32 28.67 -12.79 8.54
CA LYS B 32 30.03 -12.80 7.99
C LYS B 32 31.08 -12.96 9.10
N GLY B 33 30.73 -12.59 10.31
CA GLY B 33 31.66 -12.65 11.41
C GLY B 33 31.68 -14.00 12.10
N ILE B 34 30.65 -14.80 11.84
CA ILE B 34 30.65 -16.16 12.34
C ILE B 34 31.84 -16.91 11.78
N ARG B 35 32.03 -16.81 10.46
CA ARG B 35 33.17 -17.43 9.82
C ARG B 35 34.45 -17.00 10.51
N THR B 36 34.64 -15.70 10.58
CA THR B 36 35.85 -15.10 11.13
C THR B 36 36.09 -15.48 12.60
N LEU B 37 35.08 -16.04 13.26
CA LEU B 37 35.25 -16.57 14.61
C LEU B 37 36.20 -17.76 14.60
N TYR B 38 36.32 -18.45 13.46
CA TYR B 38 37.13 -19.69 13.34
C TYR B 38 38.54 -19.46 12.77
N GLU B 39 38.83 -18.22 12.36
CA GLU B 39 40.09 -17.90 11.67
C GLU B 39 41.34 -18.20 12.48
N TYR B 40 41.19 -18.16 13.80
CA TYR B 40 42.34 -18.29 14.69
C TYR B 40 42.29 -19.62 15.47
N GLU B 41 41.56 -20.61 14.93
CA GLU B 41 41.61 -21.99 15.39
C GLU B 41 42.25 -22.83 14.30
N ASP B 42 42.26 -22.27 13.09
CA ASP B 42 42.68 -22.97 11.87
C ASP B 42 41.78 -24.20 11.67
N ASP B 43 40.60 -24.14 12.28
CA ASP B 43 39.70 -25.27 12.44
C ASP B 43 39.02 -25.63 11.13
N HIS B 44 37.70 -25.49 11.11
CA HIS B 44 36.92 -25.52 9.88
C HIS B 44 35.66 -24.69 10.07
N SER B 45 35.45 -23.73 9.18
CA SER B 45 34.30 -22.87 9.29
C SER B 45 33.14 -23.51 8.56
N PRO B 46 32.03 -23.74 9.27
CA PRO B 46 30.84 -24.26 8.59
C PRO B 46 30.34 -23.27 7.55
N ILE B 47 30.71 -22.00 7.69
CA ILE B 47 30.30 -20.97 6.75
C ILE B 47 31.45 -20.65 5.80
N GLU B 48 31.23 -20.87 4.52
CA GLU B 48 32.23 -20.58 3.53
C GLU B 48 32.05 -19.11 3.14
N PHE B 49 30.86 -18.72 2.67
CA PHE B 49 30.56 -17.29 2.53
C PHE B 49 29.10 -16.92 2.62
N VAL B 50 28.86 -15.63 2.74
CA VAL B 50 27.52 -15.09 2.96
C VAL B 50 27.20 -13.98 1.96
N THR B 51 25.97 -13.97 1.46
CA THR B 51 25.53 -12.88 0.58
C THR B 51 24.18 -12.41 1.04
N GLY B 52 23.80 -11.23 0.58
CA GLY B 52 22.48 -10.70 0.85
C GLY B 52 21.99 -9.77 -0.24
N ARG B 53 20.68 -9.65 -0.35
CA ARG B 53 20.08 -8.81 -1.38
C ARG B 53 18.75 -8.28 -0.87
N VAL B 54 18.22 -7.27 -1.54
CA VAL B 54 16.84 -6.88 -1.37
C VAL B 54 16.13 -7.09 -2.72
N LYS B 55 14.94 -7.66 -2.69
CA LYS B 55 14.20 -7.88 -3.92
C LYS B 55 13.99 -6.55 -4.60
N PRO B 56 14.23 -6.48 -5.91
CA PRO B 56 13.98 -5.25 -6.67
C PRO B 56 12.49 -5.02 -6.74
N VAL B 57 12.07 -3.75 -6.77
CA VAL B 57 10.65 -3.42 -6.76
C VAL B 57 9.85 -4.24 -7.78
N ALA B 58 10.31 -4.28 -9.02
CA ALA B 58 9.63 -5.03 -10.07
C ALA B 58 9.39 -6.50 -9.69
N SER B 59 10.38 -7.11 -9.04
CA SER B 59 10.25 -8.49 -8.59
C SER B 59 9.25 -8.59 -7.45
N ILE B 60 9.21 -7.57 -6.59
CA ILE B 60 8.31 -7.59 -5.45
C ILE B 60 6.88 -7.62 -5.94
N LEU B 61 6.56 -6.70 -6.84
CA LEU B 61 5.24 -6.58 -7.42
C LEU B 61 4.81 -7.87 -8.12
N GLU B 62 5.71 -8.48 -8.88
CA GLU B 62 5.41 -9.70 -9.61
C GLU B 62 5.05 -10.87 -8.69
N LYS B 63 5.88 -11.13 -7.67
CA LYS B 63 5.53 -12.14 -6.67
C LYS B 63 4.23 -11.75 -5.93
N ALA B 64 3.95 -10.45 -5.86
CA ALA B 64 2.71 -9.99 -5.23
C ALA B 64 1.54 -10.40 -6.10
N ARG B 65 1.67 -10.21 -7.41
CA ARG B 65 0.71 -10.75 -8.37
C ARG B 65 0.64 -12.26 -8.25
N ARG B 66 1.67 -12.95 -8.74
CA ARG B 66 1.77 -14.41 -8.67
C ARG B 66 1.25 -15.00 -7.37
N LYS B 67 1.86 -14.68 -6.23
CA LYS B 67 1.44 -15.23 -4.93
C LYS B 67 0.13 -14.64 -4.40
N SER B 68 -0.51 -13.80 -5.22
CA SER B 68 -1.80 -13.19 -4.88
C SER B 68 -1.76 -12.36 -3.57
N ILE B 69 -0.69 -11.58 -3.39
CA ILE B 69 -0.58 -10.71 -2.23
C ILE B 69 -0.95 -9.28 -2.62
N PRO B 70 -1.85 -8.67 -1.83
CA PRO B 70 -2.28 -7.29 -2.12
C PRO B 70 -1.23 -6.25 -1.74
N LEU B 71 -0.91 -5.35 -2.66
CA LEU B 71 -0.03 -4.21 -2.43
C LEU B 71 -0.12 -3.66 -0.99
N HIS B 72 -1.33 -3.56 -0.48
CA HIS B 72 -1.59 -3.11 0.88
C HIS B 72 -0.84 -3.98 1.88
N GLU B 73 -0.44 -5.16 1.44
CA GLU B 73 -0.01 -6.18 2.37
C GLU B 73 1.39 -6.78 2.22
N ILE B 74 2.20 -6.20 1.35
CA ILE B 74 3.51 -6.76 1.01
C ILE B 74 4.44 -7.16 2.16
N GLU B 75 4.40 -6.45 3.30
CA GLU B 75 5.29 -6.80 4.42
C GLU B 75 5.01 -8.19 5.00
N THR B 76 4.17 -8.96 4.34
CA THR B 76 3.92 -10.33 4.76
C THR B 76 4.71 -11.25 3.85
N MET B 77 5.17 -10.69 2.72
CA MET B 77 6.10 -11.38 1.85
C MET B 77 7.36 -11.63 2.69
N GLN B 78 7.78 -12.88 2.76
CA GLN B 78 8.82 -13.26 3.69
C GLN B 78 10.22 -13.06 3.13
N ASP B 79 10.35 -12.81 1.83
CA ASP B 79 11.70 -12.71 1.27
C ASP B 79 12.00 -11.40 0.55
N ILE B 80 11.46 -10.30 1.06
CA ILE B 80 11.79 -8.98 0.53
C ILE B 80 13.25 -8.75 0.85
N ALA B 81 13.62 -9.14 2.06
CA ALA B 81 15.01 -9.14 2.48
C ALA B 81 15.46 -10.59 2.51
N GLY B 82 16.66 -10.87 2.03
CA GLY B 82 17.19 -12.20 2.11
C GLY B 82 18.71 -12.27 2.15
N LEU B 83 19.21 -13.24 2.91
CA LEU B 83 20.61 -13.58 2.95
C LEU B 83 20.79 -15.01 2.53
N ARG B 84 22.00 -15.37 2.15
CA ARG B 84 22.22 -16.68 1.60
C ARG B 84 23.54 -17.15 2.18
N ILE B 85 23.52 -18.31 2.82
CA ILE B 85 24.71 -18.83 3.46
C ILE B 85 25.21 -20.08 2.75
N MET B 86 26.45 -20.04 2.30
CA MET B 86 27.02 -21.17 1.57
C MET B 86 28.02 -22.00 2.38
N CYS B 87 27.80 -23.32 2.42
CA CYS B 87 28.66 -24.26 3.13
C CYS B 87 29.32 -25.29 2.21
N GLN B 88 30.51 -25.77 2.60
CA GLN B 88 31.21 -26.79 1.80
C GLN B 88 30.52 -28.13 1.89
N PHE B 89 30.09 -28.52 3.09
CA PHE B 89 29.47 -29.83 3.28
C PHE B 89 28.06 -29.73 3.84
N VAL B 90 27.22 -30.72 3.51
CA VAL B 90 25.83 -30.75 3.95
C VAL B 90 25.69 -30.84 5.48
N ASP B 91 26.65 -31.53 6.10
CA ASP B 91 26.75 -31.58 7.56
C ASP B 91 26.80 -30.18 8.16
N ASP B 92 27.53 -29.29 7.50
CA ASP B 92 27.67 -27.91 7.94
C ASP B 92 26.33 -27.18 8.06
N ILE B 93 25.39 -27.48 7.16
CA ILE B 93 24.09 -26.81 7.19
C ILE B 93 23.38 -27.06 8.51
N GLN B 94 23.59 -28.23 9.09
CA GLN B 94 23.01 -28.55 10.39
C GLN B 94 23.61 -27.67 11.49
N ILE B 95 24.93 -27.56 11.55
CA ILE B 95 25.54 -26.80 12.64
C ILE B 95 25.28 -25.29 12.47
N VAL B 96 25.14 -24.83 11.24
CA VAL B 96 24.75 -23.45 10.99
C VAL B 96 23.30 -23.24 11.44
N LYS B 97 22.45 -24.22 11.16
CA LYS B 97 21.05 -24.22 11.56
C LYS B 97 20.95 -24.07 13.08
N GLU B 98 21.68 -24.91 13.79
CA GLU B 98 21.79 -24.81 15.24
C GLU B 98 22.14 -23.41 15.71
N MET B 99 23.22 -22.84 15.17
CA MET B 99 23.66 -21.49 15.55
C MET B 99 22.57 -20.44 15.38
N LEU B 100 21.94 -20.42 14.22
CA LEU B 100 20.88 -19.47 13.94
C LEU B 100 19.75 -19.56 14.96
N PHE B 101 19.30 -20.78 15.24
CA PHE B 101 18.24 -21.02 16.24
C PHE B 101 18.66 -20.55 17.65
N ALA B 102 19.95 -20.66 17.97
CA ALA B 102 20.44 -20.24 19.29
C ALA B 102 20.54 -18.71 19.45
N ARG B 103 20.56 -17.99 18.34
CA ARG B 103 20.76 -16.55 18.39
C ARG B 103 19.56 -15.85 18.99
N LYS B 104 19.82 -14.75 19.70
CA LYS B 104 18.81 -14.01 20.42
C LYS B 104 18.51 -12.66 19.79
N ASP B 105 19.30 -12.28 18.80
CA ASP B 105 19.07 -10.98 18.14
C ASP B 105 17.93 -11.01 17.13
N PHE B 106 17.35 -12.18 16.92
CA PHE B 106 16.12 -12.29 16.13
C PHE B 106 15.41 -13.57 16.54
N THR B 107 14.25 -13.85 15.96
CA THR B 107 13.52 -15.06 16.31
C THR B 107 13.02 -15.75 15.07
N VAL B 108 13.08 -17.08 15.06
CA VAL B 108 12.65 -17.87 13.92
C VAL B 108 11.14 -17.99 13.83
N VAL B 109 10.56 -17.53 12.72
CA VAL B 109 9.11 -17.51 12.60
C VAL B 109 8.58 -18.53 11.60
N ASP B 110 9.45 -19.05 10.74
CA ASP B 110 9.03 -20.06 9.77
C ASP B 110 10.23 -20.85 9.21
N GLN B 111 9.95 -21.94 8.49
CA GLN B 111 10.99 -22.73 7.81
C GLN B 111 10.46 -23.71 6.79
N ARG B 112 11.30 -24.02 5.81
CA ARG B 112 10.95 -24.89 4.72
C ARG B 112 12.23 -25.62 4.33
N ASP B 113 12.31 -26.91 4.65
CA ASP B 113 13.52 -27.67 4.38
C ASP B 113 13.41 -28.32 3.02
N TYR B 114 13.92 -27.66 2.00
CA TYR B 114 13.91 -28.25 0.70
C TYR B 114 15.19 -29.01 0.50
N ILE B 115 15.92 -29.29 1.56
CA ILE B 115 17.05 -30.19 1.40
C ILE B 115 16.55 -31.60 1.64
N ALA B 116 15.80 -31.75 2.72
CA ALA B 116 15.05 -32.96 3.03
C ALA B 116 14.07 -33.28 1.91
N GLU B 117 13.26 -32.30 1.55
CA GLU B 117 12.22 -32.48 0.54
C GLU B 117 12.34 -31.45 -0.56
N HIS B 118 13.20 -31.72 -1.53
CA HIS B 118 13.48 -30.78 -2.60
C HIS B 118 12.27 -30.62 -3.47
N LYS B 119 12.25 -29.57 -4.28
CA LYS B 119 11.09 -29.23 -5.08
C LYS B 119 11.08 -30.00 -6.38
N GLU B 120 9.93 -29.99 -7.04
CA GLU B 120 9.79 -30.50 -8.41
C GLU B 120 10.93 -30.07 -9.31
N SER B 121 11.30 -28.79 -9.25
CA SER B 121 12.29 -28.28 -10.20
C SER B 121 13.66 -28.91 -9.99
N GLY B 122 13.89 -29.51 -8.83
CA GLY B 122 15.22 -30.00 -8.50
C GLY B 122 15.88 -29.19 -7.40
N TYR B 123 15.21 -28.12 -6.98
CA TYR B 123 15.78 -27.10 -6.10
C TYR B 123 16.02 -27.55 -4.65
N ARG B 124 17.26 -27.43 -4.21
CA ARG B 124 17.63 -27.84 -2.87
C ARG B 124 18.17 -26.64 -2.14
N SER B 125 17.60 -26.40 -0.96
CA SER B 125 18.13 -25.43 -0.01
C SER B 125 17.36 -25.52 1.28
N TYR B 126 18.00 -25.07 2.36
CA TYR B 126 17.33 -24.87 3.64
C TYR B 126 16.90 -23.40 3.82
N HIS B 127 15.60 -23.17 3.89
CA HIS B 127 15.07 -21.84 4.03
C HIS B 127 14.62 -21.56 5.45
N LEU B 128 15.16 -20.48 6.00
CA LEU B 128 14.81 -20.03 7.33
C LEU B 128 14.30 -18.61 7.29
N VAL B 129 13.11 -18.39 7.85
CA VAL B 129 12.57 -17.03 7.89
C VAL B 129 12.66 -16.49 9.30
N VAL B 130 13.22 -15.29 9.46
CA VAL B 130 13.31 -14.71 10.81
C VAL B 130 12.65 -13.35 10.92
N LEU B 131 12.25 -13.02 12.13
CA LEU B 131 11.80 -11.67 12.46
C LEU B 131 13.00 -10.95 13.03
N TYR B 132 13.36 -9.82 12.42
CA TYR B 132 14.53 -9.06 12.84
C TYR B 132 14.11 -7.71 13.40
N PRO B 133 14.39 -7.47 14.68
CA PRO B 133 14.13 -6.17 15.32
C PRO B 133 15.04 -5.12 14.75
N LEU B 134 14.46 -3.98 14.40
CA LEU B 134 15.21 -2.91 13.79
C LEU B 134 14.96 -1.67 14.61
N GLN B 135 16.02 -1.12 15.21
CA GLN B 135 15.87 0.16 15.90
C GLN B 135 15.66 1.22 14.85
N THR B 136 14.72 2.13 15.11
CA THR B 136 14.48 3.25 14.21
C THR B 136 14.63 4.56 14.99
N VAL B 137 13.99 5.63 14.50
CA VAL B 137 14.03 6.93 15.16
C VAL B 137 12.78 7.12 16.03
N SER B 138 11.67 6.60 15.53
CA SER B 138 10.39 6.65 16.24
C SER B 138 10.37 5.64 17.38
N GLY B 139 10.79 4.42 17.06
CA GLY B 139 10.82 3.36 18.03
C GLY B 139 11.40 2.11 17.40
N GLU B 140 10.57 1.09 17.25
CA GLU B 140 11.04 -0.19 16.74
C GLU B 140 10.20 -0.70 15.57
N LYS B 141 10.87 -1.40 14.68
CA LYS B 141 10.23 -2.01 13.55
C LYS B 141 10.64 -3.48 13.55
N HIS B 142 9.94 -4.31 12.79
CA HIS B 142 10.30 -5.70 12.65
C HIS B 142 10.15 -6.12 11.22
N VAL B 143 11.22 -6.58 10.60
CA VAL B 143 11.09 -6.97 9.21
C VAL B 143 11.34 -8.45 9.10
N LEU B 144 10.62 -9.09 8.19
CA LEU B 144 10.82 -10.50 7.91
C LEU B 144 12.03 -10.65 7.01
N VAL B 145 12.97 -11.50 7.42
CA VAL B 145 14.12 -11.80 6.58
C VAL B 145 14.20 -13.32 6.31
N GLU B 146 14.38 -13.70 5.04
CA GLU B 146 14.48 -15.12 4.68
C GLU B 146 15.93 -15.52 4.51
N ILE B 147 16.45 -16.35 5.40
CA ILE B 147 17.84 -16.78 5.27
C ILE B 147 17.87 -18.12 4.54
N GLN B 148 18.76 -18.29 3.57
CA GLN B 148 18.80 -19.54 2.82
C GLN B 148 20.14 -20.21 2.94
N ILE B 149 20.17 -21.41 3.52
CA ILE B 149 21.43 -22.12 3.62
C ILE B 149 21.54 -23.19 2.54
N ARG B 150 22.73 -23.31 1.98
CA ARG B 150 22.96 -24.28 0.93
C ARG B 150 24.43 -24.54 0.74
N THR B 151 24.75 -25.65 0.09
CA THR B 151 26.14 -25.96 -0.18
C THR B 151 26.61 -25.32 -1.49
N LEU B 152 27.92 -25.27 -1.65
CA LEU B 152 28.52 -24.86 -2.90
C LEU B 152 27.91 -25.55 -4.12
N ALA B 153 27.58 -26.82 -4.00
CA ALA B 153 27.08 -27.57 -5.16
C ALA B 153 25.65 -27.17 -5.43
N MET B 154 24.84 -27.15 -4.37
CA MET B 154 23.47 -26.69 -4.45
C MET B 154 23.44 -25.31 -5.10
N ASN B 155 24.36 -24.46 -4.65
CA ASN B 155 24.46 -23.10 -5.15
C ASN B 155 24.88 -23.06 -6.60
N PHE B 156 25.74 -23.99 -6.98
CA PHE B 156 26.08 -24.17 -8.40
C PHE B 156 24.84 -24.42 -9.29
N TRP B 157 24.03 -25.38 -8.88
CA TRP B 157 22.86 -25.76 -9.65
C TRP B 157 21.79 -24.69 -9.62
N ALA B 158 21.48 -24.21 -8.42
CA ALA B 158 20.39 -23.27 -8.23
C ALA B 158 20.64 -21.96 -8.96
N THR B 159 21.90 -21.53 -8.98
CA THR B 159 22.24 -20.26 -9.62
C THR B 159 21.97 -20.25 -11.12
N ILE B 160 22.39 -21.33 -11.78
CA ILE B 160 22.20 -21.48 -13.21
C ILE B 160 20.74 -21.73 -13.53
N GLU B 161 20.06 -22.47 -12.68
CA GLU B 161 18.71 -22.85 -13.01
C GLU B 161 17.83 -21.63 -12.86
N HIS B 162 18.16 -20.80 -11.88
CA HIS B 162 17.34 -19.64 -11.60
C HIS B 162 17.38 -18.68 -12.79
N SER B 163 18.53 -18.64 -13.45
CA SER B 163 18.70 -17.74 -14.58
C SER B 163 17.92 -18.23 -15.76
N LEU B 164 18.21 -19.47 -16.19
CA LEU B 164 17.54 -20.10 -17.32
C LEU B 164 16.06 -19.92 -17.16
N ASN B 165 15.58 -20.11 -15.94
CA ASN B 165 14.17 -19.95 -15.64
C ASN B 165 13.67 -18.51 -15.68
N TYR B 166 14.57 -17.55 -15.45
CA TYR B 166 14.20 -16.13 -15.40
C TYR B 166 14.07 -15.54 -16.78
N LYS B 167 15.05 -15.84 -17.64
CA LYS B 167 15.12 -15.29 -18.99
C LYS B 167 13.96 -15.79 -19.86
N TYR B 168 13.53 -17.02 -19.63
CA TYR B 168 12.38 -17.51 -20.36
C TYR B 168 11.06 -17.46 -19.57
N SER B 169 10.96 -18.25 -18.52
CA SER B 169 9.76 -18.34 -17.66
C SER B 169 8.51 -18.77 -18.41
N GLY B 170 8.13 -20.03 -18.24
CA GLY B 170 6.94 -20.55 -18.89
C GLY B 170 7.10 -22.00 -19.30
N ASN B 171 6.83 -22.28 -20.57
CA ASN B 171 6.96 -23.63 -21.11
C ASN B 171 8.38 -24.00 -21.57
N ILE B 172 9.26 -24.22 -20.60
CA ILE B 172 10.56 -24.82 -20.85
C ILE B 172 10.29 -26.26 -21.24
N PRO B 173 10.97 -26.74 -22.29
CA PRO B 173 10.72 -28.12 -22.74
C PRO B 173 10.92 -29.13 -21.61
N GLU B 174 9.88 -29.93 -21.39
CA GLU B 174 9.91 -31.04 -20.44
C GLU B 174 11.18 -31.90 -20.48
N LYS B 175 11.72 -32.10 -21.67
CA LYS B 175 12.99 -32.80 -21.81
C LYS B 175 14.08 -32.06 -21.01
N VAL B 176 14.06 -30.72 -21.05
CA VAL B 176 15.00 -29.91 -20.28
C VAL B 176 14.68 -29.90 -18.77
N LYS B 177 13.40 -29.78 -18.43
CA LYS B 177 12.97 -29.97 -17.05
C LYS B 177 13.65 -31.19 -16.46
N LEU B 178 13.62 -32.30 -17.21
CA LEU B 178 14.14 -33.58 -16.73
C LEU B 178 15.65 -33.58 -16.56
N ARG B 179 16.36 -33.04 -17.53
CA ARG B 179 17.81 -32.99 -17.44
C ARG B 179 18.25 -32.15 -16.24
N LEU B 180 17.53 -31.06 -16.00
CA LEU B 180 17.82 -30.20 -14.86
C LEU B 180 17.65 -30.98 -13.55
N GLN B 181 16.52 -31.67 -13.45
CA GLN B 181 16.28 -32.59 -12.36
C GLN B 181 17.40 -33.61 -12.12
N ARG B 182 17.90 -34.26 -13.18
CA ARG B 182 18.97 -35.20 -12.94
C ARG B 182 20.24 -34.44 -12.56
N ALA B 183 20.38 -33.24 -13.10
CA ALA B 183 21.52 -32.40 -12.79
C ALA B 183 21.57 -32.05 -11.31
N SER B 184 20.42 -31.68 -10.75
CA SER B 184 20.34 -31.43 -9.33
C SER B 184 20.83 -32.65 -8.57
N GLU B 185 20.32 -33.80 -8.99
CA GLU B 185 20.65 -35.07 -8.36
C GLU B 185 22.10 -35.42 -8.48
N ALA B 186 22.64 -35.23 -9.69
CA ALA B 186 24.07 -35.39 -9.95
C ALA B 186 24.87 -34.56 -8.94
N ALA B 187 24.53 -33.29 -8.80
CA ALA B 187 25.20 -32.42 -7.83
C ALA B 187 25.02 -32.94 -6.41
N SER B 188 23.84 -33.46 -6.10
CA SER B 188 23.62 -33.98 -4.75
C SER B 188 24.54 -35.14 -4.43
N ARG B 189 24.77 -35.99 -5.43
CA ARG B 189 25.66 -37.13 -5.31
C ARG B 189 27.09 -36.66 -5.13
N LEU B 190 27.49 -35.72 -5.97
CA LEU B 190 28.85 -35.19 -5.94
C LEU B 190 29.14 -34.62 -4.54
N ASP B 191 28.16 -33.93 -3.98
CA ASP B 191 28.18 -33.55 -2.56
C ASP B 191 28.43 -34.75 -1.66
N GLU B 192 27.63 -35.80 -1.82
CA GLU B 192 27.76 -37.02 -1.01
C GLU B 192 29.15 -37.68 -1.14
N GLU B 193 29.69 -37.66 -2.35
CA GLU B 193 31.03 -38.18 -2.58
C GLU B 193 32.09 -37.39 -1.79
N MET B 194 31.92 -36.08 -1.70
CA MET B 194 32.84 -35.25 -0.92
C MET B 194 32.71 -35.48 0.58
N SER B 195 31.49 -35.73 1.06
CA SER B 195 31.29 -36.20 2.43
C SER B 195 32.15 -37.42 2.69
N GLU B 196 31.92 -38.47 1.89
CA GLU B 196 32.68 -39.71 2.03
C GLU B 196 34.19 -39.45 2.05
N ILE B 197 34.69 -38.75 1.04
CA ILE B 197 36.12 -38.46 0.93
C ILE B 197 36.61 -37.73 2.16
N ARG B 198 35.82 -36.76 2.63
CA ARG B 198 36.21 -35.97 3.79
C ARG B 198 36.52 -36.82 5.01
N GLY B 199 35.50 -37.52 5.52
CA GLY B 199 35.66 -38.29 6.74
C GLY B 199 36.75 -39.32 6.59
N GLU B 200 36.83 -39.89 5.41
CA GLU B 200 37.85 -40.88 5.09
C GLU B 200 39.27 -40.32 5.26
N VAL B 201 39.45 -39.07 4.87
CA VAL B 201 40.70 -38.34 5.12
C VAL B 201 40.96 -38.20 6.62
N GLN B 202 39.89 -38.16 7.41
CA GLN B 202 40.01 -38.18 8.87
C GLN B 202 40.27 -39.62 9.32
N GLU B 203 41.50 -40.10 9.11
CA GLU B 203 41.85 -41.47 9.43
C GLU B 203 43.36 -41.62 9.40
N ALA B 206 44.23 -36.70 9.59
CA ALA B 206 44.47 -38.15 9.72
C ALA B 206 44.49 -38.55 11.19
N ALA B 207 44.22 -39.83 11.48
CA ALA B 207 44.25 -40.35 12.86
C ALA B 207 45.32 -41.43 13.04
N ASP C 10 -59.56 8.65 3.02
CA ASP C 10 -58.11 8.78 2.87
C ASP C 10 -57.46 7.48 2.39
N LYS C 11 -58.17 6.37 2.58
CA LYS C 11 -57.82 5.14 1.89
C LYS C 11 -58.18 5.37 0.42
N GLN C 12 -59.22 6.18 0.22
CA GLN C 12 -59.61 6.62 -1.11
C GLN C 12 -58.55 7.55 -1.73
N TRP C 13 -58.06 8.50 -0.93
CA TRP C 13 -56.96 9.38 -1.37
C TRP C 13 -55.75 8.57 -1.74
N GLU C 14 -55.39 7.64 -0.86
CA GLU C 14 -54.23 6.81 -1.04
C GLU C 14 -54.25 6.08 -2.37
N ARG C 15 -55.43 5.68 -2.83
CA ARG C 15 -55.51 4.98 -4.09
C ARG C 15 -55.30 5.95 -5.24
N PHE C 16 -55.58 7.22 -4.99
CA PHE C 16 -55.43 8.24 -6.01
C PHE C 16 -53.95 8.60 -6.22
N LEU C 17 -53.20 8.68 -5.12
CA LEU C 17 -51.80 9.06 -5.15
C LEU C 17 -50.80 7.97 -5.58
N VAL C 18 -51.23 6.71 -5.67
CA VAL C 18 -50.26 5.65 -5.98
C VAL C 18 -49.66 5.80 -7.37
N PRO C 19 -50.48 6.16 -8.38
CA PRO C 19 -49.83 6.34 -9.69
C PRO C 19 -48.80 7.47 -9.71
N TYR C 20 -49.07 8.52 -8.94
CA TYR C 20 -48.16 9.66 -8.89
C TYR C 20 -46.83 9.27 -8.23
N ARG C 21 -46.90 8.53 -7.14
CA ARG C 21 -45.70 8.04 -6.49
C ARG C 21 -44.90 7.17 -7.45
N GLN C 22 -45.60 6.33 -8.21
CA GLN C 22 -44.96 5.44 -9.15
C GLN C 22 -44.24 6.27 -10.19
N ALA C 23 -44.91 7.35 -10.62
CA ALA C 23 -44.34 8.24 -11.61
C ALA C 23 -43.10 8.98 -11.12
N VAL C 24 -43.09 9.40 -9.86
CA VAL C 24 -41.90 10.05 -9.36
C VAL C 24 -40.75 9.06 -9.30
N GLU C 25 -41.02 7.85 -8.82
CA GLU C 25 -39.98 6.84 -8.65
C GLU C 25 -39.33 6.46 -9.97
N GLU C 26 -40.15 6.30 -11.01
CA GLU C 26 -39.63 5.95 -12.34
C GLU C 26 -38.74 7.03 -12.93
N LEU C 27 -39.22 8.27 -12.88
CA LEU C 27 -38.48 9.39 -13.45
C LEU C 27 -37.19 9.64 -12.67
N LYS C 28 -37.28 9.44 -11.35
CA LYS C 28 -36.12 9.59 -10.50
C LYS C 28 -34.98 8.74 -11.06
N VAL C 29 -35.23 7.45 -11.21
CA VAL C 29 -34.29 6.46 -11.73
C VAL C 29 -33.87 6.77 -13.16
N LYS C 30 -34.84 7.08 -14.00
CA LYS C 30 -34.50 7.51 -15.35
C LYS C 30 -33.53 8.72 -15.38
N LEU C 31 -33.86 9.81 -14.68
CA LEU C 31 -33.02 10.99 -14.79
C LEU C 31 -31.64 10.83 -14.14
N LYS C 32 -31.54 9.99 -13.12
CA LYS C 32 -30.22 9.68 -12.57
C LYS C 32 -29.45 8.82 -13.56
N GLY C 33 -30.11 8.36 -14.60
CA GLY C 33 -29.42 7.67 -15.67
C GLY C 33 -28.43 8.59 -16.36
N ILE C 34 -28.84 9.83 -16.58
CA ILE C 34 -27.98 10.80 -17.24
C ILE C 34 -26.74 11.10 -16.40
N ARG C 35 -26.94 11.37 -15.13
CA ARG C 35 -25.83 11.61 -14.21
C ARG C 35 -24.89 10.41 -14.23
N THR C 36 -25.46 9.22 -14.11
CA THR C 36 -24.72 7.98 -14.08
C THR C 36 -23.81 7.87 -15.29
N LEU C 37 -24.28 8.39 -16.40
CA LEU C 37 -23.64 8.18 -17.68
C LEU C 37 -22.46 9.12 -17.84
N TYR C 38 -22.51 10.26 -17.17
CA TYR C 38 -21.47 11.24 -17.29
C TYR C 38 -20.31 10.96 -16.35
N GLU C 39 -20.43 9.91 -15.55
CA GLU C 39 -19.36 9.54 -14.64
C GLU C 39 -18.28 8.78 -15.37
N TYR C 40 -18.70 7.97 -16.34
CA TYR C 40 -17.77 7.26 -17.20
C TYR C 40 -17.11 8.29 -18.10
N GLU C 41 -17.78 8.62 -19.21
CA GLU C 41 -17.33 9.71 -20.07
C GLU C 41 -17.17 10.98 -19.24
N ASP C 42 -16.14 10.97 -18.41
CA ASP C 42 -16.10 11.88 -17.28
C ASP C 42 -15.71 13.32 -17.58
N ASP C 43 -16.72 14.09 -17.98
CA ASP C 43 -16.65 15.53 -17.84
C ASP C 43 -17.65 15.82 -16.74
N HIS C 44 -18.00 17.08 -16.58
CA HIS C 44 -18.91 17.46 -15.52
C HIS C 44 -20.37 17.22 -15.98
N SER C 45 -21.11 16.43 -15.20
CA SER C 45 -22.48 16.05 -15.54
C SER C 45 -23.44 17.22 -15.48
N PRO C 46 -24.32 17.34 -16.46
CA PRO C 46 -25.23 18.47 -16.40
C PRO C 46 -26.27 18.33 -15.29
N ILE C 47 -26.35 17.16 -14.66
CA ILE C 47 -27.23 16.97 -13.50
C ILE C 47 -26.42 16.68 -12.23
N GLU C 48 -26.64 17.49 -11.20
CA GLU C 48 -25.98 17.29 -9.91
C GLU C 48 -26.85 16.40 -8.97
N PHE C 49 -28.13 16.74 -8.84
CA PHE C 49 -29.04 15.97 -8.01
C PHE C 49 -30.43 15.84 -8.65
N VAL C 50 -31.14 14.79 -8.29
CA VAL C 50 -32.51 14.62 -8.73
C VAL C 50 -33.40 14.24 -7.58
N THR C 51 -34.36 15.09 -7.26
CA THR C 51 -35.28 14.79 -6.18
C THR C 51 -36.70 14.84 -6.70
N GLY C 52 -37.61 14.34 -5.88
CA GLY C 52 -38.96 14.12 -6.33
C GLY C 52 -39.84 13.97 -5.12
N ARG C 53 -41.05 14.47 -5.24
CA ARG C 53 -41.97 14.43 -4.13
C ARG C 53 -43.39 14.31 -4.68
N VAL C 54 -44.26 13.76 -3.85
CA VAL C 54 -45.65 13.78 -4.17
C VAL C 54 -46.21 14.76 -3.18
N LYS C 55 -47.12 15.61 -3.64
CA LYS C 55 -47.70 16.62 -2.79
C LYS C 55 -48.50 15.92 -1.69
N PRO C 56 -48.44 16.45 -0.46
CA PRO C 56 -49.24 15.87 0.63
C PRO C 56 -50.70 16.29 0.47
N VAL C 57 -51.63 15.39 0.79
CA VAL C 57 -53.06 15.64 0.61
C VAL C 57 -53.48 17.01 1.13
N ALA C 58 -52.96 17.37 2.29
CA ALA C 58 -53.20 18.68 2.87
C ALA C 58 -52.93 19.80 1.84
N SER C 59 -51.75 19.79 1.25
CA SER C 59 -51.37 20.83 0.28
C SER C 59 -52.13 20.73 -1.04
N ILE C 60 -52.54 19.51 -1.38
CA ILE C 60 -53.36 19.30 -2.58
C ILE C 60 -54.71 19.99 -2.43
N LEU C 61 -55.38 19.73 -1.31
CA LEU C 61 -56.64 20.40 -1.02
C LEU C 61 -56.48 21.91 -0.90
N GLU C 62 -55.47 22.35 -0.16
CA GLU C 62 -55.21 23.77 -0.03
C GLU C 62 -54.95 24.47 -1.36
N LYS C 63 -54.00 23.95 -2.15
CA LYS C 63 -53.72 24.54 -3.45
C LYS C 63 -54.98 24.58 -4.30
N ALA C 64 -55.80 23.52 -4.19
CA ALA C 64 -57.09 23.45 -4.88
C ALA C 64 -57.98 24.63 -4.52
N ARG C 65 -58.20 24.85 -3.23
CA ARG C 65 -59.04 25.95 -2.75
C ARG C 65 -58.68 27.28 -3.39
N ARG C 66 -57.42 27.67 -3.25
CA ARG C 66 -56.95 28.98 -3.67
C ARG C 66 -56.72 29.10 -5.16
N LYS C 67 -57.29 28.18 -5.93
CA LYS C 67 -57.23 28.26 -7.39
C LYS C 67 -58.55 27.81 -8.01
N SER C 68 -59.61 27.88 -7.21
CA SER C 68 -60.89 27.21 -7.53
C SER C 68 -60.67 25.70 -7.65
N ILE C 69 -60.51 25.20 -8.88
CA ILE C 69 -60.34 23.77 -9.16
C ILE C 69 -61.29 22.86 -8.40
N PRO C 70 -62.33 22.37 -9.07
CA PRO C 70 -63.32 21.51 -8.42
C PRO C 70 -62.67 20.19 -8.01
N LEU C 71 -62.97 19.71 -6.80
CA LEU C 71 -62.33 18.51 -6.28
C LEU C 71 -62.55 17.25 -7.10
N HIS C 72 -63.27 17.35 -8.21
CA HIS C 72 -63.42 16.22 -9.10
C HIS C 72 -62.49 16.41 -10.30
N GLU C 73 -61.81 17.54 -10.33
CA GLU C 73 -60.88 17.87 -11.40
C GLU C 73 -59.48 18.27 -10.93
N ILE C 74 -59.04 17.72 -9.81
CA ILE C 74 -57.70 17.99 -9.34
C ILE C 74 -56.67 17.11 -10.05
N GLU C 75 -57.08 16.41 -11.10
CA GLU C 75 -56.12 15.66 -11.91
C GLU C 75 -55.48 16.67 -12.84
N THR C 76 -56.16 17.79 -13.00
CA THR C 76 -55.66 18.86 -13.85
C THR C 76 -54.62 19.69 -13.10
N MET C 77 -54.56 19.52 -11.78
CA MET C 77 -53.51 20.16 -10.99
C MET C 77 -52.17 19.58 -11.45
N GLN C 78 -51.26 20.45 -11.89
CA GLN C 78 -50.06 20.04 -12.63
C GLN C 78 -48.89 19.51 -11.78
N ASP C 79 -48.88 19.84 -10.50
CA ASP C 79 -47.72 19.47 -9.70
C ASP C 79 -48.04 18.56 -8.52
N ILE C 80 -48.97 17.63 -8.70
CA ILE C 80 -49.20 16.64 -7.67
C ILE C 80 -47.93 15.82 -7.54
N ALA C 81 -47.42 15.36 -8.68
CA ALA C 81 -46.12 14.68 -8.74
C ALA C 81 -45.09 15.66 -9.25
N GLY C 82 -43.93 15.70 -8.62
CA GLY C 82 -42.90 16.61 -9.09
C GLY C 82 -41.49 16.13 -8.88
N LEU C 83 -40.64 16.43 -9.86
CA LEU C 83 -39.22 16.22 -9.73
C LEU C 83 -38.45 17.52 -9.81
N ARG C 84 -37.38 17.59 -9.05
CA ARG C 84 -36.51 18.74 -9.07
C ARG C 84 -35.13 18.29 -9.57
N ILE C 85 -34.58 19.03 -10.52
CA ILE C 85 -33.27 18.71 -11.07
C ILE C 85 -32.34 19.86 -10.79
N MET C 86 -31.10 19.55 -10.40
CA MET C 86 -30.14 20.55 -9.92
C MET C 86 -28.83 20.56 -10.70
N CYS C 87 -28.46 21.75 -11.18
CA CYS C 87 -27.33 21.92 -12.10
C CYS C 87 -26.32 22.97 -11.59
N GLN C 88 -25.06 22.78 -11.92
CA GLN C 88 -24.01 23.71 -11.50
C GLN C 88 -24.22 25.03 -12.20
N PHE C 89 -24.57 24.96 -13.48
CA PHE C 89 -24.55 26.10 -14.35
C PHE C 89 -25.87 26.25 -15.09
N VAL C 90 -26.21 27.48 -15.45
CA VAL C 90 -27.42 27.74 -16.23
C VAL C 90 -27.25 27.10 -17.60
N ASP C 91 -26.01 26.98 -18.04
CA ASP C 91 -25.73 26.32 -19.29
C ASP C 91 -26.20 24.87 -19.22
N ASP C 92 -26.03 24.27 -18.05
CA ASP C 92 -26.36 22.87 -17.81
C ASP C 92 -27.86 22.66 -17.91
N ILE C 93 -28.61 23.65 -17.45
CA ILE C 93 -30.07 23.62 -17.56
C ILE C 93 -30.54 23.43 -19.00
N GLN C 94 -29.92 24.14 -19.93
CA GLN C 94 -30.35 24.12 -21.33
C GLN C 94 -30.19 22.71 -21.89
N ILE C 95 -29.02 22.13 -21.64
CA ILE C 95 -28.76 20.74 -21.98
C ILE C 95 -29.83 19.81 -21.41
N VAL C 96 -30.13 19.95 -20.12
CA VAL C 96 -31.15 19.11 -19.52
C VAL C 96 -32.50 19.36 -20.15
N LYS C 97 -32.79 20.61 -20.48
CA LYS C 97 -34.05 20.96 -21.13
C LYS C 97 -34.15 20.23 -22.48
N GLU C 98 -33.07 20.28 -23.25
CA GLU C 98 -33.09 19.69 -24.58
C GLU C 98 -33.17 18.18 -24.50
N MET C 99 -32.67 17.60 -23.42
CA MET C 99 -32.72 16.16 -23.29
C MET C 99 -34.17 15.72 -23.08
N LEU C 100 -34.86 16.42 -22.19
CA LEU C 100 -36.25 16.11 -21.87
C LEU C 100 -37.18 16.20 -23.09
N PHE C 101 -37.03 17.26 -23.87
CA PHE C 101 -37.84 17.43 -25.07
C PHE C 101 -37.56 16.31 -26.08
N ALA C 102 -36.40 15.67 -25.98
CA ALA C 102 -36.04 14.64 -26.95
C ALA C 102 -36.53 13.25 -26.54
N ARG C 103 -36.94 13.09 -25.28
CA ARG C 103 -37.31 11.78 -24.77
C ARG C 103 -38.62 11.26 -25.37
N LYS C 104 -38.71 9.95 -25.57
CA LYS C 104 -39.93 9.36 -26.09
C LYS C 104 -40.81 8.76 -24.99
N ASP C 105 -40.26 8.55 -23.81
CA ASP C 105 -41.04 7.94 -22.72
C ASP C 105 -42.12 8.86 -22.18
N PHE C 106 -42.15 10.11 -22.61
CA PHE C 106 -43.24 11.01 -22.21
C PHE C 106 -43.42 12.19 -23.16
N THR C 107 -44.19 13.20 -22.73
CA THR C 107 -44.61 14.28 -23.60
C THR C 107 -44.68 15.58 -22.84
N VAL C 108 -43.98 16.60 -23.33
CA VAL C 108 -44.08 17.91 -22.71
C VAL C 108 -45.40 18.54 -23.11
N VAL C 109 -46.12 19.09 -22.14
CA VAL C 109 -47.38 19.77 -22.42
C VAL C 109 -47.46 21.19 -21.89
N ASP C 110 -46.51 21.59 -21.05
CA ASP C 110 -46.49 22.96 -20.60
C ASP C 110 -45.12 23.33 -20.07
N GLN C 111 -44.73 24.58 -20.25
CA GLN C 111 -43.49 25.07 -19.66
C GLN C 111 -43.64 26.48 -19.19
N ARG C 112 -42.97 26.79 -18.09
CA ARG C 112 -42.98 28.12 -17.53
C ARG C 112 -41.56 28.50 -17.18
N ASP C 113 -40.97 29.37 -17.96
CA ASP C 113 -39.57 29.73 -17.77
C ASP C 113 -39.43 30.90 -16.80
N TYR C 114 -39.18 30.59 -15.54
CA TYR C 114 -38.99 31.63 -14.54
C TYR C 114 -37.52 31.91 -14.32
N ILE C 115 -36.65 31.46 -15.22
CA ILE C 115 -35.27 31.89 -15.17
C ILE C 115 -35.13 33.15 -16.01
N ALA C 116 -35.68 33.11 -17.21
CA ALA C 116 -35.81 34.28 -18.08
C ALA C 116 -36.53 35.42 -17.36
N GLU C 117 -37.73 35.14 -16.83
CA GLU C 117 -38.53 36.13 -16.10
C GLU C 117 -38.89 35.64 -14.71
N HIS C 118 -38.01 35.86 -13.74
CA HIS C 118 -38.28 35.47 -12.35
C HIS C 118 -39.59 36.03 -11.86
N LYS C 119 -40.26 35.29 -10.98
CA LYS C 119 -41.52 35.71 -10.41
C LYS C 119 -41.29 36.96 -9.59
N GLU C 120 -42.38 37.57 -9.13
CA GLU C 120 -42.29 38.82 -8.37
C GLU C 120 -41.52 38.61 -7.08
N SER C 121 -41.61 37.40 -6.53
CA SER C 121 -40.98 37.10 -5.25
C SER C 121 -39.47 36.99 -5.41
N GLY C 122 -39.04 36.81 -6.66
CA GLY C 122 -37.63 36.59 -6.93
C GLY C 122 -37.33 35.17 -7.36
N TYR C 123 -38.26 34.26 -7.10
CA TYR C 123 -38.08 32.87 -7.44
C TYR C 123 -37.62 32.63 -8.88
N ARG C 124 -36.51 31.89 -9.04
CA ARG C 124 -36.05 31.49 -10.37
C ARG C 124 -36.03 29.96 -10.50
N SER C 125 -36.48 29.47 -11.65
CA SER C 125 -36.46 28.04 -11.99
C SER C 125 -37.12 27.81 -13.33
N TYR C 126 -36.61 26.85 -14.09
CA TYR C 126 -37.30 26.37 -15.29
C TYR C 126 -38.33 25.27 -14.95
N HIS C 127 -39.59 25.52 -15.25
CA HIS C 127 -40.64 24.57 -14.93
C HIS C 127 -41.20 23.91 -16.17
N LEU C 128 -41.03 22.59 -16.25
CA LEU C 128 -41.49 21.82 -17.39
C LEU C 128 -42.55 20.81 -16.96
N VAL C 129 -43.70 20.78 -17.62
CA VAL C 129 -44.75 19.82 -17.29
C VAL C 129 -44.84 18.67 -18.29
N VAL C 130 -44.79 17.45 -17.80
CA VAL C 130 -44.87 16.29 -18.69
C VAL C 130 -46.11 15.42 -18.42
N LEU C 131 -46.47 14.64 -19.43
CA LEU C 131 -47.56 13.69 -19.32
C LEU C 131 -46.89 12.34 -19.34
N TYR C 132 -46.95 11.65 -18.21
CA TYR C 132 -46.21 10.41 -18.06
C TYR C 132 -47.13 9.23 -18.15
N PRO C 133 -46.84 8.30 -19.06
CA PRO C 133 -47.69 7.13 -19.23
C PRO C 133 -47.34 6.05 -18.20
N LEU C 134 -48.36 5.48 -17.59
CA LEU C 134 -48.18 4.52 -16.53
C LEU C 134 -48.99 3.28 -16.83
N GLN C 135 -48.31 2.14 -16.97
CA GLN C 135 -49.02 0.87 -17.09
C GLN C 135 -49.64 0.52 -15.74
N THR C 136 -50.86 0.02 -15.78
CA THR C 136 -51.58 -0.31 -14.55
C THR C 136 -52.19 -1.69 -14.69
N VAL C 137 -53.13 -2.00 -13.81
CA VAL C 137 -53.83 -3.28 -13.84
C VAL C 137 -55.08 -3.13 -14.70
N SER C 138 -55.62 -1.92 -14.77
CA SER C 138 -56.75 -1.60 -15.64
C SER C 138 -56.31 -1.62 -17.10
N GLY C 139 -55.59 -0.57 -17.49
CA GLY C 139 -54.98 -0.47 -18.80
C GLY C 139 -53.75 0.41 -18.71
N GLU C 140 -53.85 1.61 -19.27
CA GLU C 140 -52.74 2.57 -19.23
C GLU C 140 -53.21 3.95 -18.77
N LYS C 141 -52.63 4.43 -17.67
CA LYS C 141 -53.00 5.72 -17.09
C LYS C 141 -51.99 6.81 -17.48
N HIS C 142 -52.43 8.05 -17.59
CA HIS C 142 -51.49 9.16 -17.81
C HIS C 142 -51.55 10.13 -16.65
N VAL C 143 -50.39 10.65 -16.27
CA VAL C 143 -50.30 11.56 -15.14
C VAL C 143 -49.42 12.75 -15.46
N LEU C 144 -49.80 13.91 -14.91
CA LEU C 144 -49.00 15.13 -15.04
C LEU C 144 -47.96 15.17 -13.94
N VAL C 145 -46.71 15.39 -14.35
CA VAL C 145 -45.59 15.46 -13.44
C VAL C 145 -44.81 16.72 -13.76
N GLU C 146 -44.59 17.57 -12.77
CA GLU C 146 -43.88 18.83 -13.02
C GLU C 146 -42.40 18.66 -12.76
N ILE C 147 -41.59 18.86 -13.78
CA ILE C 147 -40.14 18.80 -13.61
C ILE C 147 -39.60 20.22 -13.39
N GLN C 148 -38.91 20.43 -12.28
CA GLN C 148 -38.34 21.75 -11.98
C GLN C 148 -36.84 21.69 -12.15
N ILE C 149 -36.28 22.67 -12.86
CA ILE C 149 -34.84 22.67 -13.07
C ILE C 149 -34.25 23.97 -12.56
N ARG C 150 -33.17 23.86 -11.78
CA ARG C 150 -32.56 25.04 -11.18
C ARG C 150 -31.09 24.80 -10.91
N THR C 151 -30.34 25.88 -10.71
CA THR C 151 -28.94 25.76 -10.30
C THR C 151 -28.82 25.60 -8.77
N LEU C 152 -27.65 25.13 -8.33
CA LEU C 152 -27.34 25.10 -6.91
C LEU C 152 -27.67 26.42 -6.26
N ALA C 153 -27.46 27.51 -6.99
CA ALA C 153 -27.60 28.83 -6.42
C ALA C 153 -29.08 29.19 -6.25
N MET C 154 -29.89 28.87 -7.27
CA MET C 154 -31.31 29.16 -7.16
C MET C 154 -31.93 28.22 -6.16
N ASN C 155 -31.37 27.03 -6.06
CA ASN C 155 -31.88 26.06 -5.11
C ASN C 155 -31.64 26.51 -3.68
N PHE C 156 -30.54 27.22 -3.50
CA PHE C 156 -30.18 27.81 -2.21
C PHE C 156 -31.25 28.81 -1.77
N TRP C 157 -31.56 29.76 -2.65
CA TRP C 157 -32.56 30.79 -2.37
C TRP C 157 -33.93 30.21 -2.14
N ALA C 158 -34.31 29.30 -3.03
CA ALA C 158 -35.66 28.79 -3.08
C ALA C 158 -36.00 28.00 -1.82
N THR C 159 -35.07 27.16 -1.39
CA THR C 159 -35.25 26.32 -0.20
C THR C 159 -35.50 27.20 1.03
N ILE C 160 -34.66 28.22 1.19
CA ILE C 160 -34.73 29.11 2.34
C ILE C 160 -35.93 30.04 2.30
N GLU C 161 -36.23 30.61 1.14
CA GLU C 161 -37.40 31.45 1.07
C GLU C 161 -38.67 30.62 1.28
N HIS C 162 -38.67 29.40 0.76
CA HIS C 162 -39.87 28.58 0.81
C HIS C 162 -40.18 28.20 2.23
N SER C 163 -39.16 27.88 3.00
CA SER C 163 -39.34 27.48 4.39
C SER C 163 -39.91 28.63 5.23
N LEU C 164 -39.28 29.80 5.11
CA LEU C 164 -39.76 31.03 5.74
C LEU C 164 -41.24 31.28 5.41
N ASN C 165 -41.61 31.23 4.13
CA ASN C 165 -43.02 31.37 3.76
C ASN C 165 -43.93 30.33 4.44
N TYR C 166 -43.41 29.14 4.74
CA TYR C 166 -44.24 28.04 5.24
C TYR C 166 -44.72 28.22 6.68
N LYS C 167 -44.08 29.12 7.43
CA LYS C 167 -44.68 29.72 8.63
C LYS C 167 -45.68 30.83 8.20
N SER C 169 -46.94 30.45 8.00
CA SER C 169 -47.99 31.38 7.55
C SER C 169 -47.59 32.16 6.29
N GLY C 170 -46.93 33.30 6.49
CA GLY C 170 -46.47 34.10 5.38
C GLY C 170 -46.68 35.59 5.58
N ASN C 171 -46.37 36.07 6.79
CA ASN C 171 -46.57 37.47 7.14
C ASN C 171 -45.46 38.01 8.02
N GLU C 174 -42.41 41.81 5.25
CA GLU C 174 -42.94 43.04 4.66
C GLU C 174 -41.84 43.86 3.97
N LYS C 175 -40.88 44.31 4.76
CA LYS C 175 -39.64 44.86 4.24
C LYS C 175 -38.72 43.66 4.10
N VAL C 176 -39.02 42.62 4.87
CA VAL C 176 -38.33 41.33 4.74
C VAL C 176 -38.40 40.83 3.31
N LYS C 177 -39.61 40.82 2.75
CA LYS C 177 -39.83 40.44 1.35
C LYS C 177 -38.90 41.13 0.34
N LEU C 178 -38.68 42.44 0.50
CA LEU C 178 -37.80 43.13 -0.44
C LEU C 178 -36.34 42.73 -0.28
N ARG C 179 -35.96 42.35 0.93
CA ARG C 179 -34.60 41.84 1.14
C ARG C 179 -34.45 40.48 0.47
N LEU C 180 -35.53 39.69 0.49
CA LEU C 180 -35.56 38.37 -0.15
C LEU C 180 -35.47 38.56 -1.63
N GLN C 181 -36.19 39.55 -2.15
CA GLN C 181 -36.08 39.95 -3.55
C GLN C 181 -34.64 40.24 -3.95
N ARG C 182 -34.00 41.18 -3.26
CA ARG C 182 -32.61 41.48 -3.56
C ARG C 182 -31.72 40.25 -3.41
N ALA C 183 -32.01 39.42 -2.41
CA ALA C 183 -31.21 38.21 -2.20
C ALA C 183 -31.20 37.32 -3.45
N SER C 184 -32.36 37.18 -4.09
CA SER C 184 -32.43 36.44 -5.33
C SER C 184 -31.50 37.05 -6.36
N GLU C 185 -31.47 38.38 -6.38
CA GLU C 185 -30.63 39.09 -7.33
C GLU C 185 -29.14 38.86 -7.10
N ALA C 186 -28.75 38.77 -5.83
CA ALA C 186 -27.37 38.50 -5.48
C ALA C 186 -26.99 37.13 -5.98
N ALA C 187 -27.87 36.16 -5.74
CA ALA C 187 -27.62 34.80 -6.14
C ALA C 187 -27.48 34.68 -7.65
N SER C 188 -28.36 35.36 -8.35
CA SER C 188 -28.28 35.38 -9.80
C SER C 188 -26.90 35.85 -10.26
N ARG C 189 -26.40 36.92 -9.63
CA ARG C 189 -25.10 37.46 -9.95
C ARG C 189 -23.95 36.50 -9.63
N LEU C 190 -24.04 35.80 -8.50
CA LEU C 190 -23.10 34.72 -8.15
C LEU C 190 -23.10 33.62 -9.19
N ASP C 191 -24.29 33.32 -9.70
CA ASP C 191 -24.42 32.40 -10.79
C ASP C 191 -23.70 32.92 -12.01
N GLU C 192 -23.98 34.17 -12.39
CA GLU C 192 -23.31 34.79 -13.53
C GLU C 192 -21.79 34.80 -13.37
N GLU C 193 -21.33 35.18 -12.19
CA GLU C 193 -19.90 35.27 -11.96
C GLU C 193 -19.22 33.91 -12.13
N MET C 194 -19.89 32.84 -11.74
CA MET C 194 -19.32 31.51 -11.87
C MET C 194 -19.29 31.01 -13.32
N SER C 195 -20.25 31.47 -14.12
CA SER C 195 -20.27 31.16 -15.55
C SER C 195 -19.09 31.83 -16.24
N GLU C 196 -18.86 33.10 -15.91
CA GLU C 196 -17.73 33.83 -16.43
C GLU C 196 -16.42 33.12 -16.07
N ILE C 197 -16.23 32.85 -14.79
CA ILE C 197 -15.06 32.12 -14.32
C ILE C 197 -14.86 30.80 -15.09
N ARG C 198 -15.96 30.19 -15.52
CA ARG C 198 -15.88 28.94 -16.26
C ARG C 198 -15.21 29.10 -17.62
N GLY C 199 -15.82 29.89 -18.49
CA GLY C 199 -15.26 30.11 -19.82
C GLY C 199 -13.87 30.72 -19.80
N GLU C 200 -13.57 31.45 -18.72
CA GLU C 200 -12.25 31.98 -18.49
C GLU C 200 -11.16 30.92 -18.28
N VAL C 201 -11.45 29.86 -17.52
CA VAL C 201 -10.44 28.83 -17.26
C VAL C 201 -9.91 28.18 -18.53
N ALA C 206 -12.21 27.70 -20.69
CA ALA C 206 -11.65 27.68 -22.04
C ALA C 206 -10.17 28.08 -22.09
N ALA C 207 -9.92 29.38 -22.16
CA ALA C 207 -8.58 29.98 -22.30
C ALA C 207 -7.37 29.15 -21.80
N ASP D 10 56.62 -8.82 13.09
CA ASP D 10 57.51 -9.06 11.96
C ASP D 10 57.35 -7.98 10.88
N LYS D 11 56.96 -6.78 11.31
CA LYS D 11 56.58 -5.67 10.43
C LYS D 11 57.46 -5.36 9.19
N GLN D 12 58.51 -6.14 8.95
CA GLN D 12 59.27 -5.99 7.71
C GLN D 12 58.39 -6.41 6.51
N TRP D 13 57.59 -7.45 6.72
CA TRP D 13 56.66 -7.95 5.73
C TRP D 13 55.39 -7.12 5.62
N GLU D 14 54.95 -6.58 6.75
CA GLU D 14 53.73 -5.79 6.78
C GLU D 14 53.82 -4.64 5.80
N ARG D 15 55.04 -4.12 5.59
CA ARG D 15 55.24 -3.01 4.66
C ARG D 15 55.51 -3.51 3.24
N PHE D 16 55.94 -4.77 3.15
CA PHE D 16 56.09 -5.42 1.84
C PHE D 16 54.73 -5.67 1.21
N LEU D 17 53.81 -6.24 1.96
CA LEU D 17 52.52 -6.66 1.42
C LEU D 17 51.51 -5.53 1.17
N VAL D 18 51.77 -4.35 1.73
CA VAL D 18 50.83 -3.24 1.59
C VAL D 18 50.47 -2.90 0.14
N PRO D 19 51.47 -2.81 -0.75
CA PRO D 19 51.10 -2.64 -2.17
C PRO D 19 50.27 -3.76 -2.81
N TYR D 20 50.47 -5.01 -2.39
CA TYR D 20 49.67 -6.11 -2.95
C TYR D 20 48.22 -6.05 -2.48
N ARG D 21 48.01 -5.68 -1.21
CA ARG D 21 46.66 -5.55 -0.68
C ARG D 21 45.93 -4.45 -1.44
N GLN D 22 46.63 -3.34 -1.64
CA GLN D 22 46.09 -2.20 -2.35
C GLN D 22 45.70 -2.59 -3.77
N ALA D 23 46.55 -3.37 -4.41
CA ALA D 23 46.32 -3.87 -5.76
C ALA D 23 45.10 -4.76 -5.84
N VAL D 24 44.95 -5.64 -4.85
CA VAL D 24 43.82 -6.53 -4.82
C VAL D 24 42.51 -5.77 -4.61
N GLU D 25 42.50 -4.86 -3.65
CA GLU D 25 41.31 -4.05 -3.43
C GLU D 25 40.89 -3.23 -4.64
N GLU D 26 41.84 -2.74 -5.43
CA GLU D 26 41.49 -1.91 -6.59
C GLU D 26 40.86 -2.77 -7.67
N LEU D 27 41.52 -3.88 -7.99
CA LEU D 27 41.04 -4.79 -9.01
C LEU D 27 39.72 -5.40 -8.57
N LYS D 28 39.60 -5.65 -7.27
CA LYS D 28 38.31 -6.04 -6.71
C LYS D 28 37.20 -5.08 -7.12
N VAL D 29 37.39 -3.78 -6.91
CA VAL D 29 36.38 -2.78 -7.23
C VAL D 29 36.16 -2.63 -8.72
N LYS D 30 37.24 -2.64 -9.49
CA LYS D 30 37.11 -2.57 -10.94
C LYS D 30 36.27 -3.74 -11.50
N LEU D 31 36.70 -4.97 -11.21
CA LEU D 31 36.02 -6.13 -11.80
C LEU D 31 34.59 -6.28 -11.33
N LYS D 32 34.29 -5.82 -10.13
CA LYS D 32 32.91 -5.82 -9.67
C LYS D 32 32.06 -4.85 -10.49
N GLY D 33 32.71 -3.87 -11.10
CA GLY D 33 31.99 -2.88 -11.88
C GLY D 33 31.38 -3.53 -13.10
N ILE D 34 32.09 -4.51 -13.65
CA ILE D 34 31.57 -5.24 -14.78
C ILE D 34 30.26 -5.89 -14.40
N ARG D 35 30.24 -6.56 -13.25
CA ARG D 35 29.04 -7.24 -12.77
C ARG D 35 27.88 -6.25 -12.63
N THR D 36 28.15 -5.12 -11.99
CA THR D 36 27.16 -4.06 -11.83
C THR D 36 26.50 -3.73 -13.15
N LEU D 37 27.31 -3.56 -14.19
CA LEU D 37 26.79 -3.18 -15.50
C LEU D 37 25.69 -4.10 -16.00
N TYR D 38 25.92 -5.40 -15.87
CA TYR D 38 24.96 -6.37 -16.37
C TYR D 38 23.69 -6.49 -15.52
N GLU D 39 23.67 -5.89 -14.34
CA GLU D 39 22.51 -5.95 -13.44
C GLU D 39 21.29 -5.33 -14.08
N TYR D 40 21.53 -4.33 -14.91
CA TYR D 40 20.44 -3.60 -15.51
C TYR D 40 19.98 -4.32 -16.78
N GLU D 41 20.60 -5.48 -17.03
CA GLU D 41 20.66 -6.00 -18.39
C GLU D 41 20.03 -7.33 -18.69
N ASP D 42 19.17 -7.83 -17.80
CA ASP D 42 18.21 -8.88 -18.21
C ASP D 42 18.87 -10.24 -18.55
N ASP D 43 20.14 -10.20 -18.94
CA ASP D 43 20.94 -11.40 -19.11
C ASP D 43 21.92 -11.48 -17.94
N HIS D 44 22.34 -12.70 -17.63
CA HIS D 44 23.20 -12.92 -16.50
C HIS D 44 24.57 -12.36 -16.82
N SER D 45 25.12 -11.63 -15.86
CA SER D 45 26.47 -11.14 -15.90
C SER D 45 27.40 -12.32 -16.09
N PRO D 46 28.44 -12.13 -16.91
CA PRO D 46 29.44 -13.20 -17.02
C PRO D 46 30.24 -13.38 -15.73
N ILE D 47 30.07 -12.47 -14.77
CA ILE D 47 30.74 -12.56 -13.49
C ILE D 47 29.74 -12.70 -12.36
N GLU D 48 29.84 -13.78 -11.60
CA GLU D 48 28.97 -14.00 -10.46
C GLU D 48 29.59 -13.37 -9.20
N PHE D 49 30.86 -13.68 -8.95
CA PHE D 49 31.54 -13.23 -7.73
C PHE D 49 32.98 -12.89 -8.05
N VAL D 50 33.56 -12.03 -7.24
CA VAL D 50 34.94 -11.63 -7.42
C VAL D 50 35.52 -11.59 -6.05
N THR D 51 36.57 -12.36 -5.83
CA THR D 51 37.20 -12.33 -4.51
C THR D 51 38.69 -12.15 -4.64
N GLY D 52 39.30 -11.67 -3.57
CA GLY D 52 40.73 -11.44 -3.59
C GLY D 52 41.38 -11.89 -2.30
N ARG D 53 42.67 -12.19 -2.38
CA ARG D 53 43.43 -12.55 -1.19
C ARG D 53 44.85 -12.07 -1.38
N VAL D 54 45.58 -11.97 -0.27
CA VAL D 54 47.02 -11.80 -0.31
C VAL D 54 47.57 -12.99 0.44
N LYS D 55 48.62 -13.59 -0.10
CA LYS D 55 49.20 -14.78 0.48
C LYS D 55 49.72 -14.44 1.86
N PRO D 56 49.38 -15.28 2.86
CA PRO D 56 49.88 -15.12 4.22
C PRO D 56 51.40 -15.29 4.21
N VAL D 57 52.11 -14.52 5.03
CA VAL D 57 53.57 -14.47 4.98
C VAL D 57 54.19 -15.86 5.19
N ALA D 58 53.57 -16.63 6.07
CA ALA D 58 53.92 -18.04 6.22
C ALA D 58 53.89 -18.73 4.85
N SER D 59 52.77 -18.57 4.15
CA SER D 59 52.52 -19.27 2.88
C SER D 59 53.47 -18.84 1.78
N ILE D 60 53.97 -17.61 1.86
CA ILE D 60 54.98 -17.10 0.92
C ILE D 60 56.32 -17.83 1.07
N LEU D 61 56.71 -18.08 2.33
CA LEU D 61 57.98 -18.73 2.61
C LEU D 61 57.91 -20.18 2.20
N GLU D 62 56.81 -20.84 2.54
CA GLU D 62 56.61 -22.23 2.14
C GLU D 62 56.73 -22.39 0.62
N LYS D 63 56.12 -21.47 -0.12
CA LYS D 63 56.14 -21.54 -1.58
C LYS D 63 57.53 -21.33 -2.17
N ALA D 64 58.19 -20.25 -1.77
CA ALA D 64 59.50 -19.90 -2.31
C ALA D 64 60.57 -20.94 -1.94
N ARG D 65 60.37 -21.64 -0.83
CA ARG D 65 61.25 -22.73 -0.45
C ARG D 65 61.19 -23.86 -1.47
N ARG D 66 59.99 -24.43 -1.68
CA ARG D 66 59.86 -25.55 -2.62
C ARG D 66 60.14 -25.16 -4.06
N LYS D 67 59.77 -23.95 -4.46
CA LYS D 67 60.06 -23.52 -5.82
C LYS D 67 61.44 -22.91 -5.91
N SER D 68 62.24 -23.16 -4.87
CA SER D 68 63.58 -22.59 -4.69
C SER D 68 63.74 -21.16 -5.21
N ILE D 69 63.03 -20.24 -4.56
CA ILE D 69 63.07 -18.84 -4.95
C ILE D 69 63.93 -18.02 -3.99
N PRO D 70 64.92 -17.30 -4.54
CA PRO D 70 65.73 -16.37 -3.77
C PRO D 70 64.86 -15.27 -3.17
N LEU D 71 64.87 -15.20 -1.85
CA LEU D 71 64.05 -14.27 -1.09
C LEU D 71 64.35 -12.81 -1.43
N HIS D 72 65.42 -12.56 -2.17
CA HIS D 72 65.74 -11.21 -2.58
C HIS D 72 64.97 -10.90 -3.85
N GLU D 73 64.21 -11.88 -4.32
CA GLU D 73 63.42 -11.69 -5.52
C GLU D 73 62.11 -12.50 -5.54
N ILE D 74 61.41 -12.54 -4.41
CA ILE D 74 60.08 -13.13 -4.35
C ILE D 74 59.07 -12.23 -5.06
N GLU D 75 59.52 -11.05 -5.48
CA GLU D 75 58.66 -10.19 -6.28
C GLU D 75 58.20 -10.93 -7.53
N THR D 76 59.05 -11.82 -8.05
CA THR D 76 58.75 -12.55 -9.28
C THR D 76 57.87 -13.76 -9.04
N MET D 77 57.59 -14.03 -7.77
CA MET D 77 56.50 -14.93 -7.43
C MET D 77 55.24 -14.28 -7.98
N GLN D 78 54.38 -15.08 -8.60
CA GLN D 78 53.27 -14.52 -9.37
C GLN D 78 51.93 -14.39 -8.62
N ASP D 79 51.76 -15.08 -7.50
CA ASP D 79 50.47 -15.06 -6.86
C ASP D 79 50.49 -14.57 -5.42
N ILE D 80 51.31 -13.59 -5.10
CA ILE D 80 51.26 -13.00 -3.78
C ILE D 80 49.94 -12.24 -3.70
N ALA D 81 49.57 -11.65 -4.82
CA ALA D 81 48.26 -11.03 -4.96
C ALA D 81 47.41 -11.90 -5.88
N GLY D 82 46.22 -12.24 -5.43
CA GLY D 82 45.32 -13.00 -6.25
C GLY D 82 43.91 -12.46 -6.25
N LEU D 83 43.30 -12.49 -7.43
CA LEU D 83 41.86 -12.35 -7.57
C LEU D 83 41.29 -13.59 -8.19
N ARG D 84 40.05 -13.87 -7.80
CA ARG D 84 39.38 -15.06 -8.25
C ARG D 84 38.02 -14.65 -8.76
N ILE D 85 37.74 -15.02 -9.99
CA ILE D 85 36.49 -14.66 -10.64
C ILE D 85 35.67 -15.91 -10.92
N MET D 86 34.42 -15.91 -10.49
CA MET D 86 33.53 -17.06 -10.70
C MET D 86 32.46 -16.81 -11.75
N CYS D 87 32.26 -17.78 -12.64
CA CYS D 87 31.28 -17.69 -13.72
C CYS D 87 30.30 -18.86 -13.68
N GLN D 88 29.16 -18.73 -14.36
CA GLN D 88 28.20 -19.82 -14.42
C GLN D 88 28.67 -20.83 -15.45
N PHE D 89 29.17 -20.30 -16.54
CA PHE D 89 29.40 -21.06 -17.74
C PHE D 89 30.84 -20.89 -18.21
N VAL D 90 31.39 -21.91 -18.90
CA VAL D 90 32.72 -21.78 -19.47
C VAL D 90 32.72 -20.72 -20.57
N ASP D 91 31.58 -20.53 -21.23
CA ASP D 91 31.48 -19.44 -22.20
C ASP D 91 31.66 -18.08 -21.50
N ASP D 92 31.19 -17.97 -20.26
CA ASP D 92 31.33 -16.74 -19.50
C ASP D 92 32.79 -16.48 -19.16
N ILE D 93 33.56 -17.55 -19.01
CA ILE D 93 35.00 -17.44 -18.80
C ILE D 93 35.69 -16.79 -20.00
N GLN D 94 35.27 -17.17 -21.20
CA GLN D 94 35.85 -16.63 -22.43
C GLN D 94 35.60 -15.12 -22.55
N ILE D 95 34.36 -14.69 -22.29
CA ILE D 95 34.03 -13.27 -22.28
C ILE D 95 34.87 -12.53 -21.26
N VAL D 96 34.95 -13.04 -20.04
CA VAL D 96 35.73 -12.36 -19.02
C VAL D 96 37.20 -12.34 -19.41
N LYS D 97 37.67 -13.45 -19.97
CA LYS D 97 39.03 -13.50 -20.50
C LYS D 97 39.25 -12.38 -21.53
N GLU D 98 38.34 -12.27 -22.50
CA GLU D 98 38.48 -11.24 -23.52
C GLU D 98 38.45 -9.83 -22.95
N MET D 99 37.57 -9.57 -21.98
CA MET D 99 37.49 -8.24 -21.38
C MET D 99 38.83 -7.85 -20.78
N LEU D 100 39.43 -8.79 -20.05
CA LEU D 100 40.71 -8.57 -19.39
C LEU D 100 41.89 -8.35 -20.34
N PHE D 101 41.89 -9.01 -21.49
CA PHE D 101 42.97 -8.81 -22.45
C PHE D 101 42.79 -7.46 -23.14
N ALA D 102 41.66 -6.82 -22.94
CA ALA D 102 41.42 -5.54 -23.59
C ALA D 102 41.72 -4.37 -22.65
N ARG D 103 41.58 -4.59 -21.35
CA ARG D 103 41.76 -3.51 -20.40
C ARG D 103 43.15 -2.89 -20.47
N LYS D 104 43.20 -1.56 -20.42
CA LYS D 104 44.45 -0.83 -20.54
C LYS D 104 45.03 -0.43 -19.19
N ASP D 105 44.31 -0.72 -18.13
CA ASP D 105 44.74 -0.30 -16.81
C ASP D 105 45.66 -1.32 -16.17
N PHE D 106 46.01 -2.35 -16.93
CA PHE D 106 47.11 -3.26 -16.61
C PHE D 106 47.52 -4.01 -17.88
N THR D 107 48.52 -4.88 -17.76
CA THR D 107 48.96 -5.62 -18.93
C THR D 107 49.17 -7.06 -18.54
N VAL D 108 48.88 -7.96 -19.48
CA VAL D 108 48.95 -9.40 -19.26
C VAL D 108 50.35 -9.93 -19.49
N VAL D 109 50.93 -10.57 -18.51
CA VAL D 109 52.26 -11.12 -18.71
C VAL D 109 52.33 -12.64 -18.92
N ASP D 110 51.36 -13.39 -18.41
CA ASP D 110 51.44 -14.85 -18.51
C ASP D 110 50.06 -15.50 -18.30
N GLN D 111 49.85 -16.69 -18.87
CA GLN D 111 48.55 -17.35 -18.74
C GLN D 111 48.68 -18.87 -18.72
N ARG D 112 47.97 -19.49 -17.78
CA ARG D 112 47.91 -20.95 -17.70
C ARG D 112 46.48 -21.42 -17.69
N ASP D 113 46.07 -22.05 -18.79
CA ASP D 113 44.73 -22.61 -18.92
C ASP D 113 44.64 -24.03 -18.39
N TYR D 114 44.36 -24.18 -17.10
CA TYR D 114 44.16 -25.51 -16.54
C TYR D 114 42.72 -26.01 -16.70
N ILE D 115 41.96 -25.38 -17.59
CA ILE D 115 40.64 -25.88 -17.95
C ILE D 115 40.80 -26.74 -19.19
N ALA D 116 41.55 -26.21 -20.16
CA ALA D 116 41.94 -26.95 -21.34
C ALA D 116 42.75 -28.20 -20.97
N GLU D 117 43.78 -28.03 -20.16
CA GLU D 117 44.59 -29.17 -19.68
C GLU D 117 44.70 -29.15 -18.15
N HIS D 118 43.73 -29.78 -17.48
CA HIS D 118 43.68 -29.80 -16.02
C HIS D 118 44.93 -30.34 -15.36
N LYS D 119 45.13 -30.01 -14.09
CA LYS D 119 46.28 -30.51 -13.36
C LYS D 119 46.07 -31.98 -12.97
N GLU D 120 47.12 -32.61 -12.45
CA GLU D 120 47.05 -34.02 -12.10
C GLU D 120 45.95 -34.29 -11.08
N SER D 121 45.77 -33.35 -10.15
CA SER D 121 44.75 -33.51 -9.11
C SER D 121 43.37 -33.32 -9.70
N GLY D 122 43.29 -32.86 -10.94
CA GLY D 122 42.01 -32.61 -11.56
C GLY D 122 41.59 -31.16 -11.41
N TYR D 123 42.44 -30.39 -10.76
CA TYR D 123 42.20 -28.96 -10.64
C TYR D 123 41.98 -28.35 -12.01
N ARG D 124 40.92 -27.56 -12.12
CA ARG D 124 40.68 -26.76 -13.31
C ARG D 124 40.56 -25.29 -12.92
N SER D 125 41.17 -24.42 -13.71
CA SER D 125 40.94 -22.98 -13.67
C SER D 125 41.77 -22.33 -14.74
N TYR D 126 41.32 -21.18 -15.19
CA TYR D 126 42.12 -20.41 -16.11
C TYR D 126 42.86 -19.35 -15.31
N HIS D 127 44.18 -19.48 -15.22
CA HIS D 127 45.00 -18.51 -14.50
C HIS D 127 45.55 -17.48 -15.44
N LEU D 128 45.37 -16.22 -15.07
CA LEU D 128 45.82 -15.11 -15.86
C LEU D 128 46.68 -14.21 -14.96
N VAL D 129 47.89 -13.91 -15.40
CA VAL D 129 48.82 -13.15 -14.57
C VAL D 129 49.04 -11.77 -15.17
N VAL D 130 48.72 -10.74 -14.38
CA VAL D 130 48.84 -9.35 -14.84
C VAL D 130 49.85 -8.53 -14.04
N LEU D 131 50.38 -7.51 -14.72
CA LEU D 131 51.28 -6.56 -14.11
C LEU D 131 50.47 -5.31 -13.82
N TYR D 132 50.26 -5.00 -12.54
CA TYR D 132 49.37 -3.91 -12.15
C TYR D 132 50.12 -2.72 -11.61
N PRO D 133 49.96 -1.55 -12.26
CA PRO D 133 50.63 -0.32 -11.86
C PRO D 133 50.03 0.28 -10.59
N LEU D 134 50.82 0.29 -9.53
CA LEU D 134 50.35 0.90 -8.31
C LEU D 134 51.00 2.27 -8.11
N GLN D 135 50.20 3.29 -7.80
CA GLN D 135 50.77 4.57 -7.39
C GLN D 135 50.99 4.49 -5.89
N THR D 136 52.22 4.78 -5.46
CA THR D 136 52.52 4.79 -4.04
C THR D 136 52.84 6.21 -3.59
N VAL D 137 53.52 6.33 -2.45
CA VAL D 137 53.89 7.62 -1.88
C VAL D 137 55.24 8.10 -2.48
N SER D 138 56.05 7.14 -2.93
CA SER D 138 57.35 7.45 -3.51
C SER D 138 57.36 7.31 -5.04
N GLY D 139 56.27 6.78 -5.58
CA GLY D 139 56.15 6.68 -7.03
C GLY D 139 55.35 5.46 -7.48
N GLU D 140 55.55 5.07 -8.74
CA GLU D 140 54.71 4.03 -9.36
C GLU D 140 55.34 2.63 -9.34
N LYS D 141 54.93 1.83 -8.37
CA LYS D 141 55.37 0.43 -8.22
C LYS D 141 54.53 -0.51 -9.13
N HIS D 142 55.16 -1.53 -9.71
CA HIS D 142 54.40 -2.57 -10.43
C HIS D 142 54.32 -3.85 -9.62
N VAL D 143 53.13 -4.39 -9.52
CA VAL D 143 52.94 -5.65 -8.82
C VAL D 143 52.36 -6.68 -9.76
N LEU D 144 52.78 -7.92 -9.54
CA LEU D 144 52.20 -9.07 -10.20
C LEU D 144 50.93 -9.49 -9.47
N VAL D 145 49.80 -9.48 -10.18
CA VAL D 145 48.56 -10.01 -9.61
C VAL D 145 48.06 -11.20 -10.42
N GLU D 146 47.83 -12.32 -9.76
CA GLU D 146 47.31 -13.50 -10.47
C GLU D 146 45.80 -13.55 -10.40
N ILE D 147 45.14 -13.47 -11.54
CA ILE D 147 43.68 -13.57 -11.59
C ILE D 147 43.29 -14.98 -11.99
N GLN D 148 42.55 -15.67 -11.13
CA GLN D 148 41.99 -16.97 -11.52
C GLN D 148 40.54 -16.86 -11.92
N ILE D 149 40.19 -17.48 -13.04
CA ILE D 149 38.81 -17.49 -13.50
C ILE D 149 38.31 -18.93 -13.48
N ARG D 150 37.13 -19.16 -12.89
CA ARG D 150 36.59 -20.51 -12.76
C ARG D 150 35.04 -20.56 -12.72
N THR D 151 34.47 -21.74 -12.89
CA THR D 151 33.02 -21.87 -12.82
C THR D 151 32.59 -22.19 -11.41
N LEU D 152 31.34 -21.90 -11.09
CA LEU D 152 30.71 -22.39 -9.88
C LEU D 152 30.99 -23.87 -9.63
N ALA D 153 31.04 -24.66 -10.70
CA ALA D 153 31.33 -26.08 -10.56
C ALA D 153 32.80 -26.29 -10.23
N MET D 154 33.66 -25.65 -11.00
CA MET D 154 35.09 -25.76 -10.76
C MET D 154 35.46 -25.25 -9.36
N ASN D 155 34.79 -24.18 -8.94
CA ASN D 155 35.02 -23.61 -7.62
C ASN D 155 34.55 -24.54 -6.52
N PHE D 156 33.46 -25.25 -6.78
CA PHE D 156 32.96 -26.25 -5.86
C PHE D 156 34.04 -27.29 -5.54
N TRP D 157 34.77 -27.72 -6.55
CA TRP D 157 35.76 -28.76 -6.37
C TRP D 157 37.02 -28.23 -5.69
N ALA D 158 37.56 -27.16 -6.24
CA ALA D 158 38.82 -26.58 -5.75
C ALA D 158 38.75 -26.21 -4.28
N THR D 159 37.66 -25.56 -3.87
CA THR D 159 37.51 -25.10 -2.51
C THR D 159 37.62 -26.25 -1.53
N ILE D 160 36.81 -27.27 -1.76
CA ILE D 160 36.80 -28.44 -0.92
C ILE D 160 38.17 -29.10 -0.93
N GLU D 161 38.68 -29.42 -2.11
CA GLU D 161 39.92 -30.19 -2.18
C GLU D 161 41.05 -29.45 -1.50
N HIS D 162 41.15 -28.15 -1.74
CA HIS D 162 42.12 -27.32 -1.06
C HIS D 162 42.03 -27.47 0.46
N SER D 163 40.84 -27.27 1.03
CA SER D 163 40.64 -27.36 2.48
C SER D 163 41.09 -28.69 3.04
N LEU D 164 40.95 -29.75 2.23
CA LEU D 164 41.43 -31.08 2.59
C LEU D 164 42.97 -31.19 2.63
N ASN D 165 43.63 -30.95 1.50
CA ASN D 165 45.10 -31.07 1.41
C ASN D 165 45.88 -30.17 2.36
N TYR D 166 45.23 -29.10 2.80
CA TYR D 166 45.79 -28.15 3.75
C TYR D 166 45.84 -28.79 5.13
N LYS D 167 44.76 -29.49 5.45
CA LYS D 167 44.55 -30.12 6.76
C LYS D 167 45.59 -31.20 7.10
N TYR D 168 46.21 -31.80 6.07
CA TYR D 168 47.21 -32.86 6.27
C TYR D 168 48.60 -32.32 6.57
N SER D 169 49.23 -31.78 5.51
CA SER D 169 50.61 -31.27 5.45
C SER D 169 51.08 -31.46 4.00
N GLY D 170 50.14 -31.82 3.11
CA GLY D 170 50.46 -31.97 1.70
C GLY D 170 49.72 -33.04 0.90
N ASN D 171 49.39 -34.16 1.54
CA ASN D 171 48.90 -35.35 0.82
C ASN D 171 48.26 -36.42 1.72
N ILE D 172 47.29 -37.11 1.17
CA ILE D 172 46.43 -37.98 1.96
C ILE D 172 46.51 -39.40 1.31
N PRO D 173 45.87 -40.44 1.92
CA PRO D 173 45.78 -41.74 1.24
C PRO D 173 45.70 -41.68 -0.26
N GLU D 174 46.58 -42.41 -0.95
CA GLU D 174 46.72 -42.34 -2.40
C GLU D 174 45.39 -42.53 -3.14
N LYS D 175 44.53 -43.39 -2.59
CA LYS D 175 43.26 -43.73 -3.23
C LYS D 175 42.22 -42.61 -3.10
N VAL D 176 42.25 -41.90 -1.97
CA VAL D 176 41.44 -40.71 -1.75
C VAL D 176 41.71 -39.68 -2.85
N LYS D 177 42.99 -39.47 -3.14
CA LYS D 177 43.39 -38.66 -4.25
C LYS D 177 42.69 -39.10 -5.54
N LEU D 178 42.68 -40.40 -5.80
CA LEU D 178 42.00 -40.91 -7.00
C LEU D 178 40.50 -40.64 -7.00
N ARG D 179 39.86 -40.72 -5.83
CA ARG D 179 38.46 -40.32 -5.71
C ARG D 179 38.30 -38.85 -6.04
N LEU D 180 39.16 -38.00 -5.46
CA LEU D 180 39.19 -36.57 -5.78
C LEU D 180 39.37 -36.32 -7.28
N GLN D 181 40.32 -37.04 -7.89
CA GLN D 181 40.55 -36.97 -9.33
C GLN D 181 39.27 -37.18 -10.15
N ARG D 182 38.46 -38.14 -9.75
CA ARG D 182 37.26 -38.48 -10.51
C ARG D 182 36.10 -37.52 -10.21
N ALA D 183 36.05 -37.02 -8.98
CA ALA D 183 35.06 -36.05 -8.59
C ALA D 183 35.22 -34.77 -9.41
N SER D 184 36.46 -34.44 -9.72
CA SER D 184 36.73 -33.34 -10.63
C SER D 184 36.07 -33.58 -11.98
N GLU D 185 36.34 -34.75 -12.56
CA GLU D 185 35.75 -35.12 -13.85
C GLU D 185 34.22 -35.14 -13.79
N ALA D 186 33.69 -35.59 -12.65
CA ALA D 186 32.25 -35.63 -12.48
C ALA D 186 31.75 -34.19 -12.59
N ALA D 187 32.44 -33.28 -11.91
CA ALA D 187 32.05 -31.87 -11.84
C ALA D 187 32.10 -31.27 -13.22
N SER D 188 33.16 -31.63 -13.93
CA SER D 188 33.37 -31.16 -15.29
C SER D 188 32.26 -31.59 -16.22
N ARG D 189 31.79 -32.83 -16.04
CA ARG D 189 30.70 -33.35 -16.84
C ARG D 189 29.41 -32.59 -16.56
N LEU D 190 29.13 -32.42 -15.27
CA LEU D 190 27.94 -31.74 -14.80
C LEU D 190 27.86 -30.32 -15.35
N ASP D 191 29.03 -29.68 -15.38
CA ASP D 191 29.21 -28.36 -15.97
C ASP D 191 28.85 -28.40 -17.44
N GLU D 192 29.50 -29.30 -18.17
CA GLU D 192 29.18 -29.54 -19.57
C GLU D 192 27.70 -29.74 -19.82
N GLU D 193 27.08 -30.53 -18.97
CA GLU D 193 25.64 -30.79 -19.04
C GLU D 193 24.85 -29.48 -18.99
N MET D 194 25.21 -28.59 -18.06
CA MET D 194 24.49 -27.33 -17.91
C MET D 194 24.61 -26.48 -19.18
N SER D 195 25.76 -26.56 -19.84
CA SER D 195 25.96 -25.84 -21.09
C SER D 195 25.00 -26.34 -22.15
N GLU D 196 24.92 -27.65 -22.30
CA GLU D 196 24.02 -28.22 -23.28
C GLU D 196 22.59 -27.86 -22.96
N ILE D 197 22.23 -27.90 -21.67
CA ILE D 197 20.88 -27.53 -21.30
C ILE D 197 20.62 -26.09 -21.73
N ARG D 198 21.54 -25.20 -21.39
CA ARG D 198 21.41 -23.79 -21.75
C ARG D 198 21.17 -23.60 -23.24
N GLY D 199 21.92 -24.35 -24.05
CA GLY D 199 21.74 -24.34 -25.48
C GLY D 199 20.44 -24.99 -25.92
N GLU D 200 20.02 -26.04 -25.23
CA GLU D 200 18.74 -26.67 -25.56
C GLU D 200 17.61 -25.67 -25.25
N VAL D 201 17.82 -24.84 -24.23
CA VAL D 201 16.77 -23.90 -23.80
C VAL D 201 16.65 -22.72 -24.74
N GLN D 202 17.77 -22.27 -25.29
CA GLN D 202 17.78 -21.13 -26.20
C GLN D 202 16.99 -21.41 -27.48
N GLU D 203 15.67 -21.59 -27.33
CA GLU D 203 14.77 -21.96 -28.43
C GLU D 203 13.31 -21.67 -28.05
N ASP E 10 50.93 -12.33 20.95
CA ASP E 10 50.33 -11.61 19.83
C ASP E 10 49.25 -12.44 19.10
N LYS E 11 49.37 -13.77 19.14
CA LYS E 11 48.30 -14.64 18.65
C LYS E 11 47.21 -14.73 19.72
N GLN E 12 47.63 -14.60 20.97
CA GLN E 12 46.74 -14.49 22.10
C GLN E 12 45.93 -13.19 21.95
N TRP E 13 46.62 -12.14 21.54
CA TRP E 13 45.96 -10.86 21.35
C TRP E 13 44.99 -10.89 20.18
N GLU E 14 45.43 -11.41 19.04
CA GLU E 14 44.56 -11.53 17.87
C GLU E 14 43.25 -12.23 18.24
N ARG E 15 43.37 -13.41 18.85
CA ARG E 15 42.22 -14.20 19.26
C ARG E 15 41.34 -13.45 20.26
N PHE E 16 41.97 -12.66 21.13
CA PHE E 16 41.23 -11.94 22.15
C PHE E 16 40.43 -10.78 21.59
N LEU E 17 40.95 -10.11 20.56
CA LEU E 17 40.34 -8.90 20.05
C LEU E 17 39.17 -9.14 19.09
N VAL E 18 39.07 -10.36 18.59
CA VAL E 18 38.00 -10.77 17.69
C VAL E 18 36.59 -10.30 18.05
N PRO E 19 36.15 -10.51 19.31
CA PRO E 19 34.79 -10.06 19.63
C PRO E 19 34.64 -8.54 19.61
N TYR E 20 35.74 -7.81 19.78
CA TYR E 20 35.67 -6.36 19.79
C TYR E 20 35.56 -5.78 18.39
N ARG E 21 36.32 -6.32 17.44
CA ARG E 21 36.19 -5.89 16.05
C ARG E 21 34.79 -6.15 15.57
N GLN E 22 34.28 -7.33 15.92
CA GLN E 22 32.96 -7.74 15.51
C GLN E 22 31.95 -6.75 16.06
N ALA E 23 32.12 -6.40 17.33
CA ALA E 23 31.18 -5.57 18.04
C ALA E 23 31.19 -4.18 17.44
N VAL E 24 32.39 -3.71 17.08
CA VAL E 24 32.56 -2.46 16.35
C VAL E 24 31.87 -2.49 14.99
N GLU E 25 32.23 -3.44 14.11
CA GLU E 25 31.60 -3.56 12.80
C GLU E 25 30.08 -3.56 12.87
N GLU E 26 29.52 -4.29 13.83
CA GLU E 26 28.07 -4.28 13.99
C GLU E 26 27.52 -2.89 14.32
N LEU E 27 28.10 -2.23 15.32
CA LEU E 27 27.58 -0.93 15.73
C LEU E 27 27.85 0.13 14.69
N LYS E 28 28.94 -0.05 13.96
CA LYS E 28 29.23 0.84 12.84
C LYS E 28 28.08 0.85 11.82
N VAL E 29 27.68 -0.35 11.38
CA VAL E 29 26.59 -0.50 10.44
C VAL E 29 25.27 -0.10 11.06
N LYS E 30 25.03 -0.57 12.29
CA LYS E 30 23.83 -0.14 13.03
C LYS E 30 23.72 1.40 13.13
N LEU E 31 24.81 2.06 13.54
CA LEU E 31 24.77 3.51 13.69
C LEU E 31 24.66 4.29 12.38
N LYS E 32 25.46 3.91 11.39
CA LYS E 32 25.34 4.55 10.07
C LYS E 32 23.92 4.51 9.54
N GLY E 33 23.19 3.45 9.82
CA GLY E 33 21.80 3.31 9.37
C GLY E 33 20.88 4.45 9.82
N ILE E 34 21.17 5.01 11.00
CA ILE E 34 20.45 6.16 11.52
C ILE E 34 20.54 7.36 10.57
N ARG E 35 21.77 7.65 10.16
CA ARG E 35 22.03 8.68 9.19
C ARG E 35 21.16 8.45 7.97
N THR E 36 21.34 7.30 7.32
CA THR E 36 20.60 7.01 6.09
C THR E 36 19.09 6.96 6.31
N LEU E 37 18.68 6.89 7.56
CA LEU E 37 17.26 6.95 7.90
C LEU E 37 16.73 8.38 7.91
N TYR E 38 17.47 9.30 7.28
CA TYR E 38 17.01 10.69 7.12
C TYR E 38 17.13 11.11 5.68
N GLU E 39 17.82 10.27 4.90
CA GLU E 39 17.96 10.49 3.47
C GLU E 39 16.58 10.55 2.83
N TYR E 40 15.73 9.61 3.24
CA TYR E 40 14.38 9.49 2.67
C TYR E 40 13.32 10.17 3.53
N GLU E 41 13.74 11.18 4.29
CA GLU E 41 12.81 11.93 5.12
C GLU E 41 12.90 13.43 4.90
N ASP E 42 13.73 13.83 3.93
CA ASP E 42 13.91 15.25 3.59
C ASP E 42 14.21 16.06 4.84
N ASP E 43 15.38 15.82 5.42
CA ASP E 43 15.65 16.37 6.74
C ASP E 43 17.14 16.38 7.10
N HIS E 44 17.53 17.38 7.90
CA HIS E 44 18.84 17.42 8.54
C HIS E 44 19.01 16.20 9.46
N SER E 45 20.01 15.39 9.15
CA SER E 45 20.35 14.26 9.99
C SER E 45 21.26 14.75 11.11
N PRO E 46 20.98 14.32 12.34
CA PRO E 46 21.78 14.72 13.50
C PRO E 46 23.16 14.08 13.47
N ILE E 47 23.33 13.04 12.66
CA ILE E 47 24.60 12.33 12.55
C ILE E 47 25.28 12.62 11.23
N GLU E 48 26.53 13.09 11.28
CA GLU E 48 27.28 13.37 10.06
C GLU E 48 28.10 12.16 9.66
N PHE E 49 29.04 11.78 10.52
CA PHE E 49 29.89 10.62 10.28
C PHE E 49 29.83 9.66 11.46
N VAL E 50 30.22 8.42 11.23
CA VAL E 50 30.35 7.44 12.29
C VAL E 50 31.67 6.73 11.97
N THR E 51 32.52 6.52 12.96
CA THR E 51 33.74 5.76 12.74
C THR E 51 33.97 4.84 13.92
N GLY E 52 34.87 3.88 13.75
CA GLY E 52 35.12 2.89 14.77
C GLY E 52 36.56 2.46 14.80
N ARG E 53 37.00 1.95 15.93
CA ARG E 53 38.37 1.50 16.02
C ARG E 53 38.50 0.53 17.16
N VAL E 54 39.32 -0.48 16.97
CA VAL E 54 39.69 -1.35 18.06
C VAL E 54 41.02 -0.84 18.58
N LYS E 55 41.11 -0.68 19.89
CA LYS E 55 42.32 -0.24 20.56
C LYS E 55 43.52 -1.13 20.23
N PRO E 56 44.63 -0.51 19.86
CA PRO E 56 45.87 -1.25 19.57
C PRO E 56 46.43 -1.83 20.85
N VAL E 57 47.09 -2.98 20.78
CA VAL E 57 47.56 -3.65 21.98
C VAL E 57 48.48 -2.79 22.86
N ALA E 58 49.23 -1.89 22.23
CA ALA E 58 50.06 -0.95 22.99
C ALA E 58 49.19 -0.09 23.90
N SER E 59 48.19 0.58 23.31
CA SER E 59 47.29 1.39 24.11
C SER E 59 46.64 0.55 25.20
N ILE E 60 46.25 -0.68 24.86
CA ILE E 60 45.56 -1.53 25.82
C ILE E 60 46.47 -1.77 27.01
N LEU E 61 47.66 -2.27 26.73
CA LEU E 61 48.64 -2.54 27.77
C LEU E 61 48.87 -1.30 28.65
N GLU E 62 49.02 -0.15 28.01
CA GLU E 62 49.20 1.10 28.75
C GLU E 62 48.05 1.46 29.66
N LYS E 63 46.84 1.56 29.09
CA LYS E 63 45.68 1.97 29.88
C LYS E 63 45.48 1.02 31.06
N ALA E 64 45.84 -0.24 30.86
CA ALA E 64 45.72 -1.26 31.90
C ALA E 64 46.51 -0.87 33.14
N ARG E 65 47.82 -0.67 33.00
CA ARG E 65 48.62 -0.25 34.14
C ARG E 65 48.20 1.13 34.62
N ARG E 66 48.11 2.09 33.69
CA ARG E 66 47.81 3.49 33.98
C ARG E 66 46.60 3.67 34.88
N LYS E 67 45.80 2.64 35.03
CA LYS E 67 44.65 2.72 35.91
C LYS E 67 44.35 1.35 36.52
N SER E 68 45.42 0.59 36.70
CA SER E 68 45.42 -0.57 37.58
C SER E 68 44.43 -1.64 37.16
N ILE E 69 44.65 -2.28 36.00
CA ILE E 69 43.80 -3.38 35.59
C ILE E 69 44.63 -4.60 35.25
N PRO E 70 44.40 -5.69 35.97
CA PRO E 70 45.16 -6.90 35.69
C PRO E 70 44.85 -7.44 34.29
N LEU E 71 45.88 -7.89 33.58
CA LEU E 71 45.69 -8.42 32.24
C LEU E 71 44.66 -9.54 32.17
N HIS E 72 44.52 -10.28 33.27
CA HIS E 72 43.56 -11.38 33.29
C HIS E 72 42.13 -10.88 33.38
N GLU E 73 41.97 -9.61 33.74
CA GLU E 73 40.64 -9.00 33.82
C GLU E 73 40.50 -7.77 32.92
N ILE E 74 41.36 -7.69 31.91
CA ILE E 74 41.35 -6.61 30.94
C ILE E 74 39.97 -6.37 30.30
N GLU E 75 39.09 -7.36 30.40
CA GLU E 75 37.71 -7.22 29.95
C GLU E 75 36.99 -6.04 30.59
N THR E 76 37.51 -5.56 31.72
CA THR E 76 36.82 -4.56 32.51
C THR E 76 37.25 -3.17 32.10
N MET E 77 38.00 -3.12 31.02
CA MET E 77 38.39 -1.86 30.40
C MET E 77 37.24 -1.44 29.50
N GLN E 78 36.89 -0.17 29.55
CA GLN E 78 35.64 0.29 28.95
C GLN E 78 35.74 0.68 27.49
N ASP E 79 36.95 0.78 26.95
CA ASP E 79 37.08 1.34 25.61
C ASP E 79 37.99 0.60 24.65
N ILE E 80 38.14 -0.72 24.85
CA ILE E 80 38.87 -1.57 23.91
C ILE E 80 38.20 -1.44 22.54
N ALA E 81 36.88 -1.39 22.53
CA ALA E 81 36.12 -1.07 21.34
C ALA E 81 35.44 0.26 21.54
N GLY E 82 35.64 1.20 20.62
CA GLY E 82 34.87 2.42 20.63
C GLY E 82 34.37 2.82 19.27
N LEU E 83 33.23 3.52 19.28
CA LEU E 83 32.74 4.24 18.12
C LEU E 83 32.78 5.76 18.32
N ARG E 84 32.63 6.51 17.23
CA ARG E 84 32.60 7.96 17.27
C ARG E 84 31.58 8.51 16.32
N ILE E 85 30.67 9.32 16.85
CA ILE E 85 29.63 9.94 16.06
C ILE E 85 29.93 11.44 15.97
N MET E 86 29.98 11.97 14.74
CA MET E 86 30.17 13.40 14.52
C MET E 86 28.85 14.05 14.17
N CYS E 87 28.57 15.19 14.80
CA CYS E 87 27.38 15.99 14.55
C CYS E 87 27.74 17.42 14.16
N GLN E 88 26.80 18.10 13.51
CA GLN E 88 27.03 19.48 13.10
C GLN E 88 26.91 20.41 14.31
N PHE E 89 25.80 20.31 15.03
CA PHE E 89 25.53 21.21 16.14
C PHE E 89 25.52 20.51 17.49
N VAL E 90 25.77 21.26 18.54
CA VAL E 90 25.74 20.73 19.91
C VAL E 90 24.40 20.11 20.30
N ASP E 91 23.30 20.71 19.84
CA ASP E 91 21.97 20.17 20.12
C ASP E 91 21.78 18.80 19.50
N ASP E 92 22.39 18.60 18.33
CA ASP E 92 22.33 17.30 17.63
C ASP E 92 22.81 16.18 18.55
N ILE E 93 23.86 16.45 19.33
CA ILE E 93 24.36 15.50 20.32
C ILE E 93 23.28 15.03 21.31
N GLN E 94 22.47 15.97 21.79
CA GLN E 94 21.36 15.62 22.66
C GLN E 94 20.42 14.61 21.99
N ILE E 95 20.05 14.90 20.74
CA ILE E 95 19.19 14.03 19.96
C ILE E 95 19.76 12.61 19.85
N VAL E 96 21.05 12.52 19.52
CA VAL E 96 21.71 11.23 19.42
C VAL E 96 21.74 10.55 20.78
N LYS E 97 22.11 11.30 21.80
CA LYS E 97 22.15 10.77 23.16
C LYS E 97 20.82 10.09 23.51
N GLU E 98 19.71 10.72 23.14
CA GLU E 98 18.40 10.16 23.45
C GLU E 98 18.02 8.91 22.65
N MET E 99 18.52 8.82 21.41
CA MET E 99 18.33 7.62 20.60
C MET E 99 19.07 6.42 21.19
N LEU E 100 20.34 6.65 21.51
CA LEU E 100 21.18 5.60 22.04
C LEU E 100 20.58 5.07 23.33
N PHE E 101 20.04 5.95 24.14
CA PHE E 101 19.33 5.48 25.35
C PHE E 101 18.10 4.64 25.04
N ALA E 102 17.38 4.96 23.98
CA ALA E 102 16.14 4.25 23.65
C ALA E 102 16.41 2.88 23.01
N ARG E 103 17.67 2.61 22.67
CA ARG E 103 17.93 1.37 21.97
C ARG E 103 17.87 0.13 22.87
N LYS E 104 17.62 -1.02 22.26
CA LYS E 104 17.48 -2.25 23.01
C LYS E 104 18.48 -3.30 22.56
N ASP E 105 19.16 -3.05 21.46
CA ASP E 105 20.22 -3.97 21.03
C ASP E 105 21.47 -3.83 21.88
N PHE E 106 21.39 -3.04 22.95
CA PHE E 106 22.45 -2.95 23.94
C PHE E 106 22.00 -2.12 25.11
N THR E 107 22.78 -2.11 26.18
CA THR E 107 22.40 -1.50 27.45
C THR E 107 23.41 -0.43 27.88
N VAL E 108 22.95 0.75 28.26
CA VAL E 108 23.89 1.76 28.79
C VAL E 108 24.33 1.48 30.25
N VAL E 109 25.62 1.59 30.52
CA VAL E 109 26.11 1.28 31.85
C VAL E 109 26.95 2.40 32.50
N ASP E 110 27.58 3.24 31.68
CA ASP E 110 28.25 4.41 32.22
C ASP E 110 28.18 5.59 31.26
N GLN E 111 28.32 6.79 31.78
CA GLN E 111 28.42 7.97 30.93
C GLN E 111 29.37 9.03 31.50
N ARG E 112 30.11 9.68 30.61
CA ARG E 112 30.94 10.81 30.96
C ARG E 112 30.66 12.00 30.05
N ASP E 113 30.34 13.14 30.65
CA ASP E 113 29.98 14.32 29.87
C ASP E 113 31.05 15.41 29.89
N TYR E 114 32.01 15.27 29.00
CA TYR E 114 33.10 16.23 28.86
C TYR E 114 32.75 17.45 27.99
N ILE E 115 31.48 17.59 27.63
CA ILE E 115 31.05 18.80 26.94
C ILE E 115 30.66 19.83 27.98
N ALA E 116 29.82 19.44 28.92
CA ALA E 116 29.53 20.25 30.09
C ALA E 116 30.81 20.58 30.86
N GLU E 117 31.47 19.55 31.39
CA GLU E 117 32.68 19.75 32.17
C GLU E 117 33.91 19.19 31.46
N HIS E 118 34.47 20.01 30.56
CA HIS E 118 35.59 19.59 29.72
C HIS E 118 36.82 19.24 30.54
N LYS E 119 37.68 18.42 29.95
CA LYS E 119 38.89 18.00 30.62
C LYS E 119 39.86 19.17 30.68
N GLU E 120 40.88 19.04 31.53
CA GLU E 120 41.88 20.07 31.74
C GLU E 120 42.60 20.41 30.45
N SER E 121 42.84 19.38 29.64
CA SER E 121 43.59 19.56 28.42
C SER E 121 42.79 20.42 27.47
N GLY E 122 41.47 20.41 27.64
CA GLY E 122 40.56 21.13 26.76
C GLY E 122 39.58 20.22 26.05
N TYR E 123 39.88 18.92 26.08
CA TYR E 123 39.07 17.92 25.40
C TYR E 123 37.60 18.03 25.75
N ARG E 124 36.76 17.97 24.73
CA ARG E 124 35.31 17.94 24.89
C ARG E 124 34.72 16.74 24.17
N SER E 125 33.77 16.05 24.81
CA SER E 125 33.00 15.00 24.15
C SER E 125 31.97 14.42 25.08
N TYR E 126 31.06 13.63 24.52
CA TYR E 126 30.14 12.87 25.35
C TYR E 126 30.45 11.40 25.22
N HIS E 127 30.88 10.81 26.33
CA HIS E 127 31.25 9.42 26.36
C HIS E 127 30.13 8.59 26.94
N LEU E 128 29.68 7.62 26.16
CA LEU E 128 28.61 6.76 26.60
C LEU E 128 29.15 5.34 26.56
N VAL E 129 29.17 4.64 27.69
CA VAL E 129 29.64 3.25 27.67
C VAL E 129 28.53 2.21 27.68
N VAL E 130 28.54 1.32 26.68
CA VAL E 130 27.48 0.32 26.54
C VAL E 130 27.93 -1.11 26.69
N LEU E 131 26.97 -1.95 27.05
CA LEU E 131 27.17 -3.39 27.11
C LEU E 131 26.56 -3.99 25.88
N TYR E 132 27.41 -4.47 24.98
CA TYR E 132 26.95 -4.97 23.71
C TYR E 132 26.89 -6.50 23.65
N PRO E 133 25.69 -7.06 23.42
CA PRO E 133 25.45 -8.50 23.41
C PRO E 133 25.97 -9.12 22.13
N LEU E 134 27.10 -9.81 22.23
CA LEU E 134 27.68 -10.41 21.06
C LEU E 134 27.40 -11.89 20.99
N GLN E 135 26.56 -12.30 20.05
CA GLN E 135 26.38 -13.70 19.70
C GLN E 135 27.67 -14.31 19.16
N THR E 136 28.02 -15.48 19.67
CA THR E 136 29.25 -16.17 19.30
C THR E 136 28.94 -17.67 19.34
N VAL E 137 29.86 -18.48 18.79
CA VAL E 137 29.60 -19.91 18.59
C VAL E 137 29.38 -20.66 19.90
N SER E 138 30.12 -20.25 20.93
CA SER E 138 30.04 -20.88 22.24
C SER E 138 28.68 -20.58 22.89
N GLY E 139 28.17 -19.39 22.62
CA GLY E 139 26.95 -18.91 23.21
C GLY E 139 27.06 -17.41 23.23
N GLU E 140 26.22 -16.75 24.02
CA GLU E 140 26.26 -15.29 24.09
C GLU E 140 27.45 -14.71 24.84
N LYS E 141 27.50 -13.39 24.90
CA LYS E 141 28.70 -12.71 25.34
C LYS E 141 28.45 -11.21 25.41
N HIS E 142 29.16 -10.51 26.28
CA HIS E 142 29.01 -9.07 26.33
C HIS E 142 30.35 -8.37 26.18
N VAL E 143 30.37 -7.32 25.37
CA VAL E 143 31.55 -6.50 25.25
C VAL E 143 31.23 -5.08 25.70
N LEU E 144 32.08 -4.52 26.54
CA LEU E 144 32.00 -3.10 26.86
C LEU E 144 32.41 -2.30 25.64
N VAL E 145 31.57 -1.35 25.25
CA VAL E 145 31.87 -0.52 24.10
C VAL E 145 31.60 0.92 24.45
N GLU E 146 32.58 1.77 24.24
CA GLU E 146 32.42 3.20 24.48
C GLU E 146 32.03 3.97 23.22
N ILE E 147 30.85 4.58 23.21
CA ILE E 147 30.44 5.39 22.07
C ILE E 147 30.76 6.84 22.39
N GLN E 148 31.41 7.54 21.47
CA GLN E 148 31.73 8.96 21.68
C GLN E 148 30.88 9.79 20.77
N ILE E 149 30.44 10.94 21.25
CA ILE E 149 29.67 11.88 20.42
C ILE E 149 30.28 13.25 20.49
N ARG E 150 30.49 13.85 19.33
CA ARG E 150 31.07 15.18 19.27
C ARG E 150 30.62 15.92 18.03
N THR E 151 30.57 17.25 18.12
CA THR E 151 30.43 18.11 16.94
C THR E 151 31.64 18.02 16.00
N LEU E 152 31.48 18.46 14.77
CA LEU E 152 32.66 18.62 13.91
C LEU E 152 33.76 19.53 14.52
N ALA E 153 33.38 20.65 15.13
CA ALA E 153 34.37 21.55 15.77
C ALA E 153 35.13 20.86 16.89
N MET E 154 34.38 20.20 17.78
CA MET E 154 34.97 19.36 18.81
C MET E 154 35.91 18.35 18.17
N ASN E 155 35.44 17.63 17.16
CA ASN E 155 36.29 16.66 16.48
C ASN E 155 37.60 17.23 15.91
N PHE E 156 37.52 18.41 15.32
CA PHE E 156 38.67 19.08 14.75
C PHE E 156 39.82 19.20 15.77
N TRP E 157 39.54 19.83 16.91
CA TRP E 157 40.48 19.98 18.01
C TRP E 157 41.06 18.67 18.50
N ALA E 158 40.16 17.73 18.77
CA ALA E 158 40.52 16.45 19.37
C ALA E 158 41.43 15.64 18.47
N THR E 159 41.09 15.59 17.19
CA THR E 159 41.88 14.88 16.19
C THR E 159 43.28 15.43 16.14
N ILE E 160 43.37 16.74 16.07
CA ILE E 160 44.64 17.41 15.90
C ILE E 160 45.49 17.33 17.17
N GLU E 161 44.86 17.57 18.31
CA GLU E 161 45.57 17.52 19.57
C GLU E 161 46.07 16.10 19.88
N HIS E 162 45.31 15.10 19.46
CA HIS E 162 45.69 13.70 19.65
C HIS E 162 47.00 13.35 18.95
N SER E 163 47.15 13.80 17.70
CA SER E 163 48.33 13.45 16.94
C SER E 163 49.57 14.08 17.53
N LEU E 164 49.45 15.36 17.90
CA LEU E 164 50.54 16.06 18.59
C LEU E 164 50.96 15.27 19.82
N ASN E 165 49.99 14.87 20.63
CA ASN E 165 50.33 14.11 21.83
C ASN E 165 50.87 12.72 21.53
N TYR E 166 50.31 12.07 20.52
CA TYR E 166 50.75 10.75 20.11
C TYR E 166 52.19 10.76 19.64
N LYS E 167 52.69 11.94 19.26
CA LYS E 167 54.11 12.11 18.99
C LYS E 167 54.73 13.23 19.86
N ILE E 172 56.44 17.64 25.93
CA ILE E 172 55.95 18.84 25.24
C ILE E 172 55.62 20.01 26.20
N PRO E 173 56.05 21.23 25.84
CA PRO E 173 56.01 22.37 26.77
C PRO E 173 54.61 22.76 27.24
N GLU E 174 54.56 23.44 28.39
CA GLU E 174 53.30 23.88 28.97
C GLU E 174 52.85 25.17 28.32
N LYS E 175 53.73 25.78 27.52
CA LYS E 175 53.34 26.94 26.71
C LYS E 175 52.42 26.47 25.60
N VAL E 176 52.81 25.37 24.97
CA VAL E 176 51.97 24.69 23.99
C VAL E 176 50.68 24.17 24.62
N LYS E 177 50.76 23.60 25.82
CA LYS E 177 49.57 23.08 26.46
C LYS E 177 48.54 24.17 26.78
N LEU E 178 49.02 25.39 26.99
CA LEU E 178 48.14 26.50 27.29
C LEU E 178 47.30 26.87 26.07
N ARG E 179 47.95 27.11 24.95
CA ARG E 179 47.22 27.42 23.73
C ARG E 179 46.95 26.10 23.08
N LEU E 180 45.76 25.59 23.32
CA LEU E 180 45.39 24.24 22.94
C LEU E 180 44.16 24.18 23.81
N GLN E 181 44.41 24.41 25.11
CA GLN E 181 43.34 24.72 26.05
C GLN E 181 42.54 25.91 25.55
N ARG E 182 43.25 26.97 25.15
CA ARG E 182 42.61 28.15 24.59
C ARG E 182 42.00 27.88 23.20
N ALA E 183 42.74 27.16 22.35
CA ALA E 183 42.23 26.73 21.05
C ALA E 183 40.93 25.99 21.22
N SER E 184 40.84 25.19 22.27
CA SER E 184 39.61 24.52 22.59
C SER E 184 38.47 25.52 22.80
N GLU E 185 38.65 26.48 23.68
CA GLU E 185 37.62 27.48 23.89
C GLU E 185 37.23 28.18 22.58
N ALA E 186 38.23 28.38 21.72
CA ALA E 186 37.99 29.01 20.43
C ALA E 186 37.01 28.18 19.61
N ALA E 187 37.31 26.89 19.51
CA ALA E 187 36.43 25.94 18.83
C ALA E 187 35.05 25.96 19.47
N SER E 188 35.04 25.94 20.79
CA SER E 188 33.78 25.93 21.50
C SER E 188 32.95 27.17 21.16
N ARG E 189 33.66 28.28 20.92
CA ARG E 189 32.98 29.51 20.58
C ARG E 189 32.54 29.51 19.11
N LEU E 190 33.28 28.80 18.27
CA LEU E 190 32.87 28.65 16.89
C LEU E 190 31.60 27.82 16.79
N ASP E 191 31.48 26.81 17.64
CA ASP E 191 30.28 26.00 17.75
C ASP E 191 29.12 26.89 18.17
N GLU E 192 29.32 27.58 19.28
CA GLU E 192 28.29 28.43 19.84
C GLU E 192 27.81 29.48 18.83
N GLU E 193 28.74 30.04 18.06
CA GLU E 193 28.37 30.98 17.02
C GLU E 193 27.50 30.32 15.96
N MET E 194 27.84 29.10 15.60
CA MET E 194 27.09 28.35 14.60
C MET E 194 25.67 27.99 15.01
N SER E 195 25.46 27.56 16.25
CA SER E 195 24.09 27.24 16.66
C SER E 195 23.22 28.50 16.61
N GLU E 196 23.76 29.61 17.07
CA GLU E 196 23.08 30.90 17.03
C GLU E 196 22.69 31.29 15.61
N ILE E 197 23.66 31.21 14.69
CA ILE E 197 23.41 31.47 13.26
C ILE E 197 22.32 30.56 12.74
N ARG E 198 22.32 29.31 13.19
CA ARG E 198 21.29 28.37 12.79
C ARG E 198 19.90 28.78 13.26
N GLY E 199 19.81 29.17 14.52
CA GLY E 199 18.57 29.67 15.10
C GLY E 199 17.96 30.79 14.28
N GLU E 200 18.79 31.78 13.94
CA GLU E 200 18.39 32.87 13.07
C GLU E 200 17.77 32.43 11.75
N VAL E 201 18.52 31.64 10.98
CA VAL E 201 18.07 31.15 9.68
C VAL E 201 16.72 30.45 9.77
N GLN E 202 16.37 29.97 10.96
CA GLN E 202 15.06 29.37 11.16
C GLN E 202 13.89 30.37 10.99
N GLU E 203 14.17 31.67 11.14
CA GLU E 203 13.25 32.71 10.64
C GLU E 203 13.78 33.34 9.37
N ASP F 10 -54.40 9.11 15.59
CA ASP F 10 -53.83 8.31 14.50
C ASP F 10 -52.56 8.94 13.97
N LYS F 11 -52.43 10.26 14.12
CA LYS F 11 -51.16 10.94 13.82
C LYS F 11 -50.19 10.68 14.96
N GLN F 12 -50.74 10.21 16.09
CA GLN F 12 -49.94 9.74 17.21
C GLN F 12 -49.19 8.46 16.81
N TRP F 13 -49.85 7.61 16.02
CA TRP F 13 -49.24 6.35 15.62
C TRP F 13 -48.00 6.47 14.73
N GLU F 14 -48.08 7.27 13.69
CA GLU F 14 -46.93 7.41 12.80
C GLU F 14 -45.75 8.07 13.49
N ARG F 15 -46.01 8.93 14.46
CA ARG F 15 -44.90 9.49 15.23
C ARG F 15 -44.32 8.42 16.14
N PHE F 16 -45.20 7.54 16.63
CA PHE F 16 -44.76 6.45 17.48
C PHE F 16 -43.82 5.50 16.74
N LEU F 17 -44.17 5.25 15.48
CA LEU F 17 -43.47 4.30 14.62
C LEU F 17 -42.19 4.79 13.93
N VAL F 18 -41.94 6.10 13.95
CA VAL F 18 -40.69 6.65 13.45
C VAL F 18 -39.44 5.88 13.88
N PRO F 19 -39.23 5.70 15.19
CA PRO F 19 -38.03 4.92 15.55
C PRO F 19 -38.11 3.44 15.11
N TYR F 20 -39.30 2.94 14.81
CA TYR F 20 -39.35 1.57 14.40
C TYR F 20 -38.87 1.40 12.97
N ARG F 21 -39.34 2.25 12.06
CA ARG F 21 -38.94 2.12 10.66
C ARG F 21 -37.47 2.41 10.57
N GLN F 22 -37.00 3.38 11.36
CA GLN F 22 -35.61 3.79 11.34
C GLN F 22 -34.71 2.61 11.65
N ALA F 23 -35.09 1.85 12.67
CA ALA F 23 -34.28 0.74 13.15
C ALA F 23 -34.29 -0.35 12.12
N VAL F 24 -35.47 -0.62 11.58
CA VAL F 24 -35.59 -1.57 10.49
C VAL F 24 -34.71 -1.21 9.29
N GLU F 25 -34.84 0.02 8.80
CA GLU F 25 -33.99 0.50 7.71
C GLU F 25 -32.49 0.25 7.97
N GLU F 26 -32.07 0.52 9.20
CA GLU F 26 -30.68 0.39 9.55
C GLU F 26 -30.23 -1.05 9.58
N LEU F 27 -31.03 -1.94 10.15
CA LEU F 27 -30.59 -3.33 10.22
C LEU F 27 -30.66 -3.97 8.86
N LYS F 28 -31.55 -3.45 8.04
CA LYS F 28 -31.63 -3.87 6.65
C LYS F 28 -30.29 -3.64 5.96
N VAL F 29 -29.73 -2.44 6.08
CA VAL F 29 -28.47 -2.14 5.39
C VAL F 29 -27.33 -2.91 6.02
N LYS F 30 -27.38 -3.05 7.34
CA LYS F 30 -26.33 -3.74 8.07
C LYS F 30 -26.27 -5.24 7.70
N LEU F 31 -27.45 -5.86 7.60
CA LEU F 31 -27.54 -7.27 7.23
C LEU F 31 -27.24 -7.57 5.75
N LYS F 32 -27.75 -6.75 4.83
CA LYS F 32 -27.41 -6.95 3.42
C LYS F 32 -25.91 -6.86 3.18
N GLY F 33 -25.22 -6.13 4.07
CA GLY F 33 -23.78 -5.99 3.97
C GLY F 33 -23.08 -7.31 4.24
N ILE F 34 -23.71 -8.14 5.08
CA ILE F 34 -23.19 -9.48 5.32
C ILE F 34 -23.21 -10.28 4.04
N ARG F 35 -24.32 -10.22 3.32
CA ARG F 35 -24.41 -10.84 2.02
C ARG F 35 -23.27 -10.32 1.14
N THR F 36 -23.17 -9.00 1.02
CA THR F 36 -22.15 -8.34 0.22
C THR F 36 -20.74 -8.85 0.47
N LEU F 37 -20.43 -9.17 1.72
CA LEU F 37 -19.16 -9.78 2.06
C LEU F 37 -19.01 -11.22 1.55
N TYR F 38 -19.47 -11.47 0.33
CA TYR F 38 -19.43 -12.82 -0.24
C TYR F 38 -19.52 -12.78 -1.75
N GLU F 39 -19.90 -11.63 -2.30
CA GLU F 39 -19.85 -11.44 -3.74
C GLU F 39 -18.40 -11.15 -4.15
N TYR F 40 -17.55 -10.87 -3.16
CA TYR F 40 -16.12 -10.67 -3.38
C TYR F 40 -15.31 -11.92 -3.03
N GLU F 41 -15.59 -12.46 -1.85
CA GLU F 41 -15.05 -13.75 -1.47
C GLU F 41 -15.48 -14.77 -2.54
N ASP F 42 -16.66 -14.55 -3.10
CA ASP F 42 -17.22 -15.36 -4.19
C ASP F 42 -17.34 -16.84 -3.83
N ASP F 43 -17.66 -17.12 -2.57
CA ASP F 43 -18.03 -18.47 -2.16
C ASP F 43 -19.52 -18.47 -1.84
N HIS F 44 -19.97 -19.49 -1.12
CA HIS F 44 -21.36 -19.56 -0.71
C HIS F 44 -21.64 -18.55 0.40
N SER F 45 -22.75 -17.82 0.25
CA SER F 45 -23.22 -16.93 1.27
C SER F 45 -24.40 -17.58 1.99
N PRO F 46 -24.36 -17.55 3.31
CA PRO F 46 -25.44 -18.16 4.10
C PRO F 46 -26.69 -17.32 4.04
N ILE F 47 -26.60 -16.11 3.51
CA ILE F 47 -27.76 -15.22 3.39
C ILE F 47 -28.09 -14.92 1.94
N GLU F 48 -29.34 -15.18 1.57
CA GLU F 48 -29.77 -15.01 0.20
C GLU F 48 -30.58 -13.71 0.10
N PHE F 49 -31.52 -13.50 1.00
CA PHE F 49 -32.34 -12.30 0.97
C PHE F 49 -32.61 -11.83 2.40
N VAL F 50 -32.98 -10.56 2.54
CA VAL F 50 -33.21 -9.93 3.83
C VAL F 50 -34.33 -8.92 3.67
N THR F 51 -35.40 -9.06 4.42
CA THR F 51 -36.52 -8.13 4.28
C THR F 51 -36.79 -7.52 5.63
N GLY F 52 -37.78 -6.63 5.73
CA GLY F 52 -38.12 -6.01 6.99
C GLY F 52 -39.48 -5.38 6.93
N ARG F 53 -40.17 -5.27 8.05
CA ARG F 53 -41.50 -4.68 8.04
C ARG F 53 -41.69 -3.92 9.32
N VAL F 54 -42.53 -2.90 9.25
CA VAL F 54 -43.05 -2.31 10.45
C VAL F 54 -44.49 -2.74 10.52
N LYS F 55 -44.86 -3.35 11.64
CA LYS F 55 -46.22 -3.81 11.84
C LYS F 55 -47.21 -2.66 11.59
N PRO F 56 -48.30 -2.94 10.89
CA PRO F 56 -49.34 -1.92 10.69
C PRO F 56 -50.04 -1.65 12.01
N VAL F 57 -50.52 -0.42 12.20
CA VAL F 57 -51.28 -0.07 13.39
C VAL F 57 -52.35 -1.12 13.67
N ALA F 58 -53.07 -1.48 12.63
CA ALA F 58 -54.09 -2.51 12.69
C ALA F 58 -53.60 -3.76 13.41
N SER F 59 -52.49 -4.33 12.91
CA SER F 59 -51.97 -5.56 13.49
C SER F 59 -51.50 -5.36 14.91
N ILE F 60 -50.91 -4.19 15.17
CA ILE F 60 -50.38 -3.85 16.50
C ILE F 60 -51.49 -3.87 17.55
N LEU F 61 -52.64 -3.28 17.22
CA LEU F 61 -53.77 -3.18 18.14
C LEU F 61 -54.26 -4.56 18.50
N GLU F 62 -54.54 -5.35 17.46
CA GLU F 62 -54.93 -6.74 17.61
C GLU F 62 -53.97 -7.48 18.54
N LYS F 63 -52.69 -7.51 18.17
CA LYS F 63 -51.69 -8.27 18.92
C LYS F 63 -51.57 -7.83 20.39
N ALA F 64 -52.00 -6.60 20.67
CA ALA F 64 -51.90 -6.07 22.03
C ALA F 64 -52.90 -6.75 22.97
N ARG F 65 -54.14 -6.86 22.53
CA ARG F 65 -55.17 -7.52 23.34
C ARG F 65 -54.82 -8.99 23.54
N ARG F 66 -54.46 -9.64 22.45
CA ARG F 66 -54.12 -11.06 22.49
C ARG F 66 -53.05 -11.34 23.53
N LYS F 67 -51.86 -10.77 23.32
CA LYS F 67 -50.74 -10.98 24.24
C LYS F 67 -50.97 -10.32 25.62
N SER F 68 -52.10 -9.63 25.76
CA SER F 68 -52.45 -8.93 27.00
C SER F 68 -51.45 -7.84 27.35
N ILE F 69 -51.22 -6.94 26.40
CA ILE F 69 -50.29 -5.83 26.60
C ILE F 69 -51.03 -4.51 26.71
N PRO F 70 -50.91 -3.83 27.85
CA PRO F 70 -51.53 -2.51 27.95
C PRO F 70 -51.00 -1.57 26.87
N LEU F 71 -51.90 -0.76 26.36
CA LEU F 71 -51.59 0.13 25.26
C LEU F 71 -50.61 1.27 25.60
N HIS F 72 -50.41 1.55 26.88
CA HIS F 72 -49.45 2.59 27.27
C HIS F 72 -48.05 2.01 27.52
N GLU F 73 -47.96 0.68 27.42
CA GLU F 73 -46.66 0.02 27.49
C GLU F 73 -46.52 -0.90 26.30
N ILE F 74 -47.07 -0.45 25.18
CA ILE F 74 -47.02 -1.19 23.93
C ILE F 74 -45.56 -1.47 23.53
N GLU F 75 -44.65 -0.59 23.97
CA GLU F 75 -43.22 -0.81 23.77
C GLU F 75 -42.77 -2.24 24.12
N THR F 76 -43.47 -2.87 25.05
CA THR F 76 -43.09 -4.20 25.48
C THR F 76 -43.44 -5.25 24.42
N MET F 77 -44.05 -4.80 23.34
CA MET F 77 -44.35 -5.73 22.25
C MET F 77 -43.07 -6.06 21.49
N GLN F 78 -42.88 -7.33 21.19
CA GLN F 78 -41.60 -7.83 20.67
C GLN F 78 -41.34 -7.61 19.18
N ASP F 79 -42.40 -7.51 18.38
CA ASP F 79 -42.18 -7.47 16.94
C ASP F 79 -42.84 -6.31 16.22
N ILE F 80 -42.88 -5.13 16.85
CA ILE F 80 -43.44 -3.97 16.15
C ILE F 80 -42.55 -3.71 14.93
N ALA F 81 -41.26 -3.88 15.11
CA ALA F 81 -40.32 -3.89 14.01
C ALA F 81 -39.80 -5.31 13.86
N GLY F 82 -39.74 -5.78 12.61
CA GLY F 82 -39.18 -7.08 12.31
C GLY F 82 -38.34 -7.13 11.05
N LEU F 83 -37.37 -8.04 11.05
CA LEU F 83 -36.59 -8.37 9.88
C LEU F 83 -36.64 -9.86 9.63
N ARG F 84 -36.45 -10.25 8.37
CA ARG F 84 -36.53 -11.65 7.98
C ARG F 84 -35.35 -11.98 7.09
N ILE F 85 -34.59 -13.00 7.46
CA ILE F 85 -33.43 -13.42 6.66
C ILE F 85 -33.68 -14.79 6.02
N MET F 86 -33.51 -14.87 4.69
CA MET F 86 -33.71 -16.12 3.95
C MET F 86 -32.40 -16.83 3.56
N CYS F 87 -32.29 -18.11 3.96
CA CYS F 87 -31.11 -18.94 3.69
C CYS F 87 -31.39 -20.13 2.76
N GLN F 88 -30.33 -20.66 2.16
CA GLN F 88 -30.47 -21.82 1.29
C GLN F 88 -30.68 -23.11 2.07
N PHE F 89 -29.76 -23.44 2.97
CA PHE F 89 -29.83 -24.68 3.74
C PHE F 89 -30.10 -24.41 5.21
N VAL F 90 -30.68 -25.39 5.92
CA VAL F 90 -30.93 -25.28 7.37
C VAL F 90 -29.63 -25.00 8.11
N ASP F 91 -28.53 -25.55 7.59
CA ASP F 91 -27.23 -25.36 8.22
C ASP F 91 -26.81 -23.89 8.12
N ASP F 92 -27.19 -23.22 7.03
CA ASP F 92 -26.92 -21.80 6.90
C ASP F 92 -27.49 -21.04 8.10
N ILE F 93 -28.65 -21.48 8.57
CA ILE F 93 -29.31 -20.85 9.71
C ILE F 93 -28.42 -20.81 10.96
N GLN F 94 -27.59 -21.83 11.17
CA GLN F 94 -26.70 -21.83 12.32
C GLN F 94 -25.58 -20.79 12.13
N ILE F 95 -25.05 -20.68 10.91
CA ILE F 95 -24.00 -19.72 10.62
C ILE F 95 -24.48 -18.28 10.84
N VAL F 96 -25.75 -18.03 10.56
CA VAL F 96 -26.30 -16.69 10.72
C VAL F 96 -26.62 -16.39 12.18
N LYS F 97 -27.14 -17.40 12.88
CA LYS F 97 -27.40 -17.36 14.32
C LYS F 97 -26.13 -16.98 15.08
N GLU F 98 -25.05 -17.75 14.88
CA GLU F 98 -23.77 -17.41 15.49
C GLU F 98 -23.28 -16.01 15.15
N MET F 99 -23.46 -15.59 13.90
CA MET F 99 -23.04 -14.27 13.47
C MET F 99 -23.77 -13.22 14.25
N LEU F 100 -25.10 -13.36 14.31
CA LEU F 100 -25.94 -12.38 14.97
C LEU F 100 -25.56 -12.30 16.44
N PHE F 101 -25.40 -13.44 17.08
CA PHE F 101 -25.03 -13.47 18.49
C PHE F 101 -23.70 -12.76 18.77
N ALA F 102 -22.85 -12.61 17.75
CA ALA F 102 -21.52 -12.02 17.92
C ALA F 102 -21.53 -10.51 17.71
N ARG F 103 -22.58 -10.01 17.06
CA ARG F 103 -22.67 -8.59 16.79
C ARG F 103 -22.88 -7.80 18.09
N LYS F 104 -22.33 -6.60 18.12
CA LYS F 104 -22.28 -5.80 19.32
C LYS F 104 -22.98 -4.48 19.10
N ASP F 105 -23.69 -4.37 17.98
CA ASP F 105 -24.41 -3.14 17.69
C ASP F 105 -25.85 -3.33 18.10
N PHE F 106 -26.08 -4.41 18.83
CA PHE F 106 -27.34 -4.69 19.54
C PHE F 106 -27.10 -5.88 20.48
N THR F 107 -28.12 -6.27 21.24
CA THR F 107 -27.96 -7.43 22.11
C THR F 107 -29.18 -8.34 22.06
N VAL F 108 -28.94 -9.64 22.11
CA VAL F 108 -30.01 -10.62 22.05
C VAL F 108 -30.73 -10.78 23.40
N VAL F 109 -32.06 -10.73 23.37
CA VAL F 109 -32.84 -10.82 24.59
C VAL F 109 -33.84 -11.99 24.59
N ASP F 110 -34.24 -12.45 23.42
CA ASP F 110 -35.07 -13.64 23.36
C ASP F 110 -34.78 -14.47 22.13
N GLN F 111 -35.06 -15.77 22.24
CA GLN F 111 -34.98 -16.64 21.07
C GLN F 111 -36.03 -17.72 21.14
N ARG F 112 -36.58 -18.08 20.00
CA ARG F 112 -37.54 -19.17 19.93
C ARG F 112 -37.23 -20.05 18.72
N ASP F 113 -36.90 -21.31 18.94
CA ASP F 113 -36.49 -22.19 17.86
C ASP F 113 -37.66 -23.01 17.32
N TYR F 114 -38.51 -22.39 16.51
CA TYR F 114 -39.61 -23.10 15.87
C TYR F 114 -39.15 -23.93 14.67
N ILE F 115 -37.85 -24.21 14.58
CA ILE F 115 -37.35 -25.08 13.52
C ILE F 115 -37.23 -26.48 14.08
N ALA F 116 -36.58 -26.58 15.24
CA ALA F 116 -36.54 -27.82 15.98
C ALA F 116 -37.95 -28.23 16.34
N GLU F 117 -38.62 -27.36 17.10
CA GLU F 117 -39.98 -27.62 17.60
C GLU F 117 -41.00 -26.77 16.83
N HIS F 118 -41.48 -27.28 15.70
CA HIS F 118 -42.38 -26.53 14.86
C HIS F 118 -43.67 -26.17 15.59
N LYS F 119 -44.31 -25.09 15.16
CA LYS F 119 -45.59 -24.67 15.72
C LYS F 119 -46.66 -25.62 15.28
N GLU F 120 -47.83 -25.51 15.91
CA GLU F 120 -48.94 -26.41 15.65
C GLU F 120 -49.33 -26.47 14.17
N SER F 121 -49.59 -25.31 13.59
CA SER F 121 -49.98 -25.23 12.19
C SER F 121 -48.84 -25.63 11.27
N GLY F 122 -47.68 -25.94 11.85
CA GLY F 122 -46.56 -26.44 11.09
C GLY F 122 -45.53 -25.39 10.74
N TYR F 123 -45.80 -24.14 11.12
CA TYR F 123 -44.86 -23.05 10.88
C TYR F 123 -43.49 -23.34 11.44
N ARG F 124 -42.47 -23.15 10.62
CA ARG F 124 -41.11 -23.34 11.05
C ARG F 124 -40.37 -22.05 10.80
N SER F 125 -39.35 -21.77 11.62
CA SER F 125 -38.55 -20.55 11.57
C SER F 125 -37.72 -20.41 12.83
N TYR F 126 -36.70 -19.57 12.80
CA TYR F 126 -35.96 -19.25 14.02
C TYR F 126 -36.07 -17.77 14.32
N HIS F 127 -36.68 -17.47 15.46
CA HIS F 127 -36.89 -16.11 15.86
C HIS F 127 -35.90 -15.77 16.95
N LEU F 128 -35.18 -14.68 16.77
CA LEU F 128 -34.52 -14.08 17.90
C LEU F 128 -34.88 -12.59 18.00
N VAL F 129 -35.19 -12.15 19.22
CA VAL F 129 -35.56 -10.77 19.45
C VAL F 129 -34.37 -9.99 19.95
N VAL F 130 -34.14 -8.82 19.36
CA VAL F 130 -32.99 -8.01 19.75
C VAL F 130 -33.35 -6.64 20.28
N LEU F 131 -32.44 -6.09 21.08
CA LEU F 131 -32.59 -4.76 21.61
C LEU F 131 -31.68 -3.83 20.84
N TYR F 132 -32.28 -2.95 20.03
CA TYR F 132 -31.49 -2.13 19.13
C TYR F 132 -31.34 -0.70 19.62
N PRO F 133 -30.09 -0.23 19.74
CA PRO F 133 -29.74 1.11 20.24
C PRO F 133 -29.85 2.21 19.18
N LEU F 134 -31.06 2.73 19.02
CA LEU F 134 -31.28 3.85 18.12
C LEU F 134 -30.85 5.18 18.72
N GLN F 135 -29.83 5.82 18.16
CA GLN F 135 -29.50 7.20 18.54
C GLN F 135 -30.59 8.12 18.03
N THR F 136 -30.89 9.15 18.80
CA THR F 136 -31.84 10.17 18.37
C THR F 136 -31.42 11.53 18.93
N VAL F 137 -32.21 12.56 18.63
CA VAL F 137 -31.88 13.91 19.06
C VAL F 137 -32.17 14.02 20.54
N SER F 138 -33.17 13.26 20.97
CA SER F 138 -33.63 13.24 22.36
C SER F 138 -32.81 12.25 23.20
N GLY F 139 -31.60 11.96 22.75
CA GLY F 139 -30.73 11.00 23.41
C GLY F 139 -30.73 9.67 22.69
N GLU F 140 -30.78 8.59 23.46
CA GLU F 140 -30.89 7.26 22.88
C GLU F 140 -32.29 6.72 23.00
N LYS F 141 -32.40 5.44 22.75
CA LYS F 141 -33.69 4.78 22.70
C LYS F 141 -33.42 3.36 22.27
N HIS F 142 -34.02 2.41 22.94
CA HIS F 142 -33.86 1.04 22.51
C HIS F 142 -35.18 0.55 21.95
N VAL F 143 -35.12 -0.21 20.86
CA VAL F 143 -36.32 -0.81 20.29
C VAL F 143 -36.16 -2.32 20.22
N LEU F 144 -37.24 -3.04 20.51
CA LEU F 144 -37.23 -4.48 20.34
C LEU F 144 -37.48 -4.76 18.88
N VAL F 145 -36.50 -5.36 18.23
CA VAL F 145 -36.66 -5.82 16.86
C VAL F 145 -36.58 -7.34 16.82
N GLU F 146 -37.55 -7.96 16.17
CA GLU F 146 -37.55 -9.41 15.98
C GLU F 146 -36.85 -9.77 14.67
N ILE F 147 -35.90 -10.68 14.75
CA ILE F 147 -35.27 -11.17 13.53
C ILE F 147 -35.74 -12.61 13.32
N GLN F 148 -36.33 -12.87 12.16
CA GLN F 148 -36.74 -14.23 11.85
C GLN F 148 -35.70 -14.81 10.92
N ILE F 149 -35.40 -16.10 11.04
CA ILE F 149 -34.47 -16.75 10.12
C ILE F 149 -35.13 -17.96 9.50
N ARG F 150 -35.01 -18.08 8.19
CA ARG F 150 -35.71 -19.12 7.45
C ARG F 150 -34.91 -19.66 6.29
N THR F 151 -35.21 -20.88 5.90
CA THR F 151 -34.79 -21.37 4.60
C THR F 151 -35.82 -20.92 3.59
N LEU F 152 -35.41 -20.87 2.33
CA LEU F 152 -36.31 -20.67 1.21
C LEU F 152 -37.55 -21.58 1.26
N ALA F 153 -37.33 -22.86 1.56
CA ALA F 153 -38.41 -23.84 1.66
C ALA F 153 -39.44 -23.48 2.72
N MET F 154 -38.97 -23.20 3.93
CA MET F 154 -39.85 -22.71 4.97
C MET F 154 -40.51 -21.40 4.55
N ASN F 155 -39.74 -20.53 3.92
CA ASN F 155 -40.27 -19.25 3.48
C ASN F 155 -41.46 -19.41 2.52
N PHE F 156 -41.30 -20.33 1.57
CA PHE F 156 -42.37 -20.67 0.63
C PHE F 156 -43.70 -21.01 1.31
N TRP F 157 -43.62 -21.87 2.32
CA TRP F 157 -44.80 -22.31 3.06
C TRP F 157 -45.40 -21.19 3.87
N ALA F 158 -44.53 -20.45 4.53
CA ALA F 158 -44.97 -19.47 5.52
C ALA F 158 -45.70 -18.34 4.84
N THR F 159 -45.15 -17.90 3.71
CA THR F 159 -45.76 -16.85 2.92
C THR F 159 -47.18 -17.19 2.50
N ILE F 160 -47.35 -18.38 1.93
CA ILE F 160 -48.62 -18.79 1.37
C ILE F 160 -49.65 -18.99 2.48
N GLU F 161 -49.23 -19.68 3.54
CA GLU F 161 -50.13 -19.96 4.65
C GLU F 161 -50.61 -18.65 5.27
N HIS F 162 -49.71 -17.69 5.37
CA HIS F 162 -50.02 -16.40 5.96
C HIS F 162 -51.07 -15.69 5.12
N SER F 163 -50.88 -15.67 3.80
CA SER F 163 -51.84 -15.05 2.90
C SER F 163 -53.21 -15.70 2.98
N LEU F 164 -53.24 -17.01 3.21
CA LEU F 164 -54.50 -17.70 3.38
C LEU F 164 -55.12 -17.29 4.70
N ASN F 165 -54.30 -17.33 5.75
CA ASN F 165 -54.74 -16.98 7.10
C ASN F 165 -55.22 -15.53 7.20
N TYR F 166 -55.20 -14.85 6.06
CA TYR F 166 -55.70 -13.50 5.93
C TYR F 166 -57.00 -13.64 5.13
N LYS F 167 -57.78 -14.65 5.50
CA LYS F 167 -59.16 -14.81 5.06
C LYS F 167 -60.01 -15.15 6.29
N SER F 169 -60.59 -14.12 6.90
CA SER F 169 -61.44 -14.23 8.09
C SER F 169 -60.73 -14.76 9.34
N GLY F 170 -59.43 -15.06 9.21
CA GLY F 170 -58.74 -15.76 10.28
C GLY F 170 -59.26 -17.19 10.39
N ASN F 171 -60.53 -17.35 10.74
CA ASN F 171 -61.19 -18.66 10.83
C ASN F 171 -61.29 -19.38 9.49
N ILE F 172 -61.24 -20.71 9.54
CA ILE F 172 -60.94 -21.51 8.35
C ILE F 172 -61.29 -22.99 8.56
N PRO F 173 -61.74 -23.67 7.48
CA PRO F 173 -62.22 -25.07 7.52
C PRO F 173 -61.18 -26.07 8.04
N GLU F 174 -61.60 -27.30 8.32
CA GLU F 174 -60.67 -28.34 8.77
C GLU F 174 -60.36 -29.38 7.66
N LYS F 175 -60.74 -29.05 6.44
CA LYS F 175 -60.37 -29.84 5.26
C LYS F 175 -59.20 -29.16 4.55
N VAL F 176 -59.23 -27.83 4.49
CA VAL F 176 -58.01 -27.06 4.26
C VAL F 176 -57.17 -27.34 5.48
N LYS F 177 -57.87 -27.83 6.49
CA LYS F 177 -57.15 -28.35 7.60
C LYS F 177 -56.94 -29.86 7.65
N LEU F 178 -57.35 -30.56 6.58
CA LEU F 178 -56.87 -31.92 6.37
C LEU F 178 -55.35 -31.90 6.40
N ARG F 179 -54.75 -30.90 5.71
CA ARG F 179 -53.45 -30.29 6.10
C ARG F 179 -52.62 -29.37 5.16
N LEU F 180 -52.14 -28.29 5.78
CA LEU F 180 -50.92 -27.58 5.43
C LEU F 180 -49.76 -27.97 6.39
N GLN F 181 -49.98 -28.78 7.46
CA GLN F 181 -48.88 -29.26 8.30
C GLN F 181 -48.24 -30.28 7.43
N ARG F 182 -49.08 -31.04 6.75
CA ARG F 182 -48.57 -32.06 5.88
C ARG F 182 -47.81 -31.34 4.80
N ALA F 183 -48.34 -30.21 4.36
CA ALA F 183 -47.59 -29.34 3.44
C ALA F 183 -46.26 -28.97 4.06
N SER F 184 -46.31 -28.55 5.31
CA SER F 184 -45.14 -28.09 6.03
C SER F 184 -44.13 -29.21 6.33
N GLU F 185 -44.64 -30.44 6.50
CA GLU F 185 -43.77 -31.58 6.75
C GLU F 185 -43.15 -32.01 5.44
N ALA F 186 -43.93 -31.87 4.37
CA ALA F 186 -43.42 -32.15 3.04
C ALA F 186 -42.28 -31.19 2.78
N ALA F 187 -42.58 -29.90 2.97
CA ALA F 187 -41.60 -28.83 2.80
C ALA F 187 -40.35 -29.14 3.59
N SER F 188 -40.56 -29.47 4.87
CA SER F 188 -39.47 -29.80 5.75
C SER F 188 -38.62 -30.94 5.21
N ARG F 189 -39.27 -31.86 4.49
CA ARG F 189 -38.54 -32.98 3.92
C ARG F 189 -37.77 -32.58 2.66
N LEU F 190 -38.31 -31.68 1.85
CA LEU F 190 -37.56 -31.09 0.74
C LEU F 190 -36.22 -30.50 1.19
N ASP F 191 -36.25 -29.68 2.25
CA ASP F 191 -35.02 -29.14 2.81
C ASP F 191 -34.12 -30.26 3.24
N GLU F 192 -34.70 -31.21 3.98
CA GLU F 192 -33.98 -32.41 4.38
C GLU F 192 -33.26 -33.01 3.18
N GLU F 193 -34.00 -33.28 2.10
CA GLU F 193 -33.44 -33.81 0.87
C GLU F 193 -32.32 -32.95 0.28
N MET F 194 -32.56 -31.65 0.22
CA MET F 194 -31.61 -30.72 -0.39
C MET F 194 -30.31 -30.65 0.41
N SER F 195 -30.43 -30.75 1.72
CA SER F 195 -29.26 -30.81 2.59
C SER F 195 -28.43 -32.07 2.29
N GLU F 196 -29.12 -33.20 2.16
CA GLU F 196 -28.49 -34.47 1.86
C GLU F 196 -27.80 -34.43 0.52
N ILE F 197 -28.55 -34.03 -0.50
CA ILE F 197 -28.02 -33.95 -1.86
C ILE F 197 -26.71 -33.22 -1.85
N ARG F 198 -26.75 -32.01 -1.29
CA ARG F 198 -25.55 -31.19 -1.12
C ARG F 198 -24.41 -32.00 -0.51
N GLY F 199 -24.74 -32.72 0.58
CA GLY F 199 -23.82 -33.64 1.21
C GLY F 199 -23.02 -34.46 0.23
N GLU F 200 -23.67 -34.97 -0.81
CA GLU F 200 -22.94 -35.63 -1.90
C GLU F 200 -22.01 -34.69 -2.70
N VAL F 201 -20.85 -34.40 -2.10
CA VAL F 201 -19.75 -33.65 -2.72
C VAL F 201 -18.43 -34.10 -2.11
N ALA F 204 -17.96 -36.94 -5.57
CA ALA F 204 -17.39 -36.20 -4.46
C ALA F 204 -16.00 -35.63 -4.76
N ASP G 10 -11.54 -4.22 -20.71
CA ASP G 10 -11.30 -3.35 -19.56
C ASP G 10 -12.44 -2.35 -19.37
N LYS G 11 -12.17 -1.08 -19.69
CA LYS G 11 -13.17 -0.02 -19.59
C LYS G 11 -14.15 -0.08 -20.76
N GLN G 12 -13.75 -0.74 -21.84
CA GLN G 12 -14.64 -0.96 -22.99
C GLN G 12 -15.79 -1.87 -22.61
N TRP G 13 -15.65 -2.59 -21.50
CA TRP G 13 -16.76 -3.36 -20.94
C TRP G 13 -17.63 -2.51 -20.03
N GLU G 14 -17.00 -1.74 -19.15
CA GLU G 14 -17.73 -0.87 -18.23
C GLU G 14 -18.67 0.03 -19.01
N ARG G 15 -18.26 0.41 -20.21
CA ARG G 15 -19.06 1.29 -21.04
C ARG G 15 -20.15 0.50 -21.74
N PHE G 16 -19.85 -0.76 -22.06
CA PHE G 16 -20.80 -1.61 -22.74
C PHE G 16 -22.04 -1.92 -21.89
N LEU G 17 -21.81 -2.18 -20.60
CA LEU G 17 -22.84 -2.57 -19.65
C LEU G 17 -23.74 -1.44 -19.14
N VAL G 18 -23.35 -0.20 -19.39
CA VAL G 18 -24.10 0.95 -18.90
C VAL G 18 -25.58 0.99 -19.35
N PRO G 19 -25.84 0.74 -20.64
CA PRO G 19 -27.25 0.66 -21.01
C PRO G 19 -27.96 -0.54 -20.36
N TYR G 20 -27.23 -1.63 -20.12
CA TYR G 20 -27.86 -2.76 -19.49
C TYR G 20 -28.16 -2.48 -18.02
N ARG G 21 -27.20 -1.90 -17.30
CA ARG G 21 -27.47 -1.62 -15.91
C ARG G 21 -28.60 -0.66 -15.78
N GLN G 22 -28.74 0.23 -16.76
CA GLN G 22 -29.78 1.24 -16.65
C GLN G 22 -31.14 0.62 -16.89
N ALA G 23 -31.22 -0.29 -17.85
CA ALA G 23 -32.49 -0.87 -18.22
C ALA G 23 -32.97 -1.75 -17.08
N VAL G 24 -32.04 -2.45 -16.44
CA VAL G 24 -32.37 -3.19 -15.24
C VAL G 24 -32.90 -2.27 -14.14
N GLU G 25 -32.19 -1.20 -13.81
CA GLU G 25 -32.67 -0.29 -12.78
C GLU G 25 -34.07 0.23 -13.06
N GLU G 26 -34.38 0.48 -14.34
CA GLU G 26 -35.68 1.07 -14.68
C GLU G 26 -36.81 0.07 -14.57
N LEU G 27 -36.59 -1.15 -15.04
CA LEU G 27 -37.59 -2.21 -14.98
C LEU G 27 -37.85 -2.67 -13.55
N LYS G 28 -36.76 -2.74 -12.76
CA LYS G 28 -36.84 -2.96 -11.33
C LYS G 28 -37.89 -2.05 -10.72
N VAL G 29 -37.82 -0.75 -10.98
CA VAL G 29 -38.80 0.19 -10.46
C VAL G 29 -40.18 -0.04 -11.07
N LYS G 30 -40.23 -0.21 -12.38
CA LYS G 30 -41.50 -0.45 -13.08
C LYS G 30 -42.26 -1.67 -12.56
N LEU G 31 -41.58 -2.80 -12.40
CA LEU G 31 -42.23 -4.04 -11.96
C LEU G 31 -42.54 -4.08 -10.46
N LYS G 32 -41.63 -3.60 -9.63
CA LYS G 32 -41.87 -3.54 -8.19
C LYS G 32 -43.14 -2.74 -7.89
N GLY G 33 -43.45 -1.81 -8.80
CA GLY G 33 -44.59 -0.94 -8.61
C GLY G 33 -45.89 -1.66 -8.82
N ILE G 34 -45.81 -2.83 -9.46
CA ILE G 34 -47.01 -3.57 -9.80
C ILE G 34 -47.68 -4.13 -8.56
N ARG G 35 -46.88 -4.70 -7.67
CA ARG G 35 -47.40 -5.19 -6.40
C ARG G 35 -48.04 -4.04 -5.61
N THR G 36 -47.39 -2.88 -5.64
CA THR G 36 -47.90 -1.69 -4.95
C THR G 36 -49.29 -1.28 -5.40
N LEU G 37 -49.66 -1.67 -6.61
CA LEU G 37 -51.02 -1.44 -7.10
C LEU G 37 -52.05 -2.25 -6.33
N TYR G 38 -51.57 -3.17 -5.50
CA TYR G 38 -52.42 -4.14 -4.81
C TYR G 38 -52.45 -3.94 -3.30
N GLU G 39 -51.61 -3.03 -2.82
CA GLU G 39 -51.57 -2.65 -1.41
C GLU G 39 -52.84 -1.88 -1.02
N TYR G 40 -53.58 -1.43 -2.03
CA TYR G 40 -54.86 -0.79 -1.82
C TYR G 40 -55.89 -1.31 -2.84
N GLU G 41 -55.60 -2.48 -3.41
CA GLU G 41 -56.54 -3.16 -4.30
C GLU G 41 -57.49 -4.00 -3.45
N ASP G 42 -57.09 -4.20 -2.19
CA ASP G 42 -57.83 -5.07 -1.27
C ASP G 42 -57.92 -6.48 -1.87
N ASP G 43 -56.86 -6.87 -2.58
CA ASP G 43 -56.76 -8.21 -3.12
C ASP G 43 -55.40 -8.82 -2.82
N HIS G 44 -55.12 -9.91 -3.52
CA HIS G 44 -53.85 -10.60 -3.41
C HIS G 44 -53.00 -10.15 -4.60
N SER G 45 -51.71 -9.95 -4.39
CA SER G 45 -50.85 -9.55 -5.49
C SER G 45 -50.18 -10.76 -6.07
N PRO G 46 -50.16 -10.85 -7.40
CA PRO G 46 -49.56 -11.97 -8.10
C PRO G 46 -48.04 -11.90 -8.02
N ILE G 47 -47.51 -10.73 -7.74
CA ILE G 47 -46.07 -10.59 -7.58
C ILE G 47 -45.72 -10.53 -6.10
N GLU G 48 -44.88 -11.45 -5.67
CA GLU G 48 -44.41 -11.43 -4.30
C GLU G 48 -43.23 -10.50 -4.23
N PHE G 49 -42.15 -10.85 -4.93
CA PHE G 49 -41.06 -9.91 -5.11
C PHE G 49 -40.41 -9.95 -6.49
N VAL G 50 -39.38 -9.12 -6.67
CA VAL G 50 -38.75 -8.91 -7.95
C VAL G 50 -37.27 -8.69 -7.75
N THR G 51 -36.43 -9.44 -8.45
CA THR G 51 -34.99 -9.16 -8.39
C THR G 51 -34.41 -8.73 -9.75
N GLY G 52 -33.17 -8.22 -9.75
CA GLY G 52 -32.52 -7.78 -10.98
C GLY G 52 -31.00 -7.85 -10.94
N ARG G 53 -30.41 -8.22 -12.07
CA ARG G 53 -28.95 -8.30 -12.17
C ARG G 53 -28.52 -8.01 -13.61
N VAL G 54 -27.29 -7.57 -13.79
CA VAL G 54 -26.69 -7.68 -15.10
C VAL G 54 -25.58 -8.73 -15.01
N LYS G 55 -25.33 -9.38 -16.12
CA LYS G 55 -24.37 -10.48 -16.17
C LYS G 55 -22.96 -9.93 -16.01
N PRO G 56 -22.20 -10.41 -15.02
CA PRO G 56 -20.81 -9.98 -14.87
C PRO G 56 -19.95 -10.44 -16.04
N VAL G 57 -19.05 -9.58 -16.52
CA VAL G 57 -18.28 -9.81 -17.74
C VAL G 57 -17.74 -11.24 -17.93
N ALA G 58 -17.22 -11.81 -16.84
CA ALA G 58 -16.74 -13.19 -16.83
C ALA G 58 -17.81 -14.14 -17.36
N SER G 59 -18.96 -14.16 -16.66
CA SER G 59 -20.12 -14.92 -17.08
C SER G 59 -20.47 -14.69 -18.55
N ILE G 60 -20.41 -13.44 -18.98
CA ILE G 60 -20.78 -13.09 -20.36
C ILE G 60 -19.84 -13.71 -21.37
N LEU G 61 -18.55 -13.65 -21.06
CA LEU G 61 -17.53 -14.17 -21.95
C LEU G 61 -17.62 -15.67 -22.07
N GLU G 62 -17.69 -16.35 -20.92
CA GLU G 62 -17.73 -17.81 -20.92
C GLU G 62 -18.96 -18.32 -21.66
N LYS G 63 -20.08 -17.61 -21.55
CA LYS G 63 -21.30 -18.04 -22.25
C LYS G 63 -21.13 -17.93 -23.76
N ALA G 64 -20.61 -16.80 -24.23
CA ALA G 64 -20.40 -16.60 -25.65
C ALA G 64 -19.34 -17.58 -26.20
N ARG G 65 -18.33 -17.87 -25.38
CA ARG G 65 -17.32 -18.88 -25.71
C ARG G 65 -17.79 -20.23 -25.19
N ARG G 66 -19.06 -20.54 -25.43
CA ARG G 66 -19.65 -21.81 -25.07
C ARG G 66 -20.81 -22.07 -25.98
N LYS G 67 -21.73 -21.10 -26.04
CA LYS G 67 -22.82 -21.14 -27.00
C LYS G 67 -22.26 -20.73 -28.37
N SER G 68 -20.93 -20.58 -28.42
CA SER G 68 -20.18 -20.27 -29.63
C SER G 68 -20.70 -19.01 -30.30
N ILE G 69 -20.85 -17.96 -29.48
CA ILE G 69 -21.25 -16.66 -29.97
C ILE G 69 -20.00 -15.81 -30.20
N PRO G 70 -19.67 -15.52 -31.46
CA PRO G 70 -18.67 -14.52 -31.84
C PRO G 70 -18.85 -13.21 -31.05
N LEU G 71 -17.79 -12.77 -30.38
CA LEU G 71 -17.82 -11.56 -29.55
C LEU G 71 -18.51 -10.38 -30.20
N HIS G 72 -18.07 -10.06 -31.41
CA HIS G 72 -18.41 -8.78 -32.04
C HIS G 72 -19.91 -8.55 -32.26
N GLU G 73 -20.73 -9.46 -31.73
CA GLU G 73 -22.18 -9.39 -31.82
C GLU G 73 -22.86 -10.01 -30.58
N ILE G 74 -22.28 -9.81 -29.40
CA ILE G 74 -22.83 -10.42 -28.18
C ILE G 74 -24.17 -9.83 -27.85
N GLU G 75 -24.44 -8.63 -28.37
CA GLU G 75 -25.72 -7.97 -28.12
C GLU G 75 -26.91 -8.74 -28.69
N THR G 76 -26.66 -9.98 -29.09
CA THR G 76 -27.71 -10.89 -29.49
C THR G 76 -27.98 -11.83 -28.31
N MET G 77 -27.02 -11.88 -27.39
CA MET G 77 -27.17 -12.64 -26.16
C MET G 77 -28.31 -12.05 -25.36
N GLN G 78 -29.25 -12.89 -24.97
CA GLN G 78 -30.56 -12.45 -24.52
C GLN G 78 -30.65 -12.07 -23.04
N ASP G 79 -29.71 -12.56 -22.23
CA ASP G 79 -29.84 -12.31 -20.80
C ASP G 79 -28.63 -11.60 -20.20
N ILE G 80 -28.10 -10.60 -20.89
CA ILE G 80 -27.04 -9.79 -20.32
C ILE G 80 -27.63 -8.99 -19.15
N ALA G 81 -28.84 -8.51 -19.36
CA ALA G 81 -29.65 -7.91 -18.32
C ALA G 81 -30.84 -8.82 -18.05
N GLY G 82 -31.13 -9.04 -16.77
CA GLY G 82 -32.23 -9.89 -16.40
C GLY G 82 -32.91 -9.40 -15.14
N LEU G 83 -34.23 -9.43 -15.15
CA LEU G 83 -35.02 -9.26 -13.96
C LEU G 83 -35.64 -10.60 -13.65
N ARG G 84 -36.33 -10.70 -12.53
CA ARG G 84 -36.90 -11.98 -12.14
C ARG G 84 -38.06 -11.81 -11.19
N ILE G 85 -39.20 -12.40 -11.55
CA ILE G 85 -40.43 -12.20 -10.78
C ILE G 85 -40.84 -13.48 -10.05
N MET G 86 -40.99 -13.40 -8.72
CA MET G 86 -41.47 -14.52 -7.91
C MET G 86 -42.97 -14.43 -7.54
N CYS G 87 -43.66 -15.56 -7.55
CA CYS G 87 -45.09 -15.60 -7.27
C CYS G 87 -45.43 -16.71 -6.29
N GLN G 88 -46.60 -16.63 -5.68
CA GLN G 88 -47.00 -17.60 -4.66
C GLN G 88 -47.54 -18.84 -5.32
N PHE G 89 -48.34 -18.64 -6.36
CA PHE G 89 -49.00 -19.73 -7.04
C PHE G 89 -48.68 -19.75 -8.54
N VAL G 90 -48.76 -20.92 -9.16
CA VAL G 90 -48.57 -21.06 -10.61
C VAL G 90 -49.61 -20.29 -11.45
N ASP G 91 -50.78 -20.04 -10.85
CA ASP G 91 -51.83 -19.25 -11.49
C ASP G 91 -51.43 -17.77 -11.61
N ASP G 92 -50.62 -17.30 -10.66
CA ASP G 92 -50.10 -15.93 -10.70
C ASP G 92 -49.23 -15.70 -11.92
N ILE G 93 -48.39 -16.68 -12.23
CA ILE G 93 -47.50 -16.64 -13.38
C ILE G 93 -48.23 -16.35 -14.70
N GLN G 94 -49.42 -16.91 -14.87
CA GLN G 94 -50.22 -16.61 -16.06
C GLN G 94 -50.65 -15.15 -16.03
N ILE G 95 -51.13 -14.71 -14.87
CA ILE G 95 -51.62 -13.35 -14.72
C ILE G 95 -50.53 -12.32 -15.02
N VAL G 96 -49.37 -12.47 -14.38
CA VAL G 96 -48.26 -11.56 -14.60
C VAL G 96 -47.89 -11.58 -16.06
N LYS G 97 -47.80 -12.79 -16.61
CA LYS G 97 -47.48 -12.97 -18.02
C LYS G 97 -48.38 -12.14 -18.91
N GLU G 98 -49.68 -12.12 -18.61
CA GLU G 98 -50.63 -11.32 -19.36
C GLU G 98 -50.24 -9.86 -19.30
N MET G 99 -50.16 -9.32 -18.08
CA MET G 99 -49.74 -7.94 -17.85
C MET G 99 -48.51 -7.55 -18.66
N LEU G 100 -47.45 -8.32 -18.53
CA LEU G 100 -46.24 -8.14 -19.30
C LEU G 100 -46.52 -7.98 -20.79
N PHE G 101 -47.38 -8.85 -21.32
CA PHE G 101 -47.73 -8.78 -22.73
C PHE G 101 -48.52 -7.51 -23.07
N ALA G 102 -49.37 -7.09 -22.15
CA ALA G 102 -50.22 -5.92 -22.35
C ALA G 102 -49.46 -4.59 -22.21
N ARG G 103 -48.24 -4.64 -21.68
CA ARG G 103 -47.48 -3.42 -21.45
C ARG G 103 -47.05 -2.76 -22.76
N LYS G 104 -46.95 -1.44 -22.75
CA LYS G 104 -46.55 -0.68 -23.94
C LYS G 104 -45.18 0.00 -23.81
N ASP G 105 -44.53 -0.13 -22.66
CA ASP G 105 -43.20 0.44 -22.47
C ASP G 105 -42.11 -0.51 -22.90
N PHE G 106 -42.50 -1.62 -23.52
CA PHE G 106 -41.57 -2.51 -24.20
C PHE G 106 -42.36 -3.51 -25.05
N THR G 107 -41.66 -4.32 -25.83
CA THR G 107 -42.30 -5.36 -26.60
C THR G 107 -41.63 -6.69 -26.33
N VAL G 108 -42.44 -7.74 -26.20
CA VAL G 108 -41.97 -9.11 -26.09
C VAL G 108 -41.51 -9.60 -27.46
N VAL G 109 -40.35 -10.27 -27.50
CA VAL G 109 -39.76 -10.69 -28.77
C VAL G 109 -39.40 -12.16 -28.76
N ASP G 110 -39.41 -12.77 -27.58
CA ASP G 110 -39.12 -14.19 -27.43
C ASP G 110 -39.74 -14.73 -26.12
N GLN G 111 -39.93 -16.05 -26.07
CA GLN G 111 -40.47 -16.69 -24.86
C GLN G 111 -40.09 -18.16 -24.78
N ARG G 112 -39.82 -18.63 -23.58
CA ARG G 112 -39.50 -20.04 -23.35
C ARG G 112 -40.23 -20.55 -22.11
N ASP G 113 -41.24 -21.38 -22.33
CA ASP G 113 -42.05 -21.88 -21.23
C ASP G 113 -41.48 -23.16 -20.63
N TYR G 114 -40.52 -23.02 -19.71
CA TYR G 114 -39.94 -24.17 -19.04
C TYR G 114 -40.77 -24.58 -17.83
N ILE G 115 -41.98 -24.06 -17.74
CA ILE G 115 -42.94 -24.57 -16.78
C ILE G 115 -43.74 -25.66 -17.47
N ALA G 116 -44.17 -25.35 -18.70
CA ALA G 116 -44.77 -26.33 -19.58
C ALA G 116 -43.80 -27.49 -19.90
N GLU G 117 -42.57 -27.17 -20.34
CA GLU G 117 -41.60 -28.18 -20.75
C GLU G 117 -40.24 -28.05 -20.06
N HIS G 118 -40.10 -28.72 -18.92
CA HIS G 118 -39.17 -28.35 -17.85
C HIS G 118 -37.67 -28.72 -17.86
N LYS G 119 -37.03 -29.02 -18.99
CA LYS G 119 -35.53 -29.14 -18.99
C LYS G 119 -34.95 -30.30 -18.20
N GLU G 120 -33.99 -31.00 -18.80
CA GLU G 120 -33.45 -32.25 -18.25
C GLU G 120 -33.06 -32.15 -16.77
N SER G 121 -32.58 -30.97 -16.36
CA SER G 121 -32.10 -30.77 -15.00
C SER G 121 -33.23 -30.83 -13.99
N GLY G 122 -34.41 -30.34 -14.37
CA GLY G 122 -35.50 -30.17 -13.44
C GLY G 122 -35.98 -28.73 -13.46
N TYR G 123 -35.23 -27.90 -14.19
CA TYR G 123 -35.46 -26.46 -14.19
C TYR G 123 -36.84 -26.03 -14.65
N ARG G 124 -37.56 -25.36 -13.77
CA ARG G 124 -38.86 -24.85 -14.11
C ARG G 124 -38.90 -23.36 -13.91
N SER G 125 -39.35 -22.65 -14.93
CA SER G 125 -39.60 -21.21 -14.90
C SER G 125 -40.04 -20.73 -16.30
N TYR G 126 -40.82 -19.67 -16.35
CA TYR G 126 -41.21 -19.03 -17.61
C TYR G 126 -40.21 -17.95 -17.99
N HIS G 127 -39.66 -18.01 -19.18
CA HIS G 127 -38.72 -16.98 -19.62
C HIS G 127 -39.31 -16.10 -20.72
N LEU G 128 -39.25 -14.80 -20.50
CA LEU G 128 -39.83 -13.81 -21.41
C LEU G 128 -38.70 -12.95 -21.87
N VAL G 129 -38.52 -12.76 -23.16
CA VAL G 129 -37.51 -11.78 -23.58
C VAL G 129 -38.09 -10.50 -24.19
N VAL G 130 -37.73 -9.36 -23.62
CA VAL G 130 -38.28 -8.11 -24.11
C VAL G 130 -37.22 -7.19 -24.74
N LEU G 131 -37.68 -6.29 -25.60
CA LEU G 131 -36.82 -5.26 -26.16
C LEU G 131 -37.17 -3.98 -25.43
N TYR G 132 -36.19 -3.40 -24.75
CA TYR G 132 -36.50 -2.25 -23.93
C TYR G 132 -35.95 -0.99 -24.56
N PRO G 133 -36.84 0.00 -24.79
CA PRO G 133 -36.46 1.25 -25.44
C PRO G 133 -35.92 2.27 -24.45
N LEU G 134 -34.63 2.17 -24.19
CA LEU G 134 -33.90 3.12 -23.35
C LEU G 134 -33.71 4.47 -24.03
N GLN G 135 -34.24 5.55 -23.42
CA GLN G 135 -33.91 6.92 -23.81
C GLN G 135 -32.49 7.23 -23.35
N THR G 136 -31.58 7.47 -24.29
CA THR G 136 -30.22 7.83 -23.95
C THR G 136 -30.00 9.23 -24.48
N VAL G 137 -28.86 9.82 -24.13
CA VAL G 137 -28.53 11.17 -24.57
C VAL G 137 -28.32 11.21 -26.08
N SER G 138 -27.65 10.18 -26.58
CA SER G 138 -27.45 9.99 -28.00
C SER G 138 -28.77 9.70 -28.75
N GLY G 139 -29.77 9.23 -28.04
CA GLY G 139 -31.05 8.92 -28.66
C GLY G 139 -31.80 7.77 -28.02
N GLU G 140 -32.39 6.90 -28.84
CA GLU G 140 -33.14 5.74 -28.34
C GLU G 140 -32.42 4.39 -28.64
N LYS G 141 -31.82 3.79 -27.62
CA LYS G 141 -31.26 2.43 -27.74
C LYS G 141 -32.26 1.33 -27.33
N HIS G 142 -32.25 0.23 -28.07
CA HIS G 142 -33.05 -0.94 -27.67
C HIS G 142 -32.12 -1.98 -27.06
N VAL G 143 -32.51 -2.56 -25.92
CA VAL G 143 -31.69 -3.55 -25.24
C VAL G 143 -32.52 -4.74 -24.80
N LEU G 144 -32.01 -5.95 -25.05
CA LEU G 144 -32.74 -7.19 -24.71
C LEU G 144 -32.59 -7.52 -23.22
N VAL G 145 -33.73 -7.69 -22.58
CA VAL G 145 -33.78 -7.99 -21.16
C VAL G 145 -34.60 -9.25 -21.01
N GLU G 146 -34.06 -10.23 -20.28
CA GLU G 146 -34.78 -11.49 -20.06
C GLU G 146 -35.48 -11.48 -18.71
N ILE G 147 -36.80 -11.42 -18.71
CA ILE G 147 -37.57 -11.56 -17.49
C ILE G 147 -37.87 -13.02 -17.14
N GLN G 148 -37.50 -13.44 -15.92
CA GLN G 148 -37.78 -14.80 -15.47
C GLN G 148 -38.91 -14.82 -14.46
N ILE G 149 -39.97 -15.54 -14.77
CA ILE G 149 -41.08 -15.65 -13.83
C ILE G 149 -41.08 -17.04 -13.24
N ARG G 150 -41.21 -17.12 -11.91
CA ARG G 150 -41.26 -18.40 -11.21
C ARG G 150 -42.04 -18.32 -9.89
N THR G 151 -42.44 -19.48 -9.36
CA THR G 151 -43.10 -19.51 -8.06
C THR G 151 -42.01 -19.53 -7.00
N LEU G 152 -42.38 -19.30 -5.76
CA LEU G 152 -41.44 -19.44 -4.66
C LEU G 152 -40.85 -20.87 -4.66
N ALA G 153 -41.72 -21.85 -4.88
CA ALA G 153 -41.33 -23.25 -4.97
C ALA G 153 -40.24 -23.51 -6.02
N MET G 154 -40.45 -22.99 -7.23
CA MET G 154 -39.46 -23.09 -8.29
C MET G 154 -38.19 -22.40 -7.88
N ASN G 155 -38.36 -21.27 -7.21
CA ASN G 155 -37.24 -20.46 -6.80
C ASN G 155 -36.36 -21.11 -5.75
N PHE G 156 -36.99 -21.69 -4.74
CA PHE G 156 -36.28 -22.48 -3.77
C PHE G 156 -35.41 -23.51 -4.48
N TRP G 157 -36.02 -24.34 -5.32
CA TRP G 157 -35.28 -25.33 -6.12
C TRP G 157 -34.21 -24.75 -7.04
N ALA G 158 -34.58 -23.76 -7.85
CA ALA G 158 -33.68 -23.22 -8.85
C ALA G 158 -32.44 -22.65 -8.21
N THR G 159 -32.66 -21.95 -7.10
CA THR G 159 -31.59 -21.27 -6.41
C THR G 159 -30.57 -22.26 -5.91
N ILE G 160 -31.04 -23.27 -5.18
CA ILE G 160 -30.12 -24.25 -4.63
C ILE G 160 -29.36 -24.99 -5.73
N GLU G 161 -30.10 -25.45 -6.74
CA GLU G 161 -29.48 -26.23 -7.79
C GLU G 161 -28.48 -25.40 -8.62
N HIS G 162 -28.75 -24.11 -8.78
CA HIS G 162 -27.86 -23.26 -9.56
C HIS G 162 -26.50 -23.16 -8.89
N SER G 163 -26.50 -23.28 -7.56
CA SER G 163 -25.29 -23.04 -6.81
C SER G 163 -24.49 -24.31 -6.62
N LEU G 164 -25.10 -25.47 -6.86
CA LEU G 164 -24.38 -26.74 -6.76
C LEU G 164 -23.72 -27.09 -8.10
N TYR G 166 -22.53 -25.25 -10.25
CA TYR G 166 -21.47 -24.25 -10.22
C TYR G 166 -20.25 -24.75 -9.44
N LYS G 167 -20.49 -25.49 -8.36
CA LYS G 167 -19.38 -26.13 -7.64
C LYS G 167 -19.25 -27.63 -8.01
N ILE G 172 -23.25 -33.40 -9.91
CA ILE G 172 -22.25 -33.99 -10.80
C ILE G 172 -22.35 -35.50 -10.82
N PRO G 173 -22.44 -36.14 -9.65
CA PRO G 173 -22.73 -37.57 -9.65
C PRO G 173 -24.11 -37.86 -10.32
N GLU G 174 -24.19 -38.88 -11.17
CA GLU G 174 -25.46 -39.14 -11.85
C GLU G 174 -26.61 -39.52 -10.89
N LYS G 175 -26.28 -40.03 -9.71
CA LYS G 175 -27.32 -40.23 -8.71
C LYS G 175 -27.78 -38.89 -8.15
N VAL G 176 -26.88 -37.91 -8.09
CA VAL G 176 -27.23 -36.58 -7.58
C VAL G 176 -28.12 -35.86 -8.58
N LYS G 177 -27.82 -36.02 -9.87
CA LYS G 177 -28.63 -35.36 -10.90
C LYS G 177 -30.09 -35.84 -10.82
N LEU G 178 -30.26 -37.11 -10.46
CA LEU G 178 -31.58 -37.72 -10.33
C LEU G 178 -32.34 -37.31 -9.08
N ARG G 179 -31.67 -37.30 -7.94
CA ARG G 179 -32.29 -36.78 -6.72
C ARG G 179 -32.76 -35.33 -6.92
N LEU G 180 -31.93 -34.53 -7.58
CA LEU G 180 -32.30 -33.18 -7.93
C LEU G 180 -33.57 -33.12 -8.79
N GLN G 181 -33.57 -33.89 -9.90
CA GLN G 181 -34.78 -34.08 -10.70
C GLN G 181 -36.03 -34.39 -9.88
N ARG G 182 -35.91 -35.31 -8.92
CA ARG G 182 -37.08 -35.61 -8.11
C ARG G 182 -37.41 -34.46 -7.13
N ALA G 183 -36.39 -33.78 -6.61
CA ALA G 183 -36.63 -32.57 -5.81
C ALA G 183 -37.42 -31.49 -6.57
N SER G 184 -37.11 -31.29 -7.84
CA SER G 184 -37.92 -30.41 -8.66
C SER G 184 -39.38 -30.88 -8.68
N GLU G 185 -39.61 -32.15 -9.01
CA GLU G 185 -40.97 -32.73 -8.98
C GLU G 185 -41.68 -32.54 -7.63
N ALA G 186 -41.00 -32.92 -6.55
CA ALA G 186 -41.53 -32.75 -5.21
C ALA G 186 -42.05 -31.32 -5.01
N ALA G 187 -41.23 -30.35 -5.41
CA ALA G 187 -41.57 -28.94 -5.31
C ALA G 187 -42.81 -28.62 -6.14
N SER G 188 -42.85 -29.21 -7.32
CA SER G 188 -43.94 -28.95 -8.23
C SER G 188 -45.27 -29.43 -7.66
N ARG G 189 -45.24 -30.57 -7.00
CA ARG G 189 -46.46 -31.15 -6.42
C ARG G 189 -46.92 -30.29 -5.26
N LEU G 190 -45.97 -30.02 -4.35
CA LEU G 190 -46.20 -29.15 -3.22
C LEU G 190 -46.81 -27.81 -3.65
N ASP G 191 -46.35 -27.29 -4.78
CA ASP G 191 -46.99 -26.15 -5.43
C ASP G 191 -48.46 -26.44 -5.73
N GLU G 192 -48.71 -27.59 -6.38
CA GLU G 192 -50.06 -27.98 -6.76
C GLU G 192 -50.93 -28.19 -5.52
N GLU G 193 -50.39 -28.89 -4.53
CA GLU G 193 -51.12 -29.03 -3.28
C GLU G 193 -51.49 -27.66 -2.69
N MET G 194 -50.56 -26.71 -2.74
CA MET G 194 -50.82 -25.35 -2.25
C MET G 194 -52.02 -24.67 -2.94
N SER G 195 -52.02 -24.63 -4.27
CA SER G 195 -53.13 -24.05 -5.00
C SER G 195 -54.43 -24.81 -4.72
N GLU G 196 -54.34 -26.15 -4.64
CA GLU G 196 -55.45 -27.00 -4.25
C GLU G 196 -56.07 -26.53 -2.94
N ILE G 197 -55.22 -26.48 -1.91
CA ILE G 197 -55.57 -25.92 -0.60
C ILE G 197 -56.17 -24.53 -0.76
N ARG G 198 -55.66 -23.78 -1.72
CA ARG G 198 -56.13 -22.43 -1.93
C ARG G 198 -57.57 -22.45 -2.44
N GLY G 199 -57.85 -23.40 -3.32
CA GLY G 199 -59.18 -23.55 -3.88
C GLY G 199 -60.21 -23.77 -2.78
N GLU G 200 -59.95 -24.76 -1.95
CA GLU G 200 -60.83 -25.11 -0.84
C GLU G 200 -61.05 -23.94 0.12
N VAL G 201 -60.06 -23.06 0.24
CA VAL G 201 -60.21 -21.89 1.10
C VAL G 201 -61.28 -20.93 0.57
N GLN G 202 -61.30 -20.74 -0.74
CA GLN G 202 -62.24 -19.82 -1.38
C GLN G 202 -63.72 -20.21 -1.13
N GLU G 203 -63.98 -21.51 -1.01
CA GLU G 203 -65.31 -22.02 -0.68
C GLU G 203 -65.64 -21.84 0.81
N ALA G 204 -65.67 -20.59 1.24
CA ALA G 204 -65.91 -20.23 2.63
C ALA G 204 -66.04 -18.71 2.75
N ASP H 10 13.36 8.22 -17.99
CA ASP H 10 14.14 8.58 -16.81
C ASP H 10 15.22 7.52 -16.53
N LYS H 11 14.99 6.29 -17.00
CA LYS H 11 15.98 5.22 -16.87
C LYS H 11 17.28 5.63 -17.56
N GLN H 12 17.18 6.62 -18.46
CA GLN H 12 18.34 7.17 -19.14
C GLN H 12 19.36 7.70 -18.15
N TRP H 13 18.90 8.14 -16.98
CA TRP H 13 19.78 8.70 -15.97
C TRP H 13 20.45 7.63 -15.10
N GLU H 14 19.71 6.58 -14.77
CA GLU H 14 20.34 5.45 -14.10
C GLU H 14 21.48 4.96 -14.98
N ARG H 15 21.22 4.88 -16.30
CA ARG H 15 22.20 4.39 -17.27
C ARG H 15 23.34 5.39 -17.46
N PHE H 16 23.00 6.68 -17.35
CA PHE H 16 23.98 7.75 -17.55
C PHE H 16 24.98 7.75 -16.43
N LEU H 17 24.47 7.71 -15.21
CA LEU H 17 25.28 7.74 -14.00
C LEU H 17 26.13 6.50 -13.68
N VAL H 18 25.83 5.37 -14.32
CA VAL H 18 26.57 4.14 -14.01
C VAL H 18 28.10 4.30 -14.00
N PRO H 19 28.67 4.89 -15.07
CA PRO H 19 30.14 5.01 -15.04
C PRO H 19 30.67 6.01 -14.01
N TYR H 20 29.86 6.98 -13.62
CA TYR H 20 30.32 7.96 -12.63
C TYR H 20 30.45 7.33 -11.27
N ARG H 21 29.46 6.49 -10.90
CA ARG H 21 29.49 5.77 -9.63
C ARG H 21 30.74 4.94 -9.58
N GLN H 22 31.06 4.32 -10.72
CA GLN H 22 32.16 3.40 -10.81
C GLN H 22 33.48 4.14 -10.65
N ALA H 23 33.60 5.30 -11.29
CA ALA H 23 34.82 6.09 -11.17
C ALA H 23 34.96 6.58 -9.76
N VAL H 24 33.85 6.97 -9.15
CA VAL H 24 33.88 7.33 -7.74
C VAL H 24 34.32 6.14 -6.88
N GLU H 25 33.63 5.01 -7.01
CA GLU H 25 34.03 3.78 -6.34
C GLU H 25 35.52 3.46 -6.46
N GLU H 26 36.07 3.55 -7.66
CA GLU H 26 37.46 3.19 -7.84
C GLU H 26 38.41 4.17 -7.19
N LEU H 27 38.12 5.46 -7.31
CA LEU H 27 38.96 6.48 -6.71
C LEU H 27 38.95 6.41 -5.19
N LYS H 28 37.76 6.24 -4.60
CA LYS H 28 37.62 6.01 -3.17
C LYS H 28 38.65 4.99 -2.67
N VAL H 29 38.76 3.85 -3.34
CA VAL H 29 39.70 2.82 -2.92
C VAL H 29 41.12 3.25 -3.17
N LYS H 30 41.33 3.94 -4.29
CA LYS H 30 42.66 4.44 -4.60
C LYS H 30 43.10 5.50 -3.61
N LEU H 31 42.23 6.47 -3.34
CA LEU H 31 42.59 7.54 -2.41
C LEU H 31 42.69 7.07 -0.96
N LYS H 32 41.76 6.23 -0.52
CA LYS H 32 41.83 5.69 0.83
C LYS H 32 43.05 4.81 1.04
N GLY H 33 43.75 4.49 -0.04
CA GLY H 33 44.89 3.61 0.08
C GLY H 33 46.15 4.38 0.34
N ILE H 34 46.11 5.69 0.06
CA ILE H 34 47.26 6.55 0.31
C ILE H 34 47.49 6.62 1.79
N ARG H 35 46.43 6.93 2.53
CA ARG H 35 46.47 7.01 3.99
C ARG H 35 47.01 5.72 4.58
N THR H 36 46.49 4.62 4.06
CA THR H 36 46.75 3.27 4.54
C THR H 36 48.19 2.94 4.73
N LEU H 37 49.04 3.37 3.80
CA LEU H 37 50.42 2.97 3.90
C LEU H 37 51.03 3.61 5.15
N TYR H 38 50.62 4.84 5.46
CA TYR H 38 51.11 5.56 6.65
C TYR H 38 50.86 4.86 7.98
N GLU H 39 49.95 3.91 7.98
CA GLU H 39 49.73 3.06 9.14
C GLU H 39 50.92 2.12 9.35
N TYR H 40 51.66 1.85 8.27
CA TYR H 40 52.67 0.79 8.28
C TYR H 40 54.16 1.17 8.16
N GLU H 41 54.48 2.39 7.75
CA GLU H 41 55.87 2.85 7.90
C GLU H 41 55.91 3.82 9.09
N ASP H 42 54.71 4.11 9.61
CA ASP H 42 54.52 5.02 10.73
C ASP H 42 54.98 6.44 10.41
N ASP H 43 54.00 7.31 10.19
CA ASP H 43 54.23 8.74 9.98
C ASP H 43 52.88 9.45 10.11
N HIS H 44 52.93 10.78 10.13
CA HIS H 44 51.71 11.58 10.05
C HIS H 44 51.17 11.50 8.63
N SER H 45 49.95 11.00 8.48
CA SER H 45 49.34 10.94 7.15
C SER H 45 48.74 12.28 6.85
N PRO H 46 48.97 12.78 5.63
CA PRO H 46 48.38 14.07 5.27
C PRO H 46 46.88 13.92 5.05
N ILE H 47 46.44 12.71 4.76
CA ILE H 47 45.04 12.44 4.55
C ILE H 47 44.44 11.85 5.81
N GLU H 48 43.31 12.38 6.25
CA GLU H 48 42.65 11.87 7.44
C GLU H 48 41.52 11.00 6.98
N PHE H 49 40.68 11.57 6.13
CA PHE H 49 39.64 10.78 5.50
C PHE H 49 39.16 11.28 4.13
N VAL H 50 38.53 10.37 3.41
CA VAL H 50 38.16 10.56 2.02
C VAL H 50 36.71 10.18 1.90
N THR H 51 35.92 10.99 1.21
CA THR H 51 34.52 10.69 0.98
C THR H 51 34.22 10.82 -0.51
N GLY H 52 33.08 10.28 -0.95
CA GLY H 52 32.73 10.28 -2.36
C GLY H 52 31.24 10.19 -2.67
N ARG H 53 30.75 11.08 -3.53
CA ARG H 53 29.35 11.08 -3.94
C ARG H 53 29.22 11.10 -5.47
N VAL H 54 28.02 10.74 -5.92
CA VAL H 54 27.60 11.08 -7.27
C VAL H 54 26.42 12.00 -7.05
N LYS H 55 26.44 13.15 -7.69
CA LYS H 55 25.34 14.09 -7.56
C LYS H 55 24.00 13.45 -7.94
N PRO H 56 23.01 13.56 -7.04
CA PRO H 56 21.63 13.10 -7.30
C PRO H 56 21.08 13.71 -8.59
N VAL H 57 20.31 12.96 -9.34
CA VAL H 57 19.89 13.42 -10.67
C VAL H 57 19.10 14.73 -10.64
N ALA H 58 18.37 14.97 -9.56
CA ALA H 58 17.62 16.20 -9.42
C ALA H 58 18.59 17.38 -9.37
N SER H 59 19.54 17.30 -8.42
CA SER H 59 20.58 18.29 -8.25
C SER H 59 21.34 18.61 -9.54
N ILE H 60 21.63 17.57 -10.32
CA ILE H 60 22.31 17.75 -11.60
C ILE H 60 21.52 18.68 -12.50
N LEU H 61 20.21 18.45 -12.56
CA LEU H 61 19.35 19.23 -13.43
C LEU H 61 19.25 20.68 -12.98
N GLU H 62 19.12 20.89 -11.67
CA GLU H 62 19.02 22.24 -11.13
C GLU H 62 20.31 22.99 -11.39
N LYS H 63 21.43 22.28 -11.29
CA LYS H 63 22.71 22.88 -11.62
C LYS H 63 22.85 23.05 -13.14
N ALA H 64 22.10 22.27 -13.90
CA ALA H 64 22.13 22.36 -15.36
C ALA H 64 21.37 23.58 -15.87
N ARG H 65 20.35 24.02 -15.13
CA ARG H 65 19.63 25.23 -15.53
C ARG H 65 20.35 26.50 -15.05
N ARG H 66 20.81 26.50 -13.79
CA ARG H 66 21.51 27.64 -13.21
C ARG H 66 22.68 28.11 -14.04
N LYS H 67 23.59 27.19 -14.34
CA LYS H 67 24.74 27.51 -15.18
C LYS H 67 24.36 27.51 -16.66
N SER H 68 23.05 27.40 -16.94
CA SER H 68 22.53 27.52 -18.30
C SER H 68 23.22 26.59 -19.28
N ILE H 69 23.03 25.29 -19.08
CA ILE H 69 23.67 24.32 -19.96
C ILE H 69 22.69 23.37 -20.67
N PRO H 70 22.86 23.24 -22.00
CA PRO H 70 22.11 22.27 -22.80
C PRO H 70 22.27 20.87 -22.23
N LEU H 71 21.18 20.13 -22.08
CA LEU H 71 21.24 18.75 -21.57
C LEU H 71 22.07 17.85 -22.48
N HIS H 72 22.37 18.33 -23.68
CA HIS H 72 23.19 17.58 -24.61
C HIS H 72 24.66 17.69 -24.21
N GLU H 73 25.02 18.81 -23.58
CA GLU H 73 26.41 19.06 -23.19
C GLU H 73 26.67 18.81 -21.70
N ILE H 74 25.84 17.98 -21.09
CA ILE H 74 25.88 17.77 -19.64
C ILE H 74 27.18 17.15 -19.15
N GLU H 75 27.93 16.52 -20.05
CA GLU H 75 29.18 15.86 -19.65
C GLU H 75 30.28 16.88 -19.43
N THR H 76 30.01 18.13 -19.79
CA THR H 76 30.99 19.18 -19.61
C THR H 76 30.95 19.61 -18.17
N MET H 77 29.76 19.50 -17.58
CA MET H 77 29.59 19.75 -16.17
C MET H 77 30.59 18.88 -15.40
N GLN H 78 31.17 19.44 -14.35
CA GLN H 78 32.46 18.96 -13.86
C GLN H 78 32.42 18.21 -12.54
N ASP H 79 31.25 18.10 -11.92
CA ASP H 79 31.21 17.41 -10.64
C ASP H 79 29.98 16.55 -10.43
N ILE H 80 29.57 15.85 -11.49
CA ILE H 80 28.63 14.77 -11.34
C ILE H 80 29.26 13.72 -10.41
N ALA H 81 30.57 13.53 -10.56
CA ALA H 81 31.31 12.61 -9.74
C ALA H 81 32.25 13.40 -8.85
N GLY H 82 32.03 13.31 -7.54
CA GLY H 82 32.85 14.05 -6.62
C GLY H 82 33.48 13.24 -5.50
N LEU H 83 34.79 13.37 -5.34
CA LEU H 83 35.49 12.90 -4.14
C LEU H 83 35.99 14.08 -3.28
N ARG H 84 36.21 13.83 -2.00
CA ARG H 84 36.61 14.89 -1.11
C ARG H 84 37.62 14.36 -0.11
N ILE H 85 38.73 15.07 0.03
CA ILE H 85 39.80 14.67 0.93
C ILE H 85 39.96 15.64 2.10
N MET H 86 39.94 15.16 3.34
CA MET H 86 40.24 16.03 4.48
C MET H 86 41.62 15.81 5.11
N CYS H 87 42.24 16.93 5.48
CA CYS H 87 43.59 16.96 6.04
C CYS H 87 43.55 17.68 7.38
N GLN H 88 44.59 17.52 8.19
CA GLN H 88 44.62 18.17 9.50
C GLN H 88 45.06 19.62 9.38
N PHE H 89 46.17 19.84 8.67
CA PHE H 89 46.75 21.17 8.54
C PHE H 89 46.72 21.65 7.10
N VAL H 90 46.70 22.97 6.91
CA VAL H 90 46.74 23.53 5.56
C VAL H 90 48.02 23.19 4.80
N ASP H 91 49.08 22.88 5.54
CA ASP H 91 50.31 22.43 4.92
C ASP H 91 50.09 21.11 4.17
N ASP H 92 49.22 20.27 4.71
CA ASP H 92 48.91 18.97 4.12
C ASP H 92 48.34 19.10 2.70
N ILE H 93 47.49 20.10 2.52
CA ILE H 93 46.80 20.29 1.26
C ILE H 93 47.75 20.47 0.07
N GLN H 94 48.90 21.09 0.29
CA GLN H 94 49.89 21.17 -0.77
C GLN H 94 50.48 19.77 -0.96
N ILE H 95 50.77 19.07 0.12
CA ILE H 95 51.32 17.73 0.01
C ILE H 95 50.41 16.76 -0.78
N VAL H 96 49.10 16.84 -0.56
CA VAL H 96 48.19 16.00 -1.32
C VAL H 96 48.16 16.44 -2.77
N LYS H 97 48.01 17.75 -3.00
CA LYS H 97 48.16 18.35 -4.34
C LYS H 97 49.26 17.67 -5.17
N GLU H 98 50.48 17.70 -4.63
CA GLU H 98 51.63 17.13 -5.33
C GLU H 98 51.39 15.68 -5.76
N MET H 99 50.97 14.83 -4.82
CA MET H 99 50.72 13.41 -5.10
C MET H 99 49.75 13.31 -6.26
N LEU H 100 48.61 13.97 -6.11
CA LEU H 100 47.56 13.97 -7.10
C LEU H 100 48.06 14.36 -8.48
N PHE H 101 48.72 15.50 -8.58
CA PHE H 101 49.35 15.95 -9.83
C PHE H 101 50.33 14.92 -10.40
N ALA H 102 51.06 14.22 -9.54
CA ALA H 102 52.05 13.22 -9.95
C ALA H 102 51.44 11.84 -10.25
N ARG H 103 50.15 11.68 -10.05
CA ARG H 103 49.55 10.37 -10.31
C ARG H 103 49.43 10.14 -11.81
N LYS H 104 49.55 8.87 -12.23
CA LYS H 104 49.49 8.53 -13.63
C LYS H 104 48.22 7.76 -14.00
N ASP H 105 47.36 7.51 -13.02
CA ASP H 105 46.12 6.78 -13.32
C ASP H 105 44.99 7.70 -13.75
N PHE H 106 45.29 8.99 -13.83
CA PHE H 106 44.41 9.97 -14.45
C PHE H 106 45.22 11.21 -14.82
N THR H 107 44.55 12.28 -15.23
CA THR H 107 45.26 13.55 -15.48
C THR H 107 44.46 14.75 -14.97
N VAL H 108 45.16 15.72 -14.39
CA VAL H 108 44.54 16.97 -13.99
C VAL H 108 44.19 17.83 -15.20
N VAL H 109 42.95 18.27 -15.32
CA VAL H 109 42.54 19.07 -16.46
C VAL H 109 41.90 20.40 -16.09
N ASP H 110 41.71 20.60 -14.80
CA ASP H 110 41.31 21.91 -14.29
C ASP H 110 41.56 22.06 -12.79
N GLN H 111 41.48 23.29 -12.28
CA GLN H 111 41.75 23.56 -10.86
C GLN H 111 41.29 24.95 -10.43
N ARG H 112 40.75 25.04 -9.23
CA ARG H 112 40.27 26.28 -8.66
C ARG H 112 40.67 26.27 -7.20
N ASP H 113 41.43 27.28 -6.78
CA ASP H 113 42.01 27.35 -5.44
C ASP H 113 41.27 28.34 -4.57
N TYR H 114 40.24 27.86 -3.88
CA TYR H 114 39.48 28.73 -2.99
C TYR H 114 40.11 28.79 -1.58
N ILE H 115 41.37 28.37 -1.48
CA ILE H 115 42.11 28.50 -0.24
C ILE H 115 42.88 29.80 -0.31
N ALA H 116 43.66 29.95 -1.38
CA ALA H 116 44.40 31.17 -1.63
C ALA H 116 43.39 32.30 -1.81
N GLU H 117 42.38 32.04 -2.64
CA GLU H 117 41.38 33.06 -2.95
C GLU H 117 39.95 32.65 -2.60
N HIS H 118 39.59 32.73 -1.33
CA HIS H 118 38.32 32.19 -0.86
C HIS H 118 37.13 32.89 -1.49
N LYS H 119 36.03 32.15 -1.64
CA LYS H 119 34.79 32.69 -2.19
C LYS H 119 34.13 33.71 -1.25
N GLU H 120 33.28 34.55 -1.84
CA GLU H 120 32.53 35.58 -1.14
C GLU H 120 31.78 35.08 0.09
N SER H 121 31.20 33.89 -0.03
CA SER H 121 30.41 33.33 1.05
C SER H 121 31.27 33.05 2.25
N GLY H 122 32.55 32.80 2.00
CA GLY H 122 33.44 32.33 3.04
C GLY H 122 34.04 30.96 2.76
N TYR H 123 33.53 30.28 1.74
CA TYR H 123 33.96 28.94 1.38
C TYR H 123 35.46 28.83 1.08
N ARG H 124 36.14 27.93 1.78
CA ARG H 124 37.55 27.67 1.49
C ARG H 124 37.72 26.20 1.17
N SER H 125 38.54 25.91 0.15
CA SER H 125 38.85 24.55 -0.28
C SER H 125 39.63 24.59 -1.59
N TYR H 126 40.49 23.59 -1.83
CA TYR H 126 41.17 23.47 -3.13
C TYR H 126 40.49 22.43 -4.03
N HIS H 127 39.95 22.86 -5.16
CA HIS H 127 39.29 21.92 -6.06
C HIS H 127 40.18 21.63 -7.25
N LEU H 128 40.51 20.37 -7.48
CA LEU H 128 41.10 20.02 -8.79
C LEU H 128 40.20 19.05 -9.55
N VAL H 129 40.12 19.23 -10.87
CA VAL H 129 39.27 18.40 -11.73
C VAL H 129 40.10 17.41 -12.53
N VAL H 130 39.78 16.13 -12.45
CA VAL H 130 40.55 15.15 -13.23
C VAL H 130 39.76 14.42 -14.31
N LEU H 131 40.49 13.80 -15.22
CA LEU H 131 39.86 13.03 -16.26
C LEU H 131 40.19 11.58 -15.97
N TYR H 132 39.20 10.81 -15.53
CA TYR H 132 39.47 9.42 -15.16
C TYR H 132 39.21 8.51 -16.37
N PRO H 133 40.24 7.76 -16.78
CA PRO H 133 40.05 6.84 -17.90
C PRO H 133 39.47 5.51 -17.42
N LEU H 134 38.16 5.50 -17.17
CA LEU H 134 37.45 4.31 -16.79
C LEU H 134 37.49 3.21 -17.88
N GLN H 135 37.90 1.99 -17.53
CA GLN H 135 37.84 0.84 -18.46
C GLN H 135 36.42 0.35 -18.48
N THR H 136 35.83 0.25 -19.67
CA THR H 136 34.49 -0.31 -19.79
C THR H 136 34.53 -1.43 -20.80
N VAL H 137 33.42 -2.14 -20.88
CA VAL H 137 33.30 -3.26 -21.78
C VAL H 137 33.45 -2.74 -23.19
N SER H 138 32.82 -1.61 -23.45
CA SER H 138 32.87 -0.93 -24.73
C SER H 138 34.23 -0.30 -24.97
N GLY H 139 35.04 -0.20 -23.93
CA GLY H 139 36.36 0.42 -24.03
C GLY H 139 36.44 1.62 -23.12
N GLU H 140 37.52 2.40 -23.23
CA GLU H 140 37.73 3.57 -22.36
C GLU H 140 36.66 4.62 -22.50
N LYS H 141 36.20 5.10 -21.35
CA LYS H 141 35.38 6.31 -21.28
C LYS H 141 36.06 7.22 -20.31
N HIS H 142 36.36 8.44 -20.73
CA HIS H 142 36.98 9.39 -19.82
C HIS H 142 35.90 10.12 -19.07
N VAL H 143 36.08 10.25 -17.77
CA VAL H 143 35.05 10.81 -16.92
C VAL H 143 35.64 11.92 -16.09
N LEU H 144 34.93 13.05 -16.03
CA LEU H 144 35.37 14.18 -15.23
C LEU H 144 35.02 13.96 -13.77
N VAL H 145 36.03 14.02 -12.90
CA VAL H 145 35.82 13.87 -11.46
C VAL H 145 36.36 15.07 -10.70
N GLU H 146 35.54 15.64 -9.81
CA GLU H 146 36.00 16.79 -9.04
C GLU H 146 36.43 16.45 -7.64
N ILE H 147 37.74 16.45 -7.40
CA ILE H 147 38.32 16.25 -6.08
C ILE H 147 38.39 17.53 -5.26
N GLN H 148 37.69 17.62 -4.12
CA GLN H 148 37.83 18.76 -3.19
C GLN H 148 38.80 18.41 -2.08
N ILE H 149 39.80 19.26 -1.82
CA ILE H 149 40.67 19.06 -0.67
C ILE H 149 40.39 20.13 0.37
N ARG H 150 40.20 19.73 1.62
CA ARG H 150 39.87 20.61 2.74
C ARG H 150 40.64 20.22 3.99
N THR H 151 40.77 21.17 4.92
CA THR H 151 41.14 20.82 6.29
C THR H 151 39.87 20.49 7.06
N LEU H 152 40.06 19.86 8.21
CA LEU H 152 38.98 19.65 9.16
C LEU H 152 38.22 20.94 9.48
N ALA H 153 38.96 22.02 9.66
CA ALA H 153 38.36 23.31 9.95
C ALA H 153 37.56 23.83 8.77
N MET H 154 38.07 23.66 7.56
CA MET H 154 37.28 24.03 6.41
C MET H 154 36.03 23.15 6.31
N ASN H 155 36.15 21.87 6.69
CA ASN H 155 35.02 20.95 6.54
C ASN H 155 33.88 21.22 7.50
N PHE H 156 34.23 21.56 8.72
CA PHE H 156 33.30 22.06 9.72
C PHE H 156 32.43 23.13 9.07
N TRP H 157 33.05 24.25 8.70
CA TRP H 157 32.35 25.41 8.17
C TRP H 157 31.49 25.07 6.97
N ALA H 158 32.13 24.47 5.98
CA ALA H 158 31.50 24.16 4.71
C ALA H 158 30.30 23.26 4.89
N THR H 159 30.41 22.25 5.76
CA THR H 159 29.31 21.36 6.05
C THR H 159 28.12 22.13 6.62
N ILE H 160 28.34 22.88 7.70
CA ILE H 160 27.27 23.64 8.30
C ILE H 160 26.64 24.58 7.28
N GLU H 161 27.48 25.34 6.58
CA GLU H 161 26.99 26.41 5.73
C GLU H 161 26.15 25.86 4.59
N HIS H 162 26.63 24.78 3.96
CA HIS H 162 25.89 24.13 2.89
C HIS H 162 24.49 23.66 3.33
N SER H 163 24.37 23.11 4.54
CA SER H 163 23.10 22.64 5.05
C SER H 163 22.13 23.79 5.27
N LEU H 164 22.65 24.93 5.72
CA LEU H 164 21.83 26.11 5.94
C LEU H 164 21.22 26.66 4.65
N ASN H 165 22.02 26.75 3.58
CA ASN H 165 21.49 27.12 2.28
C ASN H 165 20.46 26.14 1.76
N TYR H 166 20.81 24.85 1.77
CA TYR H 166 19.98 23.85 1.08
C TYR H 166 18.53 23.82 1.56
N LYS H 167 18.34 23.83 2.88
CA LYS H 167 17.01 23.82 3.45
C LYS H 167 16.26 25.14 3.22
N TYR H 168 17.00 26.25 3.17
CA TYR H 168 16.40 27.56 2.89
C TYR H 168 16.86 28.12 1.55
N SER H 169 16.74 27.24 0.55
CA SER H 169 17.21 27.40 -0.83
C SER H 169 17.59 28.83 -1.20
N GLY H 170 18.81 29.20 -0.83
CA GLY H 170 19.37 30.51 -1.13
C GLY H 170 18.44 31.69 -0.91
N ASN H 171 17.86 31.78 0.28
CA ASN H 171 17.01 32.93 0.60
C ASN H 171 17.33 33.53 1.97
N ILE H 172 18.61 33.48 2.34
CA ILE H 172 19.01 33.83 3.70
C ILE H 172 19.12 35.33 3.89
N PRO H 173 18.69 35.82 5.07
CA PRO H 173 18.89 37.24 5.42
C PRO H 173 20.36 37.65 5.35
N GLU H 174 20.58 38.92 5.00
CA GLU H 174 21.92 39.45 4.82
C GLU H 174 22.69 39.37 6.12
N LYS H 175 22.02 39.59 7.26
CA LYS H 175 22.74 39.52 8.52
C LYS H 175 23.32 38.14 8.77
N VAL H 176 22.60 37.09 8.38
CA VAL H 176 23.12 35.73 8.54
C VAL H 176 24.31 35.51 7.63
N LYS H 177 24.13 35.82 6.35
CA LYS H 177 25.19 35.74 5.35
C LYS H 177 26.50 36.39 5.84
N LEU H 178 26.40 37.54 6.52
CA LEU H 178 27.54 38.23 7.13
C LEU H 178 28.19 37.51 8.31
N ARG H 179 27.39 37.13 9.29
CA ARG H 179 27.87 36.40 10.46
C ARG H 179 28.64 35.17 10.00
N LEU H 180 28.09 34.49 8.99
CA LEU H 180 28.73 33.31 8.44
C LEU H 180 30.10 33.63 7.87
N GLN H 181 30.19 34.74 7.14
CA GLN H 181 31.47 35.19 6.60
C GLN H 181 32.50 35.36 7.72
N ARG H 182 32.08 36.01 8.80
CA ARG H 182 32.91 36.16 9.97
C ARG H 182 33.30 34.79 10.53
N ALA H 183 32.36 33.83 10.46
CA ALA H 183 32.59 32.49 10.97
C ALA H 183 33.71 31.78 10.22
N SER H 184 33.70 31.91 8.89
CA SER H 184 34.74 31.31 8.08
C SER H 184 36.12 31.85 8.46
N GLU H 185 36.21 33.18 8.61
CA GLU H 185 37.43 33.86 9.06
C GLU H 185 37.92 33.28 10.37
N ALA H 186 37.03 33.21 11.35
CA ALA H 186 37.34 32.65 12.64
C ALA H 186 37.93 31.26 12.48
N ALA H 187 37.22 30.40 11.74
CA ALA H 187 37.67 29.04 11.42
C ALA H 187 39.08 29.03 10.87
N SER H 188 39.34 29.97 9.96
CA SER H 188 40.62 30.06 9.32
C SER H 188 41.69 30.39 10.35
N ARG H 189 41.39 31.35 11.22
CA ARG H 189 42.35 31.77 12.22
C ARG H 189 42.63 30.66 13.21
N LEU H 190 41.59 29.95 13.62
CA LEU H 190 41.77 28.80 14.51
C LEU H 190 42.68 27.77 13.86
N ASP H 191 42.40 27.48 12.60
CA ASP H 191 43.17 26.54 11.81
C ASP H 191 44.65 26.91 11.82
N GLU H 192 44.96 28.16 11.51
CA GLU H 192 46.34 28.68 11.50
C GLU H 192 47.00 28.62 12.88
N GLU H 193 46.21 28.83 13.93
CA GLU H 193 46.67 28.60 15.30
C GLU H 193 47.15 27.16 15.52
N MET H 194 46.42 26.18 15.00
CA MET H 194 46.83 24.78 15.18
C MET H 194 48.16 24.51 14.50
N SER H 195 48.30 25.00 13.28
CA SER H 195 49.56 24.88 12.55
C SER H 195 50.72 25.47 13.34
N GLU H 196 50.52 26.69 13.80
CA GLU H 196 51.49 27.40 14.62
C GLU H 196 51.94 26.58 15.82
N ILE H 197 50.98 26.16 16.63
CA ILE H 197 51.21 25.22 17.73
C ILE H 197 51.99 24.00 17.25
N ARG H 198 51.52 23.39 16.17
CA ARG H 198 52.21 22.22 15.65
C ARG H 198 53.66 22.54 15.38
N GLY H 199 53.91 23.71 14.81
CA GLY H 199 55.26 24.17 14.54
C GLY H 199 56.08 24.19 15.81
N GLU H 200 55.50 24.72 16.87
CA GLU H 200 56.16 24.74 18.16
C GLU H 200 56.67 23.36 18.65
N VAL H 201 56.17 22.28 18.08
CA VAL H 201 56.71 20.95 18.37
C VAL H 201 57.22 20.21 17.12
N ALA H 206 60.13 20.40 17.73
CA ALA H 206 61.15 19.94 16.79
C ALA H 206 62.54 19.86 17.42
N ALA H 207 60.05 23.17 17.53
CA ALA H 207 61.37 23.44 18.07
C ALA H 207 61.75 22.49 19.21
#